data_4A4G
#
_entry.id   4A4G
#
_cell.length_a   1.000
_cell.length_b   1.000
_cell.length_c   1.000
_cell.angle_alpha   90.00
_cell.angle_beta   90.00
_cell.angle_gamma   90.00
#
_symmetry.space_group_name_H-M   'P 1'
#
loop_
_entity.id
_entity.type
_entity.pdbx_description
1 polymer 'SURVIVAL MOTOR NEURON PROTEIN'
2 non-polymer NG,NG-DIMETHYL-L-ARGININE
#
_entity_poly.entity_id   1
_entity_poly.type   'polypeptide(L)'
_entity_poly.pdbx_seq_one_letter_code
;NTAASLQQWKVGDKCSAIWSEDGCIYPATIASIDFKRETCVVVYTGYGNREEQNLSDLLSPICE
;
_entity_poly.pdbx_strand_id   A
#
# COMPACT_ATOMS: atom_id res chain seq x y z
N ASN A 1 -6.15 17.90 -2.95
CA ASN A 1 -7.20 16.90 -2.69
C ASN A 1 -6.69 15.52 -3.00
N THR A 2 -7.45 14.51 -2.65
CA THR A 2 -7.06 13.17 -2.93
C THR A 2 -7.65 12.75 -4.28
N ALA A 3 -6.87 12.97 -5.32
CA ALA A 3 -7.26 12.67 -6.67
C ALA A 3 -6.85 11.25 -7.03
N ALA A 4 -5.81 10.76 -6.38
CA ALA A 4 -5.30 9.45 -6.64
C ALA A 4 -6.11 8.37 -5.90
N SER A 5 -7.31 8.17 -6.37
CA SER A 5 -8.17 7.14 -5.85
C SER A 5 -8.59 6.25 -7.02
N LEU A 6 -7.88 6.42 -8.11
CA LEU A 6 -8.08 5.68 -9.34
C LEU A 6 -6.92 4.71 -9.50
N GLN A 7 -6.49 4.21 -8.38
CA GLN A 7 -5.32 3.40 -8.26
C GLN A 7 -5.60 1.96 -8.66
N GLN A 8 -4.73 1.40 -9.46
CA GLN A 8 -4.81 0.01 -9.83
C GLN A 8 -3.41 -0.55 -9.67
N TRP A 9 -3.30 -1.66 -8.98
CA TRP A 9 -2.00 -2.17 -8.59
C TRP A 9 -1.81 -3.61 -8.97
N LYS A 10 -0.55 -4.05 -8.97
CA LYS A 10 -0.19 -5.43 -9.14
C LYS A 10 0.79 -5.81 -8.03
N VAL A 11 0.83 -7.07 -7.71
CA VAL A 11 1.71 -7.59 -6.66
C VAL A 11 3.17 -7.40 -7.05
N GLY A 12 3.97 -6.95 -6.09
CA GLY A 12 5.36 -6.71 -6.36
C GLY A 12 5.63 -5.29 -6.75
N ASP A 13 4.65 -4.44 -6.57
CA ASP A 13 4.81 -3.03 -6.89
C ASP A 13 5.09 -2.26 -5.66
N LYS A 14 5.92 -1.28 -5.80
CA LYS A 14 6.29 -0.42 -4.74
C LYS A 14 5.23 0.64 -4.57
N CYS A 15 5.00 1.02 -3.37
CA CYS A 15 3.99 2.00 -3.07
C CYS A 15 4.28 2.61 -1.70
N SER A 16 3.36 3.36 -1.21
CA SER A 16 3.43 3.88 0.10
C SER A 16 2.11 3.64 0.76
N ALA A 17 2.13 3.40 2.03
CA ALA A 17 0.96 3.02 2.74
C ALA A 17 0.87 3.75 4.06
N ILE A 18 -0.33 3.77 4.62
CA ILE A 18 -0.58 4.41 5.89
C ILE A 18 -0.42 3.37 6.99
N TRP A 19 0.54 3.58 7.86
CA TRP A 19 0.78 2.69 8.95
C TRP A 19 -0.35 2.75 9.93
N SER A 20 -0.93 1.62 10.26
CA SER A 20 -2.03 1.55 11.21
C SER A 20 -1.67 2.14 12.57
N GLU A 21 -0.41 2.08 12.91
CA GLU A 21 0.00 2.45 14.23
C GLU A 21 0.22 3.93 14.38
N ASP A 22 0.83 4.55 13.38
CA ASP A 22 1.11 6.00 13.52
C ASP A 22 0.23 6.80 12.59
N GLY A 23 -0.33 6.13 11.61
CA GLY A 23 -1.20 6.78 10.64
C GLY A 23 -0.44 7.51 9.58
N CYS A 24 0.86 7.36 9.56
CA CYS A 24 1.69 8.05 8.60
C CYS A 24 1.97 7.23 7.35
N ILE A 25 2.38 7.94 6.32
CA ILE A 25 2.79 7.33 5.07
C ILE A 25 4.19 6.76 5.24
N TYR A 26 4.33 5.54 4.89
CA TYR A 26 5.60 4.85 4.91
C TYR A 26 5.75 4.04 3.63
N PRO A 27 6.99 3.82 3.17
CA PRO A 27 7.26 3.04 1.96
C PRO A 27 6.95 1.56 2.18
N ALA A 28 6.19 0.99 1.28
CA ALA A 28 5.83 -0.39 1.38
C ALA A 28 5.68 -1.00 0.01
N THR A 29 5.90 -2.26 -0.09
CA THR A 29 5.73 -2.92 -1.35
C THR A 29 4.58 -3.90 -1.23
N ILE A 30 3.87 -4.12 -2.29
CA ILE A 30 2.72 -4.99 -2.30
C ILE A 30 3.13 -6.46 -2.26
N ALA A 31 2.62 -7.16 -1.27
CA ALA A 31 2.91 -8.56 -1.09
C ALA A 31 1.81 -9.41 -1.70
N SER A 32 0.58 -8.93 -1.59
CA SER A 32 -0.56 -9.65 -2.14
C SER A 32 -1.71 -8.70 -2.35
N ILE A 33 -2.54 -8.97 -3.33
CA ILE A 33 -3.73 -8.18 -3.59
C ILE A 33 -4.94 -9.08 -3.63
N ASP A 34 -5.94 -8.72 -2.89
CA ASP A 34 -7.20 -9.39 -2.94
C ASP A 34 -8.19 -8.42 -3.51
N PHE A 35 -8.49 -8.58 -4.76
CA PHE A 35 -9.35 -7.66 -5.49
C PHE A 35 -10.78 -7.72 -4.96
N LYS A 36 -11.14 -8.85 -4.37
CA LYS A 36 -12.47 -9.04 -3.83
C LYS A 36 -12.64 -8.23 -2.54
N ARG A 37 -11.59 -8.19 -1.72
CA ARG A 37 -11.62 -7.36 -0.52
C ARG A 37 -11.29 -5.94 -0.91
N GLU A 38 -10.85 -5.77 -2.17
CA GLU A 38 -10.44 -4.50 -2.77
C GLU A 38 -9.22 -3.97 -1.97
N THR A 39 -8.49 -4.89 -1.34
CA THR A 39 -7.40 -4.54 -0.49
C THR A 39 -6.16 -5.33 -0.86
N CYS A 40 -5.05 -4.94 -0.31
CA CYS A 40 -3.81 -5.59 -0.57
C CYS A 40 -2.91 -5.51 0.64
N VAL A 41 -2.06 -6.46 0.80
CA VAL A 41 -1.15 -6.48 1.91
C VAL A 41 0.16 -5.90 1.45
N VAL A 42 0.71 -5.00 2.22
CA VAL A 42 1.95 -4.38 1.88
C VAL A 42 2.97 -4.66 2.95
N VAL A 43 4.20 -4.72 2.55
CA VAL A 43 5.28 -4.91 3.45
C VAL A 43 6.08 -3.63 3.50
N TYR A 44 6.15 -3.04 4.65
CA TYR A 44 6.87 -1.81 4.85
C TYR A 44 8.35 -2.03 4.72
N THR A 45 8.91 -1.38 3.77
CA THR A 45 10.28 -1.49 3.43
C THR A 45 11.15 -0.96 4.58
N GLY A 46 12.14 -1.72 4.95
CA GLY A 46 13.04 -1.32 6.00
C GLY A 46 12.60 -1.84 7.34
N TYR A 47 11.34 -2.21 7.43
CA TYR A 47 10.78 -2.70 8.66
C TYR A 47 10.44 -4.17 8.57
N GLY A 48 9.82 -4.56 7.49
CA GLY A 48 9.43 -5.95 7.32
C GLY A 48 8.02 -6.20 7.80
N ASN A 49 7.36 -5.15 8.26
CA ASN A 49 5.97 -5.26 8.72
C ASN A 49 5.05 -5.41 7.56
N ARG A 50 3.94 -6.04 7.78
CA ARG A 50 2.98 -6.23 6.74
C ARG A 50 1.58 -6.00 7.27
N GLU A 51 0.80 -5.28 6.51
CA GLU A 51 -0.55 -4.97 6.89
C GLU A 51 -1.37 -4.77 5.63
N GLU A 52 -2.65 -4.88 5.77
CA GLU A 52 -3.52 -4.78 4.65
C GLU A 52 -4.05 -3.34 4.47
N GLN A 53 -3.95 -2.89 3.26
CA GLN A 53 -4.35 -1.56 2.83
C GLN A 53 -5.33 -1.66 1.74
N ASN A 54 -5.99 -0.59 1.46
CA ASN A 54 -6.93 -0.55 0.37
C ASN A 54 -6.17 -0.14 -0.86
N LEU A 55 -6.53 -0.71 -1.99
CA LEU A 55 -5.89 -0.44 -3.28
C LEU A 55 -5.99 1.05 -3.63
N SER A 56 -7.10 1.63 -3.27
CA SER A 56 -7.38 3.01 -3.58
C SER A 56 -6.67 3.93 -2.59
N ASP A 57 -6.23 3.36 -1.48
CA ASP A 57 -5.60 4.15 -0.42
C ASP A 57 -4.14 4.22 -0.64
N LEU A 58 -3.63 3.19 -1.30
CA LEU A 58 -2.19 3.12 -1.65
C LEU A 58 -1.74 4.33 -2.43
N LEU A 59 -0.60 4.83 -2.04
CA LEU A 59 -0.04 6.00 -2.64
C LEU A 59 1.18 5.62 -3.44
N SER A 60 1.64 6.54 -4.26
CA SER A 60 2.81 6.35 -5.08
C SER A 60 4.03 6.13 -4.17
N PRO A 61 4.97 5.25 -4.57
CA PRO A 61 6.15 4.91 -3.76
C PRO A 61 7.13 6.06 -3.58
N ILE A 62 8.20 5.77 -2.91
CA ILE A 62 9.25 6.73 -2.68
C ILE A 62 10.23 6.72 -3.86
N CYS A 63 11.17 7.61 -3.84
CA CYS A 63 12.14 7.77 -4.92
C CYS A 63 13.36 6.87 -4.70
N GLU A 64 13.06 5.72 -4.29
CA GLU A 64 14.03 4.68 -4.00
C GLU A 64 13.57 3.39 -4.65
C1 DA2 B . 5.72 1.65 8.79
C2 DA2 B . 5.95 -0.65 9.69
N DA2 B . 8.36 -4.23 13.83
CA DA2 B . 8.17 -2.93 14.44
CB DA2 B . 8.35 -1.82 13.41
CG DA2 B . 7.98 -0.42 13.89
CD DA2 B . 8.21 0.62 12.82
NE DA2 B . 7.39 0.34 11.66
CZ DA2 B . 6.96 1.21 10.77
NH2 DA2 B . 7.23 2.48 10.86
NH1 DA2 B . 6.24 0.76 9.80
C DA2 B . 6.78 -2.90 15.02
O DA2 B . 6.63 -2.73 16.23
OXT DA2 B . 5.84 -3.16 14.27
H2 DA2 B . 9.34 -4.34 13.47
HC11 DA2 B . 6.53 1.97 8.15
H3 DA2 B . 7.69 -4.37 13.05
HC12 DA2 B . 4.98 1.14 8.20
HC13 DA2 B . 5.28 2.52 9.27
HC21 DA2 B . 5.41 -0.98 10.56
HC22 DA2 B . 5.36 -0.85 8.80
HC23 DA2 B . 6.88 -1.20 9.61
H DA2 B . 8.19 -4.97 14.54
HA DA2 B . 8.89 -2.82 15.24
HCB1 DA2 B . 7.74 -2.04 12.55
HCB2 DA2 B . 9.38 -1.80 13.09
HCG1 DA2 B . 8.56 -0.18 14.78
HCG2 DA2 B . 6.93 -0.43 14.13
HCD1 DA2 B . 9.25 0.59 12.52
HCD2 DA2 B . 7.95 1.60 13.21
HNE DA2 B . 7.12 -0.60 11.52
HNH2 DA2 B . 7.78 2.87 11.59
HH1 DA2 B . 6.86 3.09 10.16
N ASN A 1 -17.83 9.93 -2.57
CA ASN A 1 -17.37 10.22 -3.92
C ASN A 1 -15.93 9.78 -4.10
N THR A 2 -15.71 8.83 -4.95
CA THR A 2 -14.39 8.35 -5.24
C THR A 2 -13.70 9.28 -6.23
N ALA A 3 -12.74 10.05 -5.75
CA ALA A 3 -11.99 10.97 -6.57
C ALA A 3 -10.69 10.34 -7.01
N ALA A 4 -9.91 9.92 -6.05
CA ALA A 4 -8.66 9.26 -6.33
C ALA A 4 -8.67 7.93 -5.65
N SER A 5 -9.29 7.00 -6.29
CA SER A 5 -9.36 5.65 -5.83
C SER A 5 -9.34 4.75 -7.06
N LEU A 6 -8.78 5.27 -8.13
CA LEU A 6 -8.76 4.57 -9.40
C LEU A 6 -7.43 3.86 -9.60
N GLN A 7 -6.67 3.83 -8.54
CA GLN A 7 -5.41 3.16 -8.49
C GLN A 7 -5.58 1.67 -8.62
N GLN A 8 -4.91 1.12 -9.58
CA GLN A 8 -4.86 -0.30 -9.77
C GLN A 8 -3.44 -0.71 -9.51
N TRP A 9 -3.27 -1.84 -8.89
CA TRP A 9 -1.97 -2.31 -8.47
C TRP A 9 -1.78 -3.78 -8.82
N LYS A 10 -0.54 -4.21 -8.78
CA LYS A 10 -0.19 -5.59 -8.97
C LYS A 10 0.74 -6.01 -7.84
N VAL A 11 0.82 -7.28 -7.60
CA VAL A 11 1.69 -7.82 -6.56
C VAL A 11 3.16 -7.51 -6.91
N GLY A 12 3.89 -7.02 -5.93
CA GLY A 12 5.29 -6.70 -6.15
C GLY A 12 5.51 -5.26 -6.52
N ASP A 13 4.47 -4.45 -6.41
CA ASP A 13 4.57 -3.04 -6.77
C ASP A 13 4.86 -2.22 -5.55
N LYS A 14 5.69 -1.24 -5.69
CA LYS A 14 6.00 -0.35 -4.63
C LYS A 14 4.94 0.69 -4.49
N CYS A 15 4.69 1.05 -3.29
CA CYS A 15 3.69 2.01 -2.99
C CYS A 15 3.99 2.65 -1.65
N SER A 16 3.09 3.41 -1.18
CA SER A 16 3.19 3.99 0.09
C SER A 16 1.91 3.70 0.80
N ALA A 17 1.98 3.43 2.05
CA ALA A 17 0.84 3.05 2.81
C ALA A 17 0.83 3.78 4.13
N ILE A 18 -0.32 3.84 4.74
CA ILE A 18 -0.46 4.49 6.01
C ILE A 18 -0.30 3.46 7.10
N TRP A 19 0.72 3.65 7.90
CA TRP A 19 0.97 2.76 9.01
C TRP A 19 -0.17 2.88 9.96
N SER A 20 -0.85 1.80 10.24
CA SER A 20 -2.01 1.79 11.11
C SER A 20 -1.67 2.31 12.52
N GLU A 21 -0.42 2.21 12.88
CA GLU A 21 0.00 2.54 14.21
C GLU A 21 0.24 4.03 14.37
N ASP A 22 0.87 4.64 13.39
CA ASP A 22 1.26 6.04 13.53
C ASP A 22 0.47 6.91 12.61
N GLY A 23 -0.14 6.29 11.61
CA GLY A 23 -0.98 7.03 10.68
C GLY A 23 -0.17 7.74 9.62
N CYS A 24 1.11 7.48 9.59
CA CYS A 24 2.00 8.11 8.65
C CYS A 24 2.20 7.30 7.39
N ILE A 25 2.62 7.99 6.35
CA ILE A 25 2.94 7.38 5.07
C ILE A 25 4.31 6.74 5.18
N TYR A 26 4.41 5.53 4.77
CA TYR A 26 5.67 4.82 4.72
C TYR A 26 5.75 4.02 3.44
N PRO A 27 6.95 3.83 2.89
CA PRO A 27 7.14 3.06 1.67
C PRO A 27 6.94 1.57 1.93
N ALA A 28 6.11 0.97 1.16
CA ALA A 28 5.80 -0.40 1.32
C ALA A 28 5.59 -1.02 -0.02
N THR A 29 5.87 -2.25 -0.14
CA THR A 29 5.70 -2.91 -1.39
C THR A 29 4.56 -3.91 -1.23
N ILE A 30 3.82 -4.13 -2.28
CA ILE A 30 2.68 -5.00 -2.23
C ILE A 30 3.11 -6.45 -2.24
N ALA A 31 2.67 -7.18 -1.26
CA ALA A 31 3.01 -8.58 -1.13
C ALA A 31 1.89 -9.46 -1.68
N SER A 32 0.65 -8.99 -1.58
CA SER A 32 -0.51 -9.74 -2.07
C SER A 32 -1.68 -8.79 -2.25
N ILE A 33 -2.59 -9.11 -3.16
CA ILE A 33 -3.77 -8.30 -3.39
C ILE A 33 -5.03 -9.18 -3.45
N ASP A 34 -6.08 -8.69 -2.88
CA ASP A 34 -7.39 -9.28 -2.95
C ASP A 34 -8.18 -8.31 -3.76
N PHE A 35 -8.31 -8.56 -5.02
CA PHE A 35 -8.99 -7.66 -5.91
C PHE A 35 -10.47 -7.59 -5.62
N LYS A 36 -10.99 -8.63 -5.01
CA LYS A 36 -12.39 -8.69 -4.68
C LYS A 36 -12.70 -7.78 -3.51
N ARG A 37 -11.82 -7.74 -2.54
CA ARG A 37 -12.01 -6.86 -1.39
C ARG A 37 -11.41 -5.51 -1.64
N GLU A 38 -10.69 -5.40 -2.76
CA GLU A 38 -9.98 -4.20 -3.15
C GLU A 38 -8.89 -3.90 -2.11
N THR A 39 -8.32 -4.94 -1.54
CA THR A 39 -7.32 -4.76 -0.52
C THR A 39 -6.04 -5.45 -0.90
N CYS A 40 -4.99 -5.08 -0.28
CA CYS A 40 -3.71 -5.67 -0.50
C CYS A 40 -2.89 -5.61 0.75
N VAL A 41 -2.00 -6.54 0.89
CA VAL A 41 -1.10 -6.56 2.01
C VAL A 41 0.18 -5.93 1.54
N VAL A 42 0.68 -5.00 2.31
CA VAL A 42 1.88 -4.31 1.96
C VAL A 42 2.93 -4.57 3.01
N VAL A 43 4.15 -4.65 2.58
CA VAL A 43 5.26 -4.85 3.46
C VAL A 43 6.08 -3.60 3.46
N TYR A 44 6.20 -3.01 4.61
CA TYR A 44 6.93 -1.79 4.77
C TYR A 44 8.41 -2.02 4.64
N THR A 45 8.97 -1.38 3.65
CA THR A 45 10.35 -1.51 3.33
C THR A 45 11.22 -1.00 4.47
N GLY A 46 12.20 -1.78 4.84
CA GLY A 46 13.10 -1.41 5.89
C GLY A 46 12.68 -1.96 7.21
N TYR A 47 11.40 -2.14 7.38
CA TYR A 47 10.87 -2.58 8.64
C TYR A 47 10.52 -4.05 8.61
N GLY A 48 9.96 -4.49 7.50
CA GLY A 48 9.59 -5.88 7.36
C GLY A 48 8.20 -6.15 7.90
N ASN A 49 7.50 -5.09 8.24
CA ASN A 49 6.13 -5.19 8.74
C ASN A 49 5.17 -5.38 7.60
N ARG A 50 4.06 -5.99 7.85
CA ARG A 50 3.07 -6.22 6.85
C ARG A 50 1.70 -5.89 7.41
N GLU A 51 0.90 -5.24 6.63
CA GLU A 51 -0.45 -4.93 7.02
C GLU A 51 -1.28 -4.77 5.77
N GLU A 52 -2.56 -4.91 5.90
CA GLU A 52 -3.45 -4.89 4.77
C GLU A 52 -4.11 -3.53 4.60
N GLN A 53 -4.09 -3.06 3.40
CA GLN A 53 -4.58 -1.76 3.01
C GLN A 53 -5.44 -1.89 1.80
N ASN A 54 -6.22 -0.89 1.53
CA ASN A 54 -7.06 -0.91 0.35
C ASN A 54 -6.26 -0.41 -0.82
N LEU A 55 -6.55 -0.93 -1.98
CA LEU A 55 -5.88 -0.54 -3.24
C LEU A 55 -6.03 0.96 -3.49
N SER A 56 -7.17 1.49 -3.12
CA SER A 56 -7.47 2.86 -3.28
C SER A 56 -6.85 3.71 -2.17
N ASP A 57 -6.51 3.06 -1.08
CA ASP A 57 -5.90 3.72 0.07
C ASP A 57 -4.42 3.76 -0.07
N LEU A 58 -3.90 2.97 -1.00
CA LEU A 58 -2.49 2.99 -1.32
C LEU A 58 -2.16 4.25 -2.03
N LEU A 59 -1.00 4.73 -1.78
CA LEU A 59 -0.55 5.90 -2.42
C LEU A 59 0.61 5.54 -3.28
N SER A 60 0.89 6.38 -4.24
CA SER A 60 1.96 6.23 -5.11
C SER A 60 3.28 6.29 -4.31
N PRO A 61 4.28 5.46 -4.67
CA PRO A 61 5.51 5.34 -3.91
C PRO A 61 6.34 6.60 -3.88
N ILE A 62 7.22 6.63 -2.95
CA ILE A 62 8.11 7.74 -2.75
C ILE A 62 9.52 7.31 -3.05
N CYS A 63 10.40 8.25 -3.26
CA CYS A 63 11.76 7.94 -3.59
C CYS A 63 12.48 7.40 -2.37
N GLU A 64 12.97 6.23 -2.49
CA GLU A 64 13.66 5.56 -1.43
C GLU A 64 15.15 5.53 -1.74
C1 DA2 B . 5.78 1.70 8.69
C2 DA2 B . 6.11 -0.57 9.65
N DA2 B . 8.76 -3.93 13.79
CA DA2 B . 8.56 -2.63 14.40
CB DA2 B . 8.72 -1.51 13.34
CG DA2 B . 8.24 -0.14 13.81
CD DA2 B . 8.35 0.90 12.72
NE DA2 B . 7.54 0.54 11.57
CZ DA2 B . 7.05 1.36 10.67
NH2 DA2 B . 7.25 2.65 10.72
NH1 DA2 B . 6.35 0.86 9.70
C DA2 B . 7.19 -2.59 15.00
O DA2 B . 7.06 -2.40 16.23
OXT DA2 B . 6.21 -2.78 14.27
H2 DA2 B . 9.69 -4.03 13.36
HC11 DA2 B . 5.21 1.10 7.99
H3 DA2 B . 8.02 -4.10 13.08
HC12 DA2 B . 5.14 2.44 9.15
HC13 DA2 B . 6.58 2.20 8.16
HC21 DA2 B . 7.05 -1.08 9.44
HC22 DA2 B . 5.71 -0.91 10.60
HC23 DA2 B . 5.40 -0.80 8.87
H DA2 B . 8.66 -4.67 14.51
HA DA2 B . 9.30 -2.49 15.18
HCB1 DA2 B . 8.15 -1.79 12.47
HCB2 DA2 B . 9.76 -1.43 13.08
HCG1 DA2 B . 8.81 0.18 14.68
HCG2 DA2 B . 7.19 -0.22 14.08
HCD1 DA2 B . 9.38 0.96 12.41
HCD2 DA2 B . 8.01 1.84 13.10
HNE DA2 B . 7.33 -0.41 11.45
HNH2 DA2 B . 7.78 3.09 11.46
HH1 DA2 B . 6.83 3.21 10.01
N ASN A 1 -13.01 14.15 -2.56
CA ASN A 1 -12.94 13.12 -1.54
C ASN A 1 -11.85 12.13 -1.85
N THR A 2 -12.04 11.34 -2.87
CA THR A 2 -11.06 10.37 -3.27
C THR A 2 -11.00 10.33 -4.80
N ALA A 3 -10.07 11.05 -5.35
CA ALA A 3 -9.90 11.09 -6.79
C ALA A 3 -8.92 10.00 -7.21
N ALA A 4 -7.94 9.75 -6.39
CA ALA A 4 -6.95 8.75 -6.69
C ALA A 4 -7.37 7.40 -6.13
N SER A 5 -8.42 6.89 -6.69
CA SER A 5 -8.92 5.58 -6.37
C SER A 5 -8.89 4.71 -7.61
N LEU A 6 -8.35 5.30 -8.67
CA LEU A 6 -8.22 4.64 -9.96
C LEU A 6 -6.92 3.86 -10.02
N GLN A 7 -6.39 3.64 -8.85
CA GLN A 7 -5.13 3.01 -8.61
C GLN A 7 -5.20 1.57 -9.07
N GLN A 8 -4.25 1.16 -9.84
CA GLN A 8 -4.18 -0.19 -10.28
C GLN A 8 -2.84 -0.74 -9.93
N TRP A 9 -2.84 -1.64 -9.01
CA TRP A 9 -1.64 -2.21 -8.51
C TRP A 9 -1.55 -3.64 -8.88
N LYS A 10 -0.37 -4.18 -8.82
CA LYS A 10 -0.13 -5.59 -9.02
C LYS A 10 0.74 -6.05 -7.87
N VAL A 11 0.78 -7.32 -7.62
CA VAL A 11 1.64 -7.87 -6.60
C VAL A 11 3.10 -7.60 -7.00
N GLY A 12 3.86 -7.01 -6.10
CA GLY A 12 5.22 -6.69 -6.41
C GLY A 12 5.41 -5.24 -6.82
N ASP A 13 4.42 -4.41 -6.56
CA ASP A 13 4.56 -2.97 -6.83
C ASP A 13 4.93 -2.27 -5.58
N LYS A 14 5.78 -1.29 -5.71
CA LYS A 14 6.15 -0.49 -4.59
C LYS A 14 5.15 0.64 -4.46
N CYS A 15 4.82 0.97 -3.26
CA CYS A 15 3.84 1.99 -3.00
C CYS A 15 4.12 2.61 -1.64
N SER A 16 3.21 3.41 -1.19
CA SER A 16 3.28 3.97 0.11
C SER A 16 1.97 3.67 0.77
N ALA A 17 2.02 3.40 2.03
CA ALA A 17 0.88 3.02 2.76
C ALA A 17 0.83 3.76 4.07
N ILE A 18 -0.34 3.80 4.67
CA ILE A 18 -0.53 4.48 5.94
C ILE A 18 -0.36 3.45 7.05
N TRP A 19 0.65 3.64 7.87
CA TRP A 19 0.92 2.73 8.97
C TRP A 19 -0.21 2.75 9.95
N SER A 20 -0.73 1.61 10.25
CA SER A 20 -1.82 1.46 11.19
C SER A 20 -1.51 2.00 12.57
N GLU A 21 -0.27 1.98 12.92
CA GLU A 21 0.11 2.36 14.24
C GLU A 21 0.28 3.86 14.40
N ASP A 22 0.89 4.49 13.42
CA ASP A 22 1.19 5.92 13.53
C ASP A 22 0.32 6.74 12.61
N GLY A 23 -0.25 6.11 11.63
CA GLY A 23 -1.11 6.80 10.68
C GLY A 23 -0.34 7.54 9.61
N CYS A 24 0.96 7.38 9.61
CA CYS A 24 1.77 8.10 8.66
C CYS A 24 2.04 7.30 7.39
N ILE A 25 2.45 7.99 6.35
CA ILE A 25 2.85 7.39 5.08
C ILE A 25 4.23 6.78 5.22
N TYR A 26 4.35 5.56 4.80
CA TYR A 26 5.62 4.85 4.78
C TYR A 26 5.73 4.05 3.51
N PRO A 27 6.96 3.83 3.02
CA PRO A 27 7.20 3.04 1.81
C PRO A 27 6.92 1.56 2.05
N ALA A 28 6.11 0.98 1.22
CA ALA A 28 5.75 -0.39 1.37
C ALA A 28 5.56 -1.04 0.04
N THR A 29 5.80 -2.29 -0.04
CA THR A 29 5.64 -2.99 -1.28
C THR A 29 4.47 -3.95 -1.16
N ILE A 30 3.78 -4.16 -2.23
CA ILE A 30 2.62 -5.02 -2.22
C ILE A 30 3.03 -6.47 -2.27
N ALA A 31 2.62 -7.20 -1.28
CA ALA A 31 2.94 -8.60 -1.17
C ALA A 31 1.84 -9.46 -1.76
N SER A 32 0.60 -9.02 -1.62
CA SER A 32 -0.54 -9.76 -2.12
C SER A 32 -1.73 -8.83 -2.28
N ILE A 33 -2.54 -9.03 -3.28
CA ILE A 33 -3.72 -8.23 -3.51
C ILE A 33 -4.96 -9.10 -3.51
N ASP A 34 -5.98 -8.67 -2.84
CA ASP A 34 -7.27 -9.30 -2.90
C ASP A 34 -8.18 -8.31 -3.56
N PHE A 35 -8.36 -8.48 -4.84
CA PHE A 35 -9.14 -7.57 -5.64
C PHE A 35 -10.60 -7.57 -5.21
N LYS A 36 -11.04 -8.68 -4.63
CA LYS A 36 -12.42 -8.81 -4.17
C LYS A 36 -12.69 -7.91 -2.99
N ARG A 37 -11.72 -7.78 -2.13
CA ARG A 37 -11.86 -6.92 -0.96
C ARG A 37 -11.37 -5.52 -1.28
N GLU A 38 -10.77 -5.39 -2.47
CA GLU A 38 -10.14 -4.17 -2.95
C GLU A 38 -8.96 -3.83 -2.02
N THR A 39 -8.41 -4.84 -1.37
CA THR A 39 -7.36 -4.61 -0.43
C THR A 39 -6.13 -5.40 -0.80
N CYS A 40 -5.03 -5.00 -0.26
CA CYS A 40 -3.79 -5.65 -0.49
C CYS A 40 -2.93 -5.56 0.72
N VAL A 41 -2.06 -6.49 0.87
CA VAL A 41 -1.15 -6.52 1.97
C VAL A 41 0.15 -5.90 1.52
N VAL A 42 0.65 -4.99 2.29
CA VAL A 42 1.86 -4.30 1.96
C VAL A 42 2.90 -4.55 3.03
N VAL A 43 4.13 -4.62 2.60
CA VAL A 43 5.24 -4.80 3.47
C VAL A 43 6.04 -3.53 3.51
N TYR A 44 6.15 -2.96 4.67
CA TYR A 44 6.88 -1.73 4.85
C TYR A 44 8.35 -1.97 4.73
N THR A 45 8.93 -1.34 3.76
CA THR A 45 10.31 -1.48 3.43
C THR A 45 11.22 -0.95 4.54
N GLY A 46 12.20 -1.75 4.92
CA GLY A 46 13.14 -1.35 5.94
C GLY A 46 12.69 -1.76 7.31
N TYR A 47 11.42 -2.09 7.42
CA TYR A 47 10.86 -2.49 8.68
C TYR A 47 10.52 -3.96 8.65
N GLY A 48 10.00 -4.43 7.55
CA GLY A 48 9.64 -5.82 7.43
C GLY A 48 8.29 -6.11 8.04
N ASN A 49 7.48 -5.09 8.13
CA ASN A 49 6.13 -5.21 8.67
C ASN A 49 5.17 -5.39 7.54
N ARG A 50 4.06 -6.03 7.79
CA ARG A 50 3.07 -6.24 6.77
C ARG A 50 1.67 -6.02 7.31
N GLU A 51 0.87 -5.31 6.56
CA GLU A 51 -0.49 -4.99 6.95
C GLU A 51 -1.33 -4.76 5.71
N GLU A 52 -2.62 -4.87 5.85
CA GLU A 52 -3.52 -4.79 4.73
C GLU A 52 -4.07 -3.37 4.55
N GLN A 53 -4.04 -2.92 3.32
CA GLN A 53 -4.50 -1.60 2.91
C GLN A 53 -5.37 -1.73 1.70
N ASN A 54 -6.13 -0.72 1.39
CA ASN A 54 -7.00 -0.75 0.22
C ASN A 54 -6.20 -0.32 -0.98
N LEU A 55 -6.51 -0.88 -2.13
CA LEU A 55 -5.85 -0.53 -3.40
C LEU A 55 -6.04 0.96 -3.69
N SER A 56 -7.21 1.46 -3.36
CA SER A 56 -7.57 2.79 -3.54
C SER A 56 -6.89 3.71 -2.51
N ASP A 57 -6.48 3.12 -1.41
CA ASP A 57 -5.85 3.85 -0.31
C ASP A 57 -4.36 3.88 -0.43
N LEU A 58 -3.82 3.07 -1.31
CA LEU A 58 -2.39 3.06 -1.56
C LEU A 58 -1.98 4.30 -2.30
N LEU A 59 -0.82 4.78 -1.97
CA LEU A 59 -0.31 5.97 -2.58
C LEU A 59 0.93 5.64 -3.37
N SER A 60 1.32 6.56 -4.22
CA SER A 60 2.51 6.45 -5.02
C SER A 60 3.70 6.39 -4.07
N PRO A 61 4.68 5.51 -4.34
CA PRO A 61 5.84 5.37 -3.48
C PRO A 61 6.72 6.59 -3.50
N ILE A 62 7.61 6.63 -2.57
CA ILE A 62 8.51 7.72 -2.43
C ILE A 62 9.92 7.21 -2.64
N CYS A 63 10.87 8.10 -2.66
CA CYS A 63 12.24 7.73 -2.84
C CYS A 63 12.77 7.06 -1.57
N GLU A 64 13.83 6.33 -1.70
CA GLU A 64 14.40 5.62 -0.59
C GLU A 64 15.86 5.97 -0.47
C1 DA2 B . 5.82 1.74 8.71
C2 DA2 B . 6.05 -0.53 9.69
N DA2 B . 8.94 -4.00 13.47
CA DA2 B . 8.70 -2.74 14.16
CB DA2 B . 8.75 -1.56 13.18
CG DA2 B . 8.28 -0.23 13.75
CD DA2 B . 8.35 0.87 12.73
NE DA2 B . 7.53 0.55 11.60
CZ DA2 B . 7.09 1.38 10.68
NH2 DA2 B . 7.34 2.67 10.72
NH1 DA2 B . 6.35 0.90 9.74
C DA2 B . 7.35 -2.81 14.84
O DA2 B . 7.28 -2.69 16.07
OXT DA2 B . 6.35 -3.04 14.16
H2 DA2 B . 8.19 -4.18 12.77
HC11 DA2 B . 5.09 2.41 9.15
H3 DA2 B . 8.92 -4.79 14.14
HC12 DA2 B . 6.61 2.31 8.25
HC13 DA2 B . 5.33 1.15 7.95
HC21 DA2 B . 5.37 -0.74 8.88
HC22 DA2 B . 6.97 -1.08 9.55
HC23 DA2 B . 5.62 -0.83 10.62
H DA2 B . 9.85 -4.01 12.98
HA DA2 B . 9.46 -2.62 14.92
HCB1 DA2 B . 8.12 -1.81 12.34
HCB2 DA2 B . 9.76 -1.44 12.82
HCG1 DA2 B . 8.87 0.04 14.62
HCG2 DA2 B . 7.23 -0.34 14.02
HCD1 DA2 B . 9.38 0.96 12.39
HCD2 DA2 B . 8.01 1.80 13.16
HNE DA2 B . 7.27 -0.39 11.47
HNH2 DA2 B . 7.90 3.12 11.42
HH1 DA2 B . 6.97 3.23 9.98
N ASN A 1 -9.33 5.77 -0.31
CA ASN A 1 -10.28 5.70 -1.43
C ASN A 1 -10.36 7.02 -2.17
N THR A 2 -10.54 8.11 -1.42
CA THR A 2 -10.71 9.46 -1.93
C THR A 2 -9.68 9.82 -3.02
N ALA A 3 -10.18 10.04 -4.24
CA ALA A 3 -9.41 10.48 -5.42
C ALA A 3 -8.38 9.45 -5.90
N ALA A 4 -8.44 8.28 -5.34
CA ALA A 4 -7.47 7.25 -5.67
C ALA A 4 -8.13 5.94 -6.05
N SER A 5 -9.37 6.03 -6.47
CA SER A 5 -10.13 4.85 -6.87
C SER A 5 -9.93 4.57 -8.37
N LEU A 6 -8.86 5.11 -8.89
CA LEU A 6 -8.53 4.98 -10.30
C LEU A 6 -7.16 4.32 -10.48
N GLN A 7 -6.65 3.77 -9.42
CA GLN A 7 -5.34 3.16 -9.44
C GLN A 7 -5.47 1.67 -9.66
N GLN A 8 -4.47 1.09 -10.26
CA GLN A 8 -4.41 -0.32 -10.43
C GLN A 8 -3.05 -0.80 -10.01
N TRP A 9 -3.02 -1.55 -8.97
CA TRP A 9 -1.80 -2.03 -8.41
C TRP A 9 -1.59 -3.48 -8.75
N LYS A 10 -0.35 -3.93 -8.66
CA LYS A 10 -0.01 -5.31 -8.88
C LYS A 10 0.88 -5.77 -7.72
N VAL A 11 0.96 -7.06 -7.53
CA VAL A 11 1.85 -7.63 -6.52
C VAL A 11 3.30 -7.33 -6.90
N GLY A 12 4.10 -6.96 -5.93
CA GLY A 12 5.46 -6.63 -6.22
C GLY A 12 5.61 -5.20 -6.67
N ASP A 13 4.60 -4.41 -6.44
CA ASP A 13 4.62 -3.02 -6.82
C ASP A 13 4.95 -2.24 -5.60
N LYS A 14 5.81 -1.30 -5.71
CA LYS A 14 6.15 -0.49 -4.59
C LYS A 14 5.15 0.63 -4.48
N CYS A 15 4.81 0.96 -3.28
CA CYS A 15 3.83 1.98 -3.02
C CYS A 15 4.14 2.66 -1.68
N SER A 16 3.23 3.44 -1.21
CA SER A 16 3.33 4.00 0.09
C SER A 16 2.03 3.72 0.78
N ALA A 17 2.09 3.46 2.03
CA ALA A 17 0.93 3.09 2.77
C ALA A 17 0.89 3.84 4.08
N ILE A 18 -0.27 3.90 4.68
CA ILE A 18 -0.44 4.55 5.95
C ILE A 18 -0.28 3.51 7.03
N TRP A 19 0.70 3.69 7.87
CA TRP A 19 0.93 2.78 8.97
C TRP A 19 -0.21 2.90 9.93
N SER A 20 -0.89 1.83 10.21
CA SER A 20 -2.04 1.88 11.10
C SER A 20 -1.64 2.27 12.53
N GLU A 21 -0.37 2.17 12.85
CA GLU A 21 0.09 2.46 14.18
C GLU A 21 0.36 3.93 14.40
N ASP A 22 0.91 4.59 13.41
CA ASP A 22 1.25 6.01 13.59
C ASP A 22 0.42 6.88 12.67
N GLY A 23 -0.14 6.26 11.67
CA GLY A 23 -1.00 6.97 10.73
C GLY A 23 -0.23 7.70 9.65
N CYS A 24 1.07 7.50 9.63
CA CYS A 24 1.91 8.15 8.66
C CYS A 24 2.16 7.33 7.41
N ILE A 25 2.60 8.01 6.36
CA ILE A 25 2.97 7.39 5.11
C ILE A 25 4.35 6.76 5.25
N TYR A 26 4.46 5.54 4.87
CA TYR A 26 5.71 4.84 4.83
C TYR A 26 5.82 4.08 3.53
N PRO A 27 7.04 3.87 3.03
CA PRO A 27 7.26 3.09 1.82
C PRO A 27 6.99 1.61 2.06
N ALA A 28 6.16 1.04 1.24
CA ALA A 28 5.81 -0.34 1.37
C ALA A 28 5.61 -0.96 0.01
N THR A 29 5.87 -2.20 -0.10
CA THR A 29 5.70 -2.87 -1.35
C THR A 29 4.55 -3.85 -1.21
N ILE A 30 3.82 -4.08 -2.28
CA ILE A 30 2.66 -4.94 -2.25
C ILE A 30 3.08 -6.40 -2.24
N ALA A 31 2.66 -7.10 -1.21
CA ALA A 31 2.97 -8.51 -1.06
C ALA A 31 1.90 -9.36 -1.71
N SER A 32 0.65 -8.97 -1.57
CA SER A 32 -0.46 -9.72 -2.13
C SER A 32 -1.65 -8.80 -2.28
N ILE A 33 -2.51 -9.06 -3.25
CA ILE A 33 -3.69 -8.27 -3.47
C ILE A 33 -4.93 -9.15 -3.48
N ASP A 34 -5.95 -8.71 -2.83
CA ASP A 34 -7.23 -9.35 -2.84
C ASP A 34 -8.16 -8.43 -3.57
N PHE A 35 -8.38 -8.70 -4.82
CA PHE A 35 -9.18 -7.84 -5.66
C PHE A 35 -10.65 -7.87 -5.24
N LYS A 36 -11.06 -8.94 -4.57
CA LYS A 36 -12.43 -9.04 -4.13
C LYS A 36 -12.70 -8.12 -2.95
N ARG A 37 -11.71 -7.97 -2.09
CA ARG A 37 -11.85 -7.02 -0.98
C ARG A 37 -11.38 -5.64 -1.40
N GLU A 38 -10.77 -5.55 -2.59
CA GLU A 38 -10.12 -4.34 -3.10
C GLU A 38 -8.97 -3.94 -2.13
N THR A 39 -8.41 -4.92 -1.46
CA THR A 39 -7.37 -4.66 -0.50
C THR A 39 -6.11 -5.42 -0.86
N CYS A 40 -5.03 -5.02 -0.30
CA CYS A 40 -3.77 -5.66 -0.53
C CYS A 40 -2.90 -5.56 0.69
N VAL A 41 -2.03 -6.49 0.85
CA VAL A 41 -1.13 -6.49 1.96
C VAL A 41 0.15 -5.86 1.50
N VAL A 42 0.64 -4.94 2.26
CA VAL A 42 1.84 -4.26 1.92
C VAL A 42 2.87 -4.52 2.98
N VAL A 43 4.10 -4.61 2.57
CA VAL A 43 5.19 -4.82 3.46
C VAL A 43 6.02 -3.57 3.48
N TYR A 44 6.13 -2.99 4.63
CA TYR A 44 6.89 -1.78 4.81
C TYR A 44 8.37 -2.03 4.65
N THR A 45 8.93 -1.33 3.71
CA THR A 45 10.30 -1.46 3.34
C THR A 45 11.23 -1.09 4.50
N GLY A 46 12.19 -1.96 4.75
CA GLY A 46 13.14 -1.74 5.80
C GLY A 46 12.67 -2.26 7.14
N TYR A 47 11.36 -2.40 7.28
CA TYR A 47 10.82 -2.85 8.56
C TYR A 47 10.41 -4.30 8.51
N GLY A 48 9.80 -4.70 7.41
CA GLY A 48 9.37 -6.07 7.27
C GLY A 48 8.03 -6.30 7.94
N ASN A 49 7.31 -5.22 8.14
CA ASN A 49 5.96 -5.29 8.68
C ASN A 49 5.01 -5.42 7.54
N ARG A 50 3.90 -6.01 7.79
CA ARG A 50 2.90 -6.18 6.78
C ARG A 50 1.55 -5.80 7.33
N GLU A 51 0.76 -5.15 6.55
CA GLU A 51 -0.59 -4.85 6.91
C GLU A 51 -1.39 -4.70 5.65
N GLU A 52 -2.66 -4.86 5.75
CA GLU A 52 -3.51 -4.84 4.61
C GLU A 52 -4.16 -3.47 4.43
N GLN A 53 -4.05 -2.95 3.26
CA GLN A 53 -4.57 -1.64 2.88
C GLN A 53 -5.44 -1.77 1.69
N ASN A 54 -6.23 -0.78 1.42
CA ASN A 54 -7.09 -0.82 0.26
C ASN A 54 -6.30 -0.37 -0.93
N LEU A 55 -6.60 -0.92 -2.10
CA LEU A 55 -5.93 -0.54 -3.36
C LEU A 55 -6.19 0.94 -3.64
N SER A 56 -7.35 1.36 -3.24
CA SER A 56 -7.82 2.71 -3.41
C SER A 56 -7.22 3.62 -2.31
N ASP A 57 -6.57 3.02 -1.36
CA ASP A 57 -5.95 3.72 -0.25
C ASP A 57 -4.47 3.81 -0.38
N LEU A 58 -3.90 2.99 -1.24
CA LEU A 58 -2.46 3.03 -1.50
C LEU A 58 -2.06 4.33 -2.14
N LEU A 59 -0.87 4.76 -1.83
CA LEU A 59 -0.36 5.98 -2.39
C LEU A 59 0.85 5.68 -3.22
N SER A 60 1.19 6.60 -4.07
CA SER A 60 2.29 6.51 -4.94
C SER A 60 3.60 6.42 -4.16
N PRO A 61 4.50 5.53 -4.56
CA PRO A 61 5.76 5.31 -3.87
C PRO A 61 6.80 6.38 -4.17
N ILE A 62 7.90 6.28 -3.46
CA ILE A 62 9.05 7.10 -3.70
C ILE A 62 9.90 6.39 -4.73
N CYS A 63 10.71 7.10 -5.43
CA CYS A 63 11.52 6.50 -6.46
C CYS A 63 12.84 6.06 -5.91
N GLU A 64 12.88 4.84 -5.61
CA GLU A 64 14.03 4.21 -5.07
C GLU A 64 14.42 3.09 -5.98
C1 DA2 B . 5.82 1.62 8.76
C2 DA2 B . 6.02 -0.69 9.66
N DA2 B . 8.35 -4.26 14.13
CA DA2 B . 8.10 -2.89 14.59
CB DA2 B . 8.38 -1.88 13.48
CG DA2 B . 8.07 -0.44 13.88
CD DA2 B . 8.35 0.54 12.76
NE DA2 B . 7.51 0.27 11.61
CZ DA2 B . 7.07 1.15 10.72
NH2 DA2 B . 7.36 2.41 10.81
NH1 DA2 B . 6.32 0.72 9.75
C DA2 B . 6.65 -2.81 15.02
O DA2 B . 6.37 -2.49 16.19
OXT DA2 B . 5.78 -3.11 14.21
H2 DA2 B . 7.72 -4.47 13.34
HC11 DA2 B . 5.51 1.06 7.89
H3 DA2 B . 8.12 -4.92 14.90
HC12 DA2 B . 4.98 2.16 9.16
HC13 DA2 B . 6.59 2.32 8.47
HC21 DA2 B . 5.59 -1.03 10.59
HC22 DA2 B . 5.31 -0.85 8.86
HC23 DA2 B . 6.91 -1.24 9.46
H DA2 B . 9.33 -4.41 13.84
HA DA2 B . 8.72 -2.70 15.45
HCB1 DA2 B . 7.79 -2.13 12.62
HCB2 DA2 B . 9.44 -1.93 13.22
HCG1 DA2 B . 8.65 -0.17 14.75
HCG2 DA2 B . 7.01 -0.39 14.09
HCD1 DA2 B . 9.37 0.45 12.46
HCD2 DA2 B . 8.13 1.55 13.10
HNE DA2 B . 7.23 -0.66 11.47
HNH2 DA2 B . 7.93 2.80 11.54
HH1 DA2 B . 7.00 3.03 10.11
N ASN A 1 -11.23 14.58 -1.02
CA ASN A 1 -10.84 14.51 -2.43
C ASN A 1 -9.79 13.40 -2.62
N THR A 2 -10.15 12.39 -3.36
CA THR A 2 -9.28 11.25 -3.60
C THR A 2 -8.29 11.55 -4.74
N ALA A 3 -7.11 10.97 -4.68
CA ALA A 3 -6.12 11.18 -5.73
C ALA A 3 -5.78 9.87 -6.44
N ALA A 4 -4.95 9.04 -5.81
CA ALA A 4 -4.48 7.78 -6.39
C ALA A 4 -5.43 6.64 -6.08
N SER A 5 -6.62 6.99 -5.75
CA SER A 5 -7.65 6.06 -5.38
C SER A 5 -8.27 5.38 -6.62
N LEU A 6 -7.67 5.63 -7.76
CA LEU A 6 -8.12 5.09 -9.01
C LEU A 6 -7.01 4.34 -9.72
N GLN A 7 -5.96 4.02 -8.96
CA GLN A 7 -4.83 3.27 -9.50
C GLN A 7 -5.12 1.79 -9.49
N GLN A 8 -4.44 1.07 -10.34
CA GLN A 8 -4.56 -0.37 -10.43
C GLN A 8 -3.21 -0.95 -10.11
N TRP A 9 -3.13 -1.64 -9.03
CA TRP A 9 -1.87 -2.17 -8.55
C TRP A 9 -1.74 -3.65 -8.86
N LYS A 10 -0.52 -4.17 -8.81
CA LYS A 10 -0.26 -5.58 -8.97
C LYS A 10 0.67 -6.01 -7.83
N VAL A 11 0.74 -7.29 -7.58
CA VAL A 11 1.62 -7.83 -6.56
C VAL A 11 3.07 -7.52 -6.92
N GLY A 12 3.83 -7.02 -5.97
CA GLY A 12 5.22 -6.73 -6.20
C GLY A 12 5.46 -5.29 -6.62
N ASP A 13 4.47 -4.45 -6.48
CA ASP A 13 4.64 -3.03 -6.83
C ASP A 13 4.93 -2.26 -5.61
N LYS A 14 5.66 -1.24 -5.81
CA LYS A 14 6.07 -0.35 -4.77
C LYS A 14 5.04 0.69 -4.57
N CYS A 15 4.81 1.00 -3.36
CA CYS A 15 3.81 1.97 -2.99
C CYS A 15 4.14 2.58 -1.63
N SER A 16 3.25 3.34 -1.13
CA SER A 16 3.34 3.87 0.18
C SER A 16 2.02 3.61 0.84
N ALA A 17 2.06 3.39 2.10
CA ALA A 17 0.90 3.02 2.83
C ALA A 17 0.88 3.76 4.13
N ILE A 18 -0.28 3.83 4.73
CA ILE A 18 -0.44 4.48 6.00
C ILE A 18 -0.28 3.44 7.08
N TRP A 19 0.71 3.62 7.91
CA TRP A 19 0.95 2.70 8.99
C TRP A 19 -0.21 2.79 9.94
N SER A 20 -0.89 1.70 10.16
CA SER A 20 -2.08 1.68 11.00
C SER A 20 -1.76 2.10 12.44
N GLU A 21 -0.49 2.01 12.82
CA GLU A 21 -0.09 2.31 14.16
C GLU A 21 0.13 3.80 14.38
N ASP A 22 0.77 4.45 13.42
CA ASP A 22 1.12 5.87 13.62
C ASP A 22 0.32 6.76 12.69
N GLY A 23 -0.22 6.17 11.67
CA GLY A 23 -1.04 6.90 10.73
C GLY A 23 -0.23 7.63 9.68
N CYS A 24 1.05 7.41 9.67
CA CYS A 24 1.91 8.08 8.71
C CYS A 24 2.14 7.27 7.45
N ILE A 25 2.57 7.96 6.41
CA ILE A 25 2.93 7.36 5.14
C ILE A 25 4.30 6.76 5.26
N TYR A 26 4.43 5.54 4.86
CA TYR A 26 5.70 4.87 4.82
C TYR A 26 5.78 4.06 3.55
N PRO A 27 6.99 3.86 3.02
CA PRO A 27 7.20 3.07 1.81
C PRO A 27 6.91 1.59 2.06
N ALA A 28 6.16 0.99 1.19
CA ALA A 28 5.80 -0.38 1.34
C ALA A 28 5.63 -1.01 -0.01
N THR A 29 5.90 -2.26 -0.11
CA THR A 29 5.74 -2.92 -1.36
C THR A 29 4.58 -3.89 -1.20
N ILE A 30 3.84 -4.11 -2.25
CA ILE A 30 2.69 -4.97 -2.21
C ILE A 30 3.13 -6.43 -2.21
N ALA A 31 2.66 -7.17 -1.25
CA ALA A 31 3.01 -8.55 -1.12
C ALA A 31 1.91 -9.44 -1.70
N SER A 32 0.67 -9.03 -1.53
CA SER A 32 -0.47 -9.79 -2.03
C SER A 32 -1.64 -8.85 -2.16
N ILE A 33 -2.50 -9.10 -3.12
CA ILE A 33 -3.69 -8.30 -3.33
C ILE A 33 -4.92 -9.19 -3.33
N ASP A 34 -5.94 -8.72 -2.71
CA ASP A 34 -7.22 -9.34 -2.79
C ASP A 34 -8.11 -8.38 -3.52
N PHE A 35 -8.28 -8.61 -4.79
CA PHE A 35 -9.01 -7.71 -5.65
C PHE A 35 -10.48 -7.66 -5.28
N LYS A 36 -10.95 -8.72 -4.64
CA LYS A 36 -12.33 -8.80 -4.22
C LYS A 36 -12.61 -7.89 -3.03
N ARG A 37 -11.66 -7.78 -2.12
CA ARG A 37 -11.83 -6.85 -1.01
C ARG A 37 -11.36 -5.46 -1.40
N GLU A 38 -10.73 -5.38 -2.58
CA GLU A 38 -10.07 -4.19 -3.08
C GLU A 38 -8.93 -3.81 -2.10
N THR A 39 -8.38 -4.81 -1.43
CA THR A 39 -7.35 -4.56 -0.46
C THR A 39 -6.12 -5.38 -0.78
N CYS A 40 -5.01 -5.01 -0.25
CA CYS A 40 -3.78 -5.69 -0.47
C CYS A 40 -2.89 -5.57 0.75
N VAL A 41 -2.03 -6.52 0.91
CA VAL A 41 -1.11 -6.53 2.02
C VAL A 41 0.17 -5.93 1.54
N VAL A 42 0.67 -4.98 2.29
CA VAL A 42 1.87 -4.31 1.94
C VAL A 42 2.90 -4.54 3.00
N VAL A 43 4.13 -4.62 2.58
CA VAL A 43 5.22 -4.83 3.47
C VAL A 43 6.04 -3.56 3.49
N TYR A 44 6.14 -2.98 4.64
CA TYR A 44 6.87 -1.74 4.82
C TYR A 44 8.34 -1.96 4.66
N THR A 45 8.85 -1.31 3.67
CA THR A 45 10.22 -1.38 3.29
C THR A 45 11.12 -0.91 4.42
N GLY A 46 12.13 -1.70 4.72
CA GLY A 46 13.05 -1.38 5.76
C GLY A 46 12.61 -1.94 7.10
N TYR A 47 11.33 -2.10 7.26
CA TYR A 47 10.80 -2.56 8.53
C TYR A 47 10.47 -4.02 8.48
N GLY A 48 9.86 -4.46 7.42
CA GLY A 48 9.48 -5.84 7.30
C GLY A 48 8.11 -6.11 7.90
N ASN A 49 7.38 -5.05 8.14
CA ASN A 49 6.02 -5.17 8.66
C ASN A 49 5.07 -5.33 7.54
N ARG A 50 3.98 -5.99 7.78
CA ARG A 50 3.00 -6.20 6.77
C ARG A 50 1.60 -5.96 7.29
N GLU A 51 0.81 -5.27 6.54
CA GLU A 51 -0.55 -4.99 6.91
C GLU A 51 -1.37 -4.77 5.65
N GLU A 52 -2.66 -4.93 5.74
CA GLU A 52 -3.51 -4.84 4.59
C GLU A 52 -4.14 -3.45 4.47
N GLN A 53 -4.05 -2.93 3.27
CA GLN A 53 -4.53 -1.61 2.90
C GLN A 53 -5.40 -1.72 1.69
N ASN A 54 -6.18 -0.71 1.41
CA ASN A 54 -7.03 -0.73 0.23
C ASN A 54 -6.20 -0.32 -0.97
N LEU A 55 -6.51 -0.86 -2.13
CA LEU A 55 -5.82 -0.51 -3.38
C LEU A 55 -5.97 0.98 -3.66
N SER A 56 -7.13 1.50 -3.32
CA SER A 56 -7.47 2.85 -3.47
C SER A 56 -6.81 3.73 -2.40
N ASP A 57 -6.40 3.09 -1.33
CA ASP A 57 -5.78 3.75 -0.18
C ASP A 57 -4.28 3.76 -0.28
N LEU A 58 -3.77 3.02 -1.22
CA LEU A 58 -2.35 3.00 -1.51
C LEU A 58 -1.92 4.29 -2.17
N LEU A 59 -0.74 4.69 -1.90
CA LEU A 59 -0.20 5.88 -2.50
C LEU A 59 1.04 5.51 -3.27
N SER A 60 1.48 6.37 -4.15
CA SER A 60 2.68 6.15 -4.93
C SER A 60 3.89 6.13 -3.97
N PRO A 61 4.91 5.31 -4.25
CA PRO A 61 6.08 5.16 -3.39
C PRO A 61 7.04 6.32 -3.52
N ILE A 62 8.10 6.25 -2.78
CA ILE A 62 9.14 7.23 -2.84
C ILE A 62 10.39 6.56 -3.33
N CYS A 63 11.39 7.32 -3.67
CA CYS A 63 12.63 6.77 -4.12
C CYS A 63 13.39 6.17 -2.94
N GLU A 64 13.95 5.00 -3.16
CA GLU A 64 14.66 4.25 -2.16
C GLU A 64 16.11 4.72 -2.07
C1 DA2 B . 5.76 1.71 8.78
C2 DA2 B . 6.01 -0.57 9.71
N DA2 B . 8.82 -4.06 14.07
CA DA2 B . 8.41 -2.76 14.55
CB DA2 B . 8.54 -1.68 13.44
CG DA2 B . 8.13 -0.29 13.89
CD DA2 B . 8.30 0.75 12.80
NE DA2 B . 7.48 0.45 11.64
CZ DA2 B . 7.02 1.30 10.75
NH2 DA2 B . 7.28 2.59 10.82
NH1 DA2 B . 6.29 0.84 9.79
C DA2 B . 7.00 -2.86 15.00
O DA2 B . 6.72 -2.60 16.18
OXT DA2 B . 6.16 -3.31 14.21
H2 DA2 B . 8.66 -4.75 14.84
HC11 DA2 B . 5.30 2.57 9.24
H3 DA2 B . 9.82 -4.12 13.79
HC12 DA2 B . 6.55 2.03 8.12
HC13 DA2 B . 5.01 1.19 8.19
HC21 DA2 B . 6.93 -1.12 9.60
HC22 DA2 B . 5.50 -0.89 10.60
HC23 DA2 B . 5.38 -0.77 8.85
H DA2 B . 8.22 -4.35 13.28
HA DA2 B . 9.03 -2.49 15.39
HCB1 DA2 B . 7.92 -1.98 12.61
HCB2 DA2 B . 9.57 -1.65 13.11
HCG1 DA2 B . 8.70 0.01 14.76
HCG2 DA2 B . 7.07 -0.32 14.12
HCD1 DA2 B . 9.33 0.74 12.47
HCD2 DA2 B . 8.04 1.72 13.17
HNE DA2 B . 7.21 -0.48 11.53
HNH2 DA2 B . 7.85 2.99 11.54
HH1 DA2 B . 6.90 3.18 10.10
N ASN A 1 -4.64 9.97 -1.68
CA ASN A 1 -4.26 10.48 -3.00
C ASN A 1 -5.14 11.63 -3.35
N THR A 2 -4.69 12.46 -4.24
CA THR A 2 -5.48 13.58 -4.67
C THR A 2 -6.04 13.29 -6.05
N ALA A 3 -7.36 13.07 -6.11
CA ALA A 3 -8.11 12.84 -7.36
C ALA A 3 -7.71 11.55 -8.07
N ALA A 4 -6.97 10.73 -7.41
CA ALA A 4 -6.50 9.51 -8.00
C ALA A 4 -6.90 8.32 -7.17
N SER A 5 -8.13 7.90 -7.33
CA SER A 5 -8.62 6.74 -6.64
C SER A 5 -8.49 5.54 -7.55
N LEU A 6 -8.24 5.83 -8.81
CA LEU A 6 -8.10 4.86 -9.89
C LEU A 6 -6.76 4.10 -9.86
N GLN A 7 -6.13 4.03 -8.71
CA GLN A 7 -4.86 3.39 -8.59
C GLN A 7 -4.99 1.90 -8.77
N GLN A 8 -4.37 1.41 -9.78
CA GLN A 8 -4.42 0.01 -10.09
C GLN A 8 -3.07 -0.57 -9.75
N TRP A 9 -3.08 -1.62 -8.99
CA TRP A 9 -1.86 -2.20 -8.51
C TRP A 9 -1.78 -3.66 -8.86
N LYS A 10 -0.58 -4.19 -8.84
CA LYS A 10 -0.34 -5.60 -8.98
C LYS A 10 0.63 -6.02 -7.88
N VAL A 11 0.68 -7.29 -7.58
CA VAL A 11 1.58 -7.80 -6.56
C VAL A 11 3.01 -7.55 -7.00
N GLY A 12 3.81 -6.97 -6.12
CA GLY A 12 5.16 -6.67 -6.47
C GLY A 12 5.35 -5.23 -6.89
N ASP A 13 4.36 -4.40 -6.64
CA ASP A 13 4.50 -2.98 -6.93
C ASP A 13 4.88 -2.26 -5.68
N LYS A 14 5.74 -1.30 -5.82
CA LYS A 14 6.11 -0.49 -4.71
C LYS A 14 5.11 0.61 -4.56
N CYS A 15 4.85 0.97 -3.36
CA CYS A 15 3.89 1.99 -3.07
C CYS A 15 4.21 2.61 -1.72
N SER A 16 3.31 3.39 -1.22
CA SER A 16 3.41 3.95 0.06
C SER A 16 2.09 3.68 0.74
N ALA A 17 2.12 3.42 2.00
CA ALA A 17 0.93 3.05 2.70
C ALA A 17 0.87 3.78 4.03
N ILE A 18 -0.32 3.84 4.60
CA ILE A 18 -0.52 4.48 5.88
C ILE A 18 -0.39 3.44 6.97
N TRP A 19 0.56 3.64 7.86
CA TRP A 19 0.78 2.72 8.95
C TRP A 19 -0.38 2.77 9.91
N SER A 20 -0.99 1.64 10.19
CA SER A 20 -2.11 1.56 11.13
C SER A 20 -1.76 2.08 12.52
N GLU A 21 -0.51 2.01 12.85
CA GLU A 21 -0.11 2.32 14.19
C GLU A 21 0.10 3.81 14.39
N ASP A 22 0.72 4.46 13.43
CA ASP A 22 1.04 5.89 13.62
C ASP A 22 0.22 6.75 12.68
N GLY A 23 -0.33 6.12 11.66
CA GLY A 23 -1.16 6.82 10.69
C GLY A 23 -0.37 7.54 9.63
N CYS A 24 0.93 7.37 9.65
CA CYS A 24 1.79 8.06 8.71
C CYS A 24 2.09 7.24 7.45
N ILE A 25 2.54 7.94 6.41
CA ILE A 25 2.95 7.34 5.14
C ILE A 25 4.32 6.74 5.27
N TYR A 26 4.45 5.53 4.84
CA TYR A 26 5.71 4.83 4.80
C TYR A 26 5.82 4.03 3.52
N PRO A 27 7.05 3.80 3.03
CA PRO A 27 7.26 3.03 1.80
C PRO A 27 6.98 1.55 2.03
N ALA A 28 6.19 0.98 1.18
CA ALA A 28 5.83 -0.40 1.30
C ALA A 28 5.66 -1.04 -0.06
N THR A 29 5.90 -2.29 -0.15
CA THR A 29 5.73 -2.98 -1.39
C THR A 29 4.56 -3.94 -1.24
N ILE A 30 3.84 -4.16 -2.30
CA ILE A 30 2.68 -5.02 -2.27
C ILE A 30 3.08 -6.48 -2.27
N ALA A 31 2.68 -7.18 -1.25
CA ALA A 31 3.01 -8.57 -1.09
C ALA A 31 1.92 -9.45 -1.66
N SER A 32 0.68 -9.00 -1.56
CA SER A 32 -0.47 -9.75 -2.06
C SER A 32 -1.64 -8.81 -2.21
N ILE A 33 -2.48 -9.03 -3.18
CA ILE A 33 -3.68 -8.24 -3.36
C ILE A 33 -4.89 -9.12 -3.30
N ASP A 34 -5.91 -8.66 -2.66
CA ASP A 34 -7.15 -9.34 -2.70
C ASP A 34 -8.10 -8.45 -3.44
N PHE A 35 -8.24 -8.70 -4.72
CA PHE A 35 -9.06 -7.85 -5.57
C PHE A 35 -10.51 -7.91 -5.17
N LYS A 36 -10.91 -8.99 -4.53
CA LYS A 36 -12.27 -9.16 -4.11
C LYS A 36 -12.59 -8.22 -2.95
N ARG A 37 -11.65 -8.05 -2.02
CA ARG A 37 -11.82 -7.12 -0.90
C ARG A 37 -11.41 -5.72 -1.32
N GLU A 38 -10.80 -5.63 -2.52
CA GLU A 38 -10.25 -4.41 -3.08
C GLU A 38 -9.12 -3.88 -2.16
N THR A 39 -8.46 -4.80 -1.48
CA THR A 39 -7.41 -4.48 -0.56
C THR A 39 -6.17 -5.31 -0.87
N CYS A 40 -5.06 -4.93 -0.32
CA CYS A 40 -3.82 -5.62 -0.54
C CYS A 40 -2.93 -5.53 0.67
N VAL A 41 -2.07 -6.48 0.84
CA VAL A 41 -1.16 -6.50 1.95
C VAL A 41 0.14 -5.91 1.48
N VAL A 42 0.65 -4.98 2.23
CA VAL A 42 1.87 -4.31 1.89
C VAL A 42 2.90 -4.55 2.98
N VAL A 43 4.13 -4.64 2.55
CA VAL A 43 5.24 -4.83 3.44
C VAL A 43 6.05 -3.56 3.48
N TYR A 44 6.14 -2.98 4.62
CA TYR A 44 6.88 -1.75 4.81
C TYR A 44 8.35 -1.98 4.65
N THR A 45 8.88 -1.33 3.69
CA THR A 45 10.24 -1.44 3.34
C THR A 45 11.13 -0.93 4.46
N GLY A 46 12.12 -1.72 4.82
CA GLY A 46 13.03 -1.34 5.85
C GLY A 46 12.57 -1.80 7.21
N TYR A 47 11.30 -2.09 7.35
CA TYR A 47 10.76 -2.54 8.61
C TYR A 47 10.42 -4.02 8.58
N GLY A 48 9.81 -4.47 7.51
CA GLY A 48 9.44 -5.86 7.41
C GLY A 48 8.07 -6.13 7.95
N ASN A 49 7.36 -5.08 8.26
CA ASN A 49 5.99 -5.18 8.75
C ASN A 49 5.07 -5.35 7.59
N ARG A 50 3.97 -5.98 7.82
CA ARG A 50 3.04 -6.17 6.76
C ARG A 50 1.63 -5.96 7.27
N GLU A 51 0.83 -5.27 6.51
CA GLU A 51 -0.53 -4.98 6.89
C GLU A 51 -1.33 -4.78 5.61
N GLU A 52 -2.63 -4.93 5.70
CA GLU A 52 -3.49 -4.81 4.56
C GLU A 52 -4.07 -3.40 4.43
N GLN A 53 -4.02 -2.89 3.23
CA GLN A 53 -4.49 -1.58 2.87
C GLN A 53 -5.39 -1.66 1.69
N ASN A 54 -6.15 -0.64 1.47
CA ASN A 54 -7.02 -0.56 0.32
C ASN A 54 -6.20 -0.15 -0.87
N LEU A 55 -6.57 -0.61 -2.00
CA LEU A 55 -5.87 -0.31 -3.26
C LEU A 55 -5.92 1.19 -3.56
N SER A 56 -6.99 1.83 -3.13
CA SER A 56 -7.16 3.27 -3.32
C SER A 56 -6.36 4.01 -2.25
N ASP A 57 -6.14 3.34 -1.12
CA ASP A 57 -5.44 3.94 0.02
C ASP A 57 -4.01 4.01 -0.27
N LEU A 58 -3.57 3.07 -1.04
CA LEU A 58 -2.18 3.02 -1.50
C LEU A 58 -1.83 4.26 -2.26
N LEU A 59 -0.70 4.77 -1.93
CA LEU A 59 -0.20 5.93 -2.58
C LEU A 59 0.97 5.52 -3.42
N SER A 60 1.29 6.34 -4.39
CA SER A 60 2.39 6.12 -5.23
C SER A 60 3.68 6.14 -4.37
N PRO A 61 4.67 5.30 -4.71
CA PRO A 61 5.88 5.14 -3.92
C PRO A 61 6.66 6.42 -3.69
N ILE A 62 7.45 6.37 -2.67
CA ILE A 62 8.23 7.49 -2.24
C ILE A 62 9.69 7.13 -2.26
N CYS A 63 10.53 8.06 -1.89
CA CYS A 63 11.95 7.83 -1.91
C CYS A 63 12.33 6.95 -0.72
N GLU A 64 13.12 5.95 -0.99
CA GLU A 64 13.54 5.01 0.01
C GLU A 64 15.07 4.88 -0.01
C1 DA2 B . 5.62 1.74 8.81
C2 DA2 B . 5.96 -0.56 9.68
N DA2 B . 8.39 -4.04 13.86
CA DA2 B . 8.20 -2.73 14.44
CB DA2 B . 8.39 -1.63 13.39
CG DA2 B . 8.00 -0.24 13.86
CD DA2 B . 8.19 0.79 12.78
NE DA2 B . 7.39 0.49 11.63
CZ DA2 B . 6.90 1.34 10.77
NH2 DA2 B . 7.09 2.63 10.89
NH1 DA2 B . 6.19 0.87 9.79
C DA2 B . 6.82 -2.66 15.01
O DA2 B . 6.68 -2.44 16.22
OXT DA2 B . 5.87 -2.87 14.26
H2 DA2 B . 7.64 -4.20 13.16
HC11 DA2 B . 5.15 1.15 8.03
H3 DA2 B . 8.25 -4.75 14.62
HC12 DA2 B . 4.88 2.37 9.27
HC13 DA2 B . 6.39 2.35 8.37
HC21 DA2 B . 5.58 -0.93 10.61
HC22 DA2 B . 5.25 -0.76 8.90
HC23 DA2 B . 6.89 -1.05 9.44
H DA2 B . 9.33 -4.15 13.44
HA DA2 B . 8.92 -2.58 15.24
HCB1 DA2 B . 7.79 -1.88 12.52
HCB2 DA2 B . 9.43 -1.61 13.08
HCG1 DA2 B . 8.56 0.03 14.74
HCG2 DA2 B . 6.93 -0.26 14.09
HCD1 DA2 B . 9.23 0.79 12.48
HCD2 DA2 B . 7.91 1.75 13.15
HNE DA2 B . 7.18 -0.45 11.46
HNH2 DA2 B . 7.63 3.04 11.63
HH1 DA2 B . 6.69 3.23 10.21
N ASN A 1 -5.90 9.23 -3.55
CA ASN A 1 -7.18 8.77 -3.04
C ASN A 1 -8.31 9.74 -3.45
N THR A 2 -8.10 11.02 -3.26
CA THR A 2 -9.09 12.01 -3.63
C THR A 2 -9.15 12.14 -5.15
N ALA A 3 -10.25 11.62 -5.72
CA ALA A 3 -10.55 11.62 -7.17
C ALA A 3 -9.76 10.53 -7.88
N ALA A 4 -8.54 10.39 -7.50
CA ALA A 4 -7.68 9.40 -8.05
C ALA A 4 -7.62 8.22 -7.10
N SER A 5 -8.50 7.28 -7.29
CA SER A 5 -8.54 6.09 -6.51
C SER A 5 -8.76 4.91 -7.44
N LEU A 6 -8.44 5.15 -8.70
CA LEU A 6 -8.64 4.19 -9.78
C LEU A 6 -7.35 3.45 -10.10
N GLN A 7 -6.39 3.59 -9.23
CA GLN A 7 -5.10 3.00 -9.40
C GLN A 7 -5.18 1.49 -9.31
N GLN A 8 -4.69 0.84 -10.32
CA GLN A 8 -4.68 -0.60 -10.39
C GLN A 8 -3.28 -1.06 -10.08
N TRP A 9 -3.15 -1.72 -8.99
CA TRP A 9 -1.87 -2.19 -8.53
C TRP A 9 -1.71 -3.66 -8.82
N LYS A 10 -0.48 -4.14 -8.78
CA LYS A 10 -0.22 -5.57 -8.90
C LYS A 10 0.71 -5.98 -7.77
N VAL A 11 0.72 -7.25 -7.47
CA VAL A 11 1.55 -7.79 -6.42
C VAL A 11 3.01 -7.58 -6.80
N GLY A 12 3.76 -7.00 -5.89
CA GLY A 12 5.15 -6.73 -6.16
C GLY A 12 5.41 -5.30 -6.56
N ASP A 13 4.40 -4.46 -6.46
CA ASP A 13 4.56 -3.05 -6.77
C ASP A 13 4.93 -2.30 -5.55
N LYS A 14 5.87 -1.41 -5.68
CA LYS A 14 6.25 -0.55 -4.62
C LYS A 14 5.28 0.58 -4.54
N CYS A 15 4.96 0.95 -3.36
CA CYS A 15 4.01 2.00 -3.12
C CYS A 15 4.31 2.64 -1.76
N SER A 16 3.39 3.39 -1.27
CA SER A 16 3.48 3.94 0.03
C SER A 16 2.15 3.66 0.68
N ALA A 17 2.15 3.44 1.95
CA ALA A 17 0.96 3.07 2.65
C ALA A 17 0.90 3.74 4.00
N ILE A 18 -0.27 3.78 4.57
CA ILE A 18 -0.48 4.39 5.85
C ILE A 18 -0.32 3.34 6.95
N TRP A 19 0.68 3.53 7.78
CA TRP A 19 0.90 2.64 8.89
C TRP A 19 -0.25 2.77 9.85
N SER A 20 -0.96 1.71 10.09
CA SER A 20 -2.15 1.79 10.94
C SER A 20 -1.79 2.15 12.40
N GLU A 21 -0.52 2.02 12.75
CA GLU A 21 -0.10 2.32 14.10
C GLU A 21 0.11 3.80 14.31
N ASP A 22 0.71 4.45 13.35
CA ASP A 22 1.03 5.87 13.54
C ASP A 22 0.22 6.72 12.61
N GLY A 23 -0.32 6.09 11.60
CA GLY A 23 -1.18 6.77 10.63
C GLY A 23 -0.38 7.53 9.60
N CYS A 24 0.91 7.34 9.59
CA CYS A 24 1.76 8.02 8.67
C CYS A 24 2.04 7.22 7.39
N ILE A 25 2.47 7.94 6.36
CA ILE A 25 2.87 7.36 5.09
C ILE A 25 4.25 6.74 5.21
N TYR A 26 4.37 5.53 4.79
CA TYR A 26 5.64 4.83 4.76
C TYR A 26 5.76 4.03 3.48
N PRO A 27 6.99 3.83 2.98
CA PRO A 27 7.23 3.07 1.75
C PRO A 27 6.97 1.59 1.99
N ALA A 28 6.18 1.01 1.15
CA ALA A 28 5.83 -0.36 1.30
C ALA A 28 5.62 -0.99 -0.05
N THR A 29 5.87 -2.24 -0.14
CA THR A 29 5.68 -2.94 -1.37
C THR A 29 4.51 -3.90 -1.17
N ILE A 30 3.78 -4.12 -2.22
CA ILE A 30 2.60 -4.97 -2.16
C ILE A 30 3.00 -6.44 -2.16
N ALA A 31 2.60 -7.15 -1.15
CA ALA A 31 2.91 -8.55 -1.00
C ALA A 31 1.80 -9.41 -1.52
N SER A 32 0.57 -8.93 -1.41
CA SER A 32 -0.59 -9.69 -1.87
C SER A 32 -1.74 -8.74 -2.09
N ILE A 33 -2.61 -9.02 -3.04
CA ILE A 33 -3.78 -8.23 -3.30
C ILE A 33 -5.01 -9.10 -3.34
N ASP A 34 -6.07 -8.61 -2.77
CA ASP A 34 -7.36 -9.22 -2.86
C ASP A 34 -8.17 -8.29 -3.70
N PHE A 35 -8.30 -8.61 -4.94
CA PHE A 35 -8.97 -7.75 -5.88
C PHE A 35 -10.46 -7.66 -5.60
N LYS A 36 -11.01 -8.68 -4.93
CA LYS A 36 -12.41 -8.67 -4.58
C LYS A 36 -12.69 -7.71 -3.45
N ARG A 37 -11.80 -7.69 -2.45
CA ARG A 37 -11.99 -6.79 -1.31
C ARG A 37 -11.39 -5.44 -1.59
N GLU A 38 -10.67 -5.36 -2.70
CA GLU A 38 -9.98 -4.17 -3.13
C GLU A 38 -8.93 -3.79 -2.07
N THR A 39 -8.37 -4.80 -1.42
CA THR A 39 -7.39 -4.62 -0.39
C THR A 39 -6.12 -5.36 -0.75
N CYS A 40 -5.03 -4.97 -0.17
CA CYS A 40 -3.77 -5.58 -0.40
C CYS A 40 -2.90 -5.52 0.84
N VAL A 41 -2.02 -6.45 0.98
CA VAL A 41 -1.09 -6.46 2.08
C VAL A 41 0.20 -5.84 1.59
N VAL A 42 0.71 -4.93 2.35
CA VAL A 42 1.92 -4.24 1.98
C VAL A 42 2.97 -4.48 3.03
N VAL A 43 4.19 -4.57 2.57
CA VAL A 43 5.32 -4.77 3.43
C VAL A 43 6.12 -3.51 3.44
N TYR A 44 6.26 -2.94 4.59
CA TYR A 44 6.98 -1.71 4.76
C TYR A 44 8.46 -1.95 4.62
N THR A 45 9.00 -1.33 3.63
CA THR A 45 10.38 -1.45 3.29
C THR A 45 11.24 -0.92 4.43
N GLY A 46 12.22 -1.69 4.81
CA GLY A 46 13.11 -1.30 5.86
C GLY A 46 12.66 -1.81 7.20
N TYR A 47 11.39 -2.11 7.32
CA TYR A 47 10.84 -2.60 8.58
C TYR A 47 10.48 -4.07 8.50
N GLY A 48 9.92 -4.48 7.38
CA GLY A 48 9.54 -5.86 7.24
C GLY A 48 8.12 -6.11 7.70
N ASN A 49 7.47 -5.07 8.16
CA ASN A 49 6.09 -5.18 8.62
C ASN A 49 5.17 -5.31 7.47
N ARG A 50 4.11 -5.98 7.66
CA ARG A 50 3.13 -6.15 6.64
C ARG A 50 1.76 -5.96 7.21
N GLU A 51 0.94 -5.24 6.50
CA GLU A 51 -0.41 -4.99 6.93
C GLU A 51 -1.27 -4.76 5.73
N GLU A 52 -2.54 -4.95 5.88
CA GLU A 52 -3.44 -4.87 4.79
C GLU A 52 -4.03 -3.46 4.70
N GLN A 53 -4.02 -2.95 3.51
CA GLN A 53 -4.49 -1.63 3.16
C GLN A 53 -5.34 -1.76 1.94
N ASN A 54 -6.12 -0.77 1.64
CA ASN A 54 -6.96 -0.84 0.45
C ASN A 54 -6.15 -0.41 -0.75
N LEU A 55 -6.49 -0.92 -1.92
CA LEU A 55 -5.82 -0.54 -3.18
C LEU A 55 -6.06 0.93 -3.42
N SER A 56 -7.22 1.35 -3.05
CA SER A 56 -7.68 2.68 -3.15
C SER A 56 -6.91 3.59 -2.19
N ASP A 57 -6.54 3.01 -1.09
CA ASP A 57 -5.86 3.69 0.01
C ASP A 57 -4.36 3.76 -0.20
N LEU A 58 -3.85 2.97 -1.11
CA LEU A 58 -2.41 2.98 -1.44
C LEU A 58 -1.99 4.30 -2.05
N LEU A 59 -0.77 4.69 -1.78
CA LEU A 59 -0.24 5.90 -2.31
C LEU A 59 0.95 5.62 -3.19
N SER A 60 1.28 6.58 -4.01
CA SER A 60 2.34 6.50 -4.94
C SER A 60 3.69 6.33 -4.20
N PRO A 61 4.55 5.45 -4.70
CA PRO A 61 5.87 5.17 -4.08
C PRO A 61 6.85 6.32 -4.23
N ILE A 62 7.99 6.16 -3.63
CA ILE A 62 9.06 7.11 -3.70
C ILE A 62 10.25 6.46 -4.35
N CYS A 63 11.35 7.17 -4.44
CA CYS A 63 12.53 6.63 -5.06
C CYS A 63 13.20 5.62 -4.15
N GLU A 64 13.57 4.50 -4.75
CA GLU A 64 14.21 3.38 -4.08
C GLU A 64 13.33 2.84 -2.96
C1 DA2 B . 5.76 1.65 8.70
C2 DA2 B . 6.04 -0.63 9.61
N DA2 B . 8.69 -4.01 14.10
CA DA2 B . 8.22 -2.71 14.55
CB DA2 B . 8.36 -1.68 13.43
CG DA2 B . 8.00 -0.27 13.86
CD DA2 B . 8.24 0.73 12.75
NE DA2 B . 7.45 0.41 11.58
CZ DA2 B . 6.98 1.26 10.70
NH2 DA2 B . 7.20 2.55 10.80
NH1 DA2 B . 6.29 0.79 9.71
C DA2 B . 6.79 -2.85 14.99
O DA2 B . 6.49 -2.59 16.15
OXT DA2 B . 5.99 -3.34 14.20
H2 DA2 B . 9.68 -3.98 13.78
HC11 DA2 B . 6.46 2.44 8.47
H3 DA2 B . 8.09 -4.34 13.32
HC12 DA2 B . 5.55 1.10 7.80
HC13 DA2 B . 4.83 2.09 9.06
HC21 DA2 B . 6.98 -1.16 9.53
HC22 DA2 B . 5.51 -0.96 10.49
HC23 DA2 B . 5.44 -0.84 8.74
H DA2 B . 8.60 -4.70 14.87
HA DA2 B . 8.82 -2.41 15.41
HCB1 DA2 B . 7.71 -1.97 12.62
HCB2 DA2 B . 9.38 -1.68 13.08
HCG1 DA2 B . 8.58 0.01 14.73
HCG2 DA2 B . 6.94 -0.26 14.10
HCD1 DA2 B . 9.28 0.69 12.47
HCD2 DA2 B . 7.97 1.71 13.09
HNE DA2 B . 7.22 -0.52 11.43
HNH2 DA2 B . 7.73 2.98 11.54
HH1 DA2 B . 6.81 3.15 10.09
N ASN A 1 -11.27 14.03 2.16
CA ASN A 1 -11.85 13.46 0.94
C ASN A 1 -10.73 13.20 -0.03
N THR A 2 -10.83 12.17 -0.83
CA THR A 2 -9.79 11.86 -1.75
C THR A 2 -10.35 11.53 -3.13
N ALA A 3 -9.60 11.86 -4.12
CA ALA A 3 -9.93 11.56 -5.48
C ALA A 3 -9.00 10.47 -5.98
N ALA A 4 -8.09 10.05 -5.12
CA ALA A 4 -7.13 9.06 -5.48
C ALA A 4 -7.60 7.70 -5.05
N SER A 5 -8.41 7.11 -5.86
CA SER A 5 -8.94 5.80 -5.63
C SER A 5 -9.07 5.09 -6.97
N LEU A 6 -8.15 5.41 -7.85
CA LEU A 6 -8.14 4.88 -9.22
C LEU A 6 -6.85 4.11 -9.49
N GLN A 7 -6.14 3.79 -8.44
CA GLN A 7 -4.87 3.13 -8.56
C GLN A 7 -5.06 1.64 -8.76
N GLN A 8 -4.48 1.12 -9.80
CA GLN A 8 -4.59 -0.29 -10.08
C GLN A 8 -3.23 -0.91 -9.88
N TRP A 9 -3.12 -1.67 -8.85
CA TRP A 9 -1.85 -2.21 -8.44
C TRP A 9 -1.71 -3.66 -8.85
N LYS A 10 -0.49 -4.14 -8.83
CA LYS A 10 -0.19 -5.52 -9.07
C LYS A 10 0.70 -5.97 -7.91
N VAL A 11 0.73 -7.25 -7.62
CA VAL A 11 1.60 -7.77 -6.60
C VAL A 11 3.04 -7.53 -7.05
N GLY A 12 3.82 -6.91 -6.20
CA GLY A 12 5.16 -6.59 -6.55
C GLY A 12 5.33 -5.14 -6.97
N ASP A 13 4.35 -4.32 -6.68
CA ASP A 13 4.45 -2.89 -6.94
C ASP A 13 4.90 -2.20 -5.69
N LYS A 14 5.76 -1.24 -5.84
CA LYS A 14 6.16 -0.42 -4.73
C LYS A 14 5.10 0.63 -4.54
N CYS A 15 4.83 0.97 -3.34
CA CYS A 15 3.83 1.95 -3.04
C CYS A 15 4.13 2.59 -1.70
N SER A 16 3.22 3.36 -1.23
CA SER A 16 3.34 3.92 0.06
C SER A 16 2.03 3.67 0.75
N ALA A 17 2.08 3.39 1.99
CA ALA A 17 0.92 3.04 2.72
C ALA A 17 0.89 3.78 4.03
N ILE A 18 -0.29 3.87 4.62
CA ILE A 18 -0.45 4.54 5.89
C ILE A 18 -0.31 3.53 7.00
N TRP A 19 0.65 3.73 7.87
CA TRP A 19 0.87 2.83 8.97
C TRP A 19 -0.29 2.92 9.93
N SER A 20 -0.89 1.80 10.24
CA SER A 20 -2.03 1.76 11.15
C SER A 20 -1.70 2.31 12.53
N GLU A 21 -0.46 2.23 12.90
CA GLU A 21 -0.08 2.61 14.23
C GLU A 21 0.16 4.10 14.38
N ASP A 22 0.83 4.68 13.41
CA ASP A 22 1.18 6.09 13.56
C ASP A 22 0.39 6.95 12.59
N GLY A 23 -0.18 6.31 11.60
CA GLY A 23 -1.00 7.02 10.63
C GLY A 23 -0.19 7.70 9.57
N CYS A 24 1.11 7.48 9.58
CA CYS A 24 1.98 8.13 8.63
C CYS A 24 2.24 7.31 7.37
N ILE A 25 2.68 7.99 6.32
CA ILE A 25 3.05 7.38 5.06
C ILE A 25 4.42 6.75 5.18
N TYR A 26 4.51 5.51 4.81
CA TYR A 26 5.76 4.80 4.78
C TYR A 26 5.87 4.00 3.50
N PRO A 27 7.09 3.77 3.00
CA PRO A 27 7.30 2.98 1.79
C PRO A 27 6.98 1.51 2.04
N ALA A 28 6.16 0.95 1.21
CA ALA A 28 5.78 -0.42 1.35
C ALA A 28 5.59 -1.04 0.00
N THR A 29 5.83 -2.29 -0.09
CA THR A 29 5.69 -2.99 -1.34
C THR A 29 4.52 -3.93 -1.19
N ILE A 30 3.83 -4.16 -2.27
CA ILE A 30 2.66 -5.01 -2.24
C ILE A 30 3.07 -6.46 -2.31
N ALA A 31 2.71 -7.19 -1.29
CA ALA A 31 3.06 -8.58 -1.18
C ALA A 31 1.95 -9.47 -1.70
N SER A 32 0.72 -8.99 -1.62
CA SER A 32 -0.45 -9.75 -2.09
C SER A 32 -1.62 -8.79 -2.28
N ILE A 33 -2.48 -9.06 -3.25
CA ILE A 33 -3.68 -8.26 -3.49
C ILE A 33 -4.90 -9.15 -3.58
N ASP A 34 -5.95 -8.74 -2.93
CA ASP A 34 -7.22 -9.38 -3.06
C ASP A 34 -8.11 -8.39 -3.76
N PHE A 35 -8.33 -8.61 -5.03
CA PHE A 35 -9.10 -7.69 -5.85
C PHE A 35 -10.55 -7.68 -5.42
N LYS A 36 -11.01 -8.77 -4.83
CA LYS A 36 -12.39 -8.86 -4.39
C LYS A 36 -12.64 -7.97 -3.19
N ARG A 37 -11.69 -7.92 -2.27
CA ARG A 37 -11.82 -7.04 -1.10
C ARG A 37 -11.35 -5.65 -1.44
N GLU A 38 -10.73 -5.51 -2.62
CA GLU A 38 -10.08 -4.28 -3.05
C GLU A 38 -8.93 -3.93 -2.05
N THR A 39 -8.38 -4.93 -1.42
CA THR A 39 -7.35 -4.71 -0.45
C THR A 39 -6.12 -5.51 -0.78
N CYS A 40 -5.02 -5.11 -0.24
CA CYS A 40 -3.77 -5.74 -0.47
C CYS A 40 -2.89 -5.63 0.74
N VAL A 41 -1.99 -6.56 0.87
CA VAL A 41 -1.08 -6.57 1.97
C VAL A 41 0.20 -5.91 1.50
N VAL A 42 0.68 -5.00 2.28
CA VAL A 42 1.86 -4.30 1.94
C VAL A 42 2.90 -4.56 3.02
N VAL A 43 4.12 -4.63 2.61
CA VAL A 43 5.22 -4.84 3.50
C VAL A 43 6.04 -3.58 3.54
N TYR A 44 6.15 -3.01 4.69
CA TYR A 44 6.89 -1.78 4.86
C TYR A 44 8.35 -2.02 4.72
N THR A 45 8.91 -1.35 3.77
CA THR A 45 10.28 -1.44 3.42
C THR A 45 11.16 -0.94 4.58
N GLY A 46 12.17 -1.70 4.93
CA GLY A 46 13.06 -1.33 6.00
C GLY A 46 12.58 -1.83 7.33
N TYR A 47 11.31 -2.14 7.42
CA TYR A 47 10.77 -2.63 8.66
C TYR A 47 10.47 -4.11 8.58
N GLY A 48 9.78 -4.51 7.54
CA GLY A 48 9.43 -5.91 7.40
C GLY A 48 8.04 -6.19 7.91
N ASN A 49 7.36 -5.13 8.31
CA ASN A 49 5.99 -5.24 8.77
C ASN A 49 5.07 -5.39 7.61
N ARG A 50 3.95 -6.00 7.83
CA ARG A 50 2.98 -6.18 6.80
C ARG A 50 1.61 -5.88 7.35
N GLU A 51 0.81 -5.23 6.57
CA GLU A 51 -0.54 -4.93 6.96
C GLU A 51 -1.36 -4.79 5.69
N GLU A 52 -2.63 -4.94 5.81
CA GLU A 52 -3.52 -4.93 4.69
C GLU A 52 -4.16 -3.55 4.52
N GLN A 53 -4.08 -3.06 3.33
CA GLN A 53 -4.59 -1.75 2.96
C GLN A 53 -5.47 -1.86 1.77
N ASN A 54 -6.25 -0.86 1.52
CA ASN A 54 -7.08 -0.83 0.35
C ASN A 54 -6.25 -0.37 -0.80
N LEU A 55 -6.56 -0.85 -1.96
CA LEU A 55 -5.87 -0.47 -3.21
C LEU A 55 -6.03 1.03 -3.46
N SER A 56 -7.15 1.53 -3.01
CA SER A 56 -7.51 2.87 -3.12
C SER A 56 -6.80 3.73 -2.06
N ASP A 57 -6.41 3.09 -0.97
CA ASP A 57 -5.76 3.78 0.15
C ASP A 57 -4.32 3.93 -0.15
N LEU A 58 -3.80 2.98 -0.88
CA LEU A 58 -2.41 2.99 -1.30
C LEU A 58 -2.06 4.24 -2.05
N LEU A 59 -0.89 4.72 -1.79
CA LEU A 59 -0.41 5.89 -2.42
C LEU A 59 0.74 5.51 -3.31
N SER A 60 1.08 6.38 -4.23
CA SER A 60 2.16 6.16 -5.15
C SER A 60 3.45 6.06 -4.33
N PRO A 61 4.41 5.24 -4.77
CA PRO A 61 5.66 5.04 -4.05
C PRO A 61 6.46 6.31 -3.94
N ILE A 62 7.42 6.26 -3.11
CA ILE A 62 8.28 7.38 -2.86
C ILE A 62 9.67 7.04 -3.31
N CYS A 63 10.45 8.03 -3.54
CA CYS A 63 11.79 7.82 -3.98
C CYS A 63 12.71 7.90 -2.79
N GLU A 64 13.50 6.90 -2.62
CA GLU A 64 14.42 6.84 -1.52
C GLU A 64 15.79 6.66 -2.07
C1 DA2 B . 5.67 1.70 8.80
C2 DA2 B . 5.89 -0.60 9.71
N DA2 B . 8.26 -4.21 13.83
CA DA2 B . 8.13 -2.89 14.46
CB DA2 B . 8.32 -1.78 13.42
CG DA2 B . 7.92 -0.39 13.92
CD DA2 B . 8.12 0.67 12.85
NE DA2 B . 7.32 0.39 11.69
CZ DA2 B . 6.89 1.26 10.80
NH2 DA2 B . 7.16 2.55 10.89
NH1 DA2 B . 6.18 0.81 9.81
C DA2 B . 6.77 -2.81 15.10
O DA2 B . 6.68 -2.61 16.32
OXT DA2 B . 5.77 -2.99 14.38
H2 DA2 B . 8.12 -4.96 14.54
HC11 DA2 B . 6.50 2.23 8.34
H3 DA2 B . 9.19 -4.34 13.39
HC12 DA2 B . 5.14 1.14 8.04
HC13 DA2 B . 5.01 2.41 9.26
HC21 DA2 B . 6.81 -1.14 9.56
HC22 DA2 B . 5.41 -0.94 10.62
HC23 DA2 B . 5.23 -0.79 8.88
H DA2 B . 7.52 -4.33 13.10
HA DA2 B . 8.88 -2.82 15.24
HCB1 DA2 B . 7.72 -2.01 12.56
HCB2 DA2 B . 9.36 -1.74 13.13
HCG1 DA2 B . 8.51 -0.14 14.79
HCG2 DA2 B . 6.87 -0.41 14.16
HCD1 DA2 B . 9.16 0.67 12.56
HCD2 DA2 B . 7.85 1.64 13.25
HNE DA2 B . 7.06 -0.54 11.54
HNH2 DA2 B . 7.71 2.94 11.63
HH1 DA2 B . 6.81 3.13 10.18
N ASN A 1 -13.04 14.57 -5.03
CA ASN A 1 -13.47 13.32 -5.68
C ASN A 1 -12.28 12.48 -6.08
N THR A 2 -11.20 13.13 -6.50
CA THR A 2 -10.03 12.44 -6.92
C THR A 2 -9.24 11.88 -5.72
N ALA A 3 -9.58 10.67 -5.33
CA ALA A 3 -8.95 10.03 -4.20
C ALA A 3 -8.00 8.94 -4.67
N ALA A 4 -7.88 8.81 -6.00
CA ALA A 4 -7.01 7.81 -6.65
C ALA A 4 -7.48 6.39 -6.33
N SER A 5 -8.75 6.27 -6.03
CA SER A 5 -9.36 5.02 -5.66
C SER A 5 -9.64 4.13 -6.88
N LEU A 6 -8.95 4.40 -7.95
CA LEU A 6 -9.12 3.69 -9.19
C LEU A 6 -7.77 3.31 -9.79
N GLN A 7 -6.78 3.24 -8.94
CA GLN A 7 -5.45 2.85 -9.36
C GLN A 7 -5.32 1.35 -9.45
N GLN A 8 -4.62 0.88 -10.44
CA GLN A 8 -4.45 -0.52 -10.60
C GLN A 8 -3.07 -0.91 -10.15
N TRP A 9 -3.03 -1.67 -9.12
CA TRP A 9 -1.81 -2.14 -8.57
C TRP A 9 -1.63 -3.60 -8.89
N LYS A 10 -0.41 -4.09 -8.79
CA LYS A 10 -0.09 -5.48 -8.98
C LYS A 10 0.78 -5.95 -7.82
N VAL A 11 0.86 -7.23 -7.63
CA VAL A 11 1.71 -7.81 -6.59
C VAL A 11 3.17 -7.51 -6.89
N GLY A 12 3.89 -7.00 -5.91
CA GLY A 12 5.28 -6.67 -6.10
C GLY A 12 5.45 -5.27 -6.61
N ASP A 13 4.47 -4.42 -6.37
CA ASP A 13 4.53 -3.03 -6.81
C ASP A 13 4.91 -2.19 -5.62
N LYS A 14 5.74 -1.20 -5.82
CA LYS A 14 6.13 -0.32 -4.75
C LYS A 14 5.10 0.77 -4.58
N CYS A 15 4.83 1.12 -3.37
CA CYS A 15 3.85 2.11 -3.07
C CYS A 15 4.15 2.73 -1.72
N SER A 16 3.24 3.51 -1.24
CA SER A 16 3.33 4.04 0.06
C SER A 16 2.03 3.77 0.74
N ALA A 17 2.09 3.46 1.96
CA ALA A 17 0.93 3.08 2.70
C ALA A 17 0.87 3.83 4.01
N ILE A 18 -0.30 3.88 4.58
CA ILE A 18 -0.49 4.53 5.86
C ILE A 18 -0.33 3.50 6.94
N TRP A 19 0.66 3.68 7.78
CA TRP A 19 0.92 2.77 8.85
C TRP A 19 -0.21 2.82 9.82
N SER A 20 -0.79 1.70 10.10
CA SER A 20 -1.89 1.59 11.01
C SER A 20 -1.58 2.15 12.40
N GLU A 21 -0.35 2.06 12.77
CA GLU A 21 0.03 2.41 14.10
C GLU A 21 0.30 3.88 14.27
N ASP A 22 0.94 4.50 13.31
CA ASP A 22 1.30 5.90 13.47
C ASP A 22 0.46 6.78 12.58
N GLY A 23 -0.17 6.15 11.59
CA GLY A 23 -1.04 6.85 10.67
C GLY A 23 -0.30 7.58 9.58
N CYS A 24 1.00 7.43 9.57
CA CYS A 24 1.81 8.15 8.62
C CYS A 24 2.10 7.35 7.36
N ILE A 25 2.53 8.06 6.32
CA ILE A 25 2.93 7.46 5.07
C ILE A 25 4.31 6.84 5.22
N TYR A 26 4.43 5.62 4.84
CA TYR A 26 5.69 4.90 4.86
C TYR A 26 5.82 4.11 3.57
N PRO A 27 7.06 3.86 3.11
CA PRO A 27 7.30 3.09 1.90
C PRO A 27 6.98 1.62 2.13
N ALA A 28 6.17 1.05 1.27
CA ALA A 28 5.78 -0.32 1.39
C ALA A 28 5.54 -0.90 0.05
N THR A 29 5.83 -2.14 -0.10
CA THR A 29 5.65 -2.79 -1.36
C THR A 29 4.52 -3.80 -1.23
N ILE A 30 3.78 -4.01 -2.29
CA ILE A 30 2.64 -4.89 -2.27
C ILE A 30 3.09 -6.34 -2.28
N ALA A 31 2.66 -7.09 -1.30
CA ALA A 31 3.03 -8.47 -1.18
C ALA A 31 1.95 -9.37 -1.76
N SER A 32 0.70 -8.96 -1.65
CA SER A 32 -0.44 -9.74 -2.14
C SER A 32 -1.64 -8.83 -2.30
N ILE A 33 -2.49 -9.09 -3.28
CA ILE A 33 -3.69 -8.29 -3.51
C ILE A 33 -4.93 -9.17 -3.50
N ASP A 34 -5.94 -8.71 -2.84
CA ASP A 34 -7.24 -9.34 -2.88
C ASP A 34 -8.16 -8.37 -3.57
N PHE A 35 -8.43 -8.61 -4.82
CA PHE A 35 -9.26 -7.73 -5.62
C PHE A 35 -10.71 -7.74 -5.15
N LYS A 36 -11.11 -8.82 -4.50
CA LYS A 36 -12.46 -8.95 -4.00
C LYS A 36 -12.70 -8.02 -2.81
N ARG A 37 -11.69 -7.88 -1.97
CA ARG A 37 -11.80 -6.97 -0.82
C ARG A 37 -11.38 -5.57 -1.22
N GLU A 38 -10.82 -5.47 -2.44
CA GLU A 38 -10.20 -4.24 -2.95
C GLU A 38 -9.01 -3.87 -2.03
N THR A 39 -8.39 -4.87 -1.43
CA THR A 39 -7.31 -4.64 -0.49
C THR A 39 -6.07 -5.41 -0.88
N CYS A 40 -4.97 -5.04 -0.33
CA CYS A 40 -3.72 -5.68 -0.55
C CYS A 40 -2.85 -5.59 0.67
N VAL A 41 -1.98 -6.52 0.81
CA VAL A 41 -1.07 -6.54 1.92
C VAL A 41 0.20 -5.89 1.46
N VAL A 42 0.69 -4.97 2.24
CA VAL A 42 1.89 -4.29 1.91
C VAL A 42 2.93 -4.54 2.97
N VAL A 43 4.15 -4.61 2.55
CA VAL A 43 5.25 -4.81 3.44
C VAL A 43 6.04 -3.54 3.50
N TYR A 44 6.13 -2.99 4.66
CA TYR A 44 6.86 -1.76 4.87
C TYR A 44 8.33 -2.00 4.77
N THR A 45 8.91 -1.31 3.85
CA THR A 45 10.29 -1.42 3.51
C THR A 45 11.18 -1.06 4.69
N GLY A 46 12.15 -1.91 4.96
CA GLY A 46 13.11 -1.66 6.00
C GLY A 46 12.62 -2.10 7.36
N TYR A 47 11.34 -2.32 7.47
CA TYR A 47 10.75 -2.73 8.73
C TYR A 47 10.41 -4.20 8.73
N GLY A 48 9.83 -4.65 7.64
CA GLY A 48 9.45 -6.04 7.53
C GLY A 48 8.04 -6.27 8.05
N ASN A 49 7.33 -5.20 8.26
CA ASN A 49 5.95 -5.26 8.73
C ASN A 49 5.06 -5.44 7.56
N ARG A 50 3.95 -6.06 7.78
CA ARG A 50 3.00 -6.28 6.73
C ARG A 50 1.61 -6.03 7.26
N GLU A 51 0.83 -5.32 6.49
CA GLU A 51 -0.51 -5.00 6.86
C GLU A 51 -1.34 -4.78 5.60
N GLU A 52 -2.63 -4.91 5.72
CA GLU A 52 -3.49 -4.88 4.58
C GLU A 52 -4.16 -3.52 4.43
N GLN A 53 -4.01 -2.99 3.25
CA GLN A 53 -4.51 -1.68 2.86
C GLN A 53 -5.41 -1.81 1.68
N ASN A 54 -6.17 -0.81 1.42
CA ASN A 54 -7.04 -0.82 0.27
C ASN A 54 -6.25 -0.37 -0.92
N LEU A 55 -6.56 -0.92 -2.08
CA LEU A 55 -5.91 -0.56 -3.36
C LEU A 55 -6.12 0.93 -3.62
N SER A 56 -7.25 1.39 -3.18
CA SER A 56 -7.68 2.71 -3.28
C SER A 56 -6.96 3.65 -2.30
N ASP A 57 -6.45 3.08 -1.24
CA ASP A 57 -5.83 3.87 -0.15
C ASP A 57 -4.37 4.00 -0.38
N LEU A 58 -3.85 3.11 -1.20
CA LEU A 58 -2.44 3.09 -1.57
C LEU A 58 -2.02 4.36 -2.25
N LEU A 59 -0.83 4.80 -1.93
CA LEU A 59 -0.31 5.99 -2.53
C LEU A 59 0.89 5.66 -3.37
N SER A 60 1.25 6.57 -4.24
CA SER A 60 2.38 6.41 -5.12
C SER A 60 3.66 6.30 -4.25
N PRO A 61 4.61 5.42 -4.63
CA PRO A 61 5.81 5.16 -3.85
C PRO A 61 6.65 6.39 -3.62
N ILE A 62 7.48 6.31 -2.64
CA ILE A 62 8.30 7.42 -2.24
C ILE A 62 9.74 7.02 -2.21
N CYS A 63 10.59 7.95 -1.83
CA CYS A 63 12.00 7.75 -1.78
C CYS A 63 12.37 6.79 -0.66
N GLU A 64 13.23 5.89 -0.96
CA GLU A 64 13.66 4.90 -0.02
C GLU A 64 15.17 4.96 0.13
C1 DA2 B . 5.82 1.70 8.73
C2 DA2 B . 5.91 -0.60 9.66
N DA2 B . 8.60 -4.28 13.62
CA DA2 B . 8.29 -3.04 14.30
CB DA2 B . 8.34 -1.87 13.30
CG DA2 B . 7.95 -0.52 13.87
CD DA2 B . 8.14 0.59 12.84
NE DA2 B . 7.34 0.34 11.66
CZ DA2 B . 6.97 1.22 10.76
NH2 DA2 B . 7.30 2.48 10.84
NH1 DA2 B . 6.26 0.80 9.76
C DA2 B . 6.93 -3.19 14.94
O DA2 B . 6.83 -3.07 16.17
OXT DA2 B . 5.97 -3.51 14.22
H2 DA2 B . 8.53 -5.06 14.32
HC11 DA2 B . 5.43 1.13 7.90
H3 DA2 B . 9.55 -4.28 13.20
HC12 DA2 B . 5.05 2.35 9.12
HC13 DA2 B . 6.65 2.29 8.40
HC21 DA2 B . 5.45 -0.93 10.58
HC22 DA2 B . 5.22 -0.76 8.84
HC23 DA2 B . 6.80 -1.18 9.49
H DA2 B . 7.88 -4.45 12.88
HA DA2 B . 9.03 -2.89 15.09
HCB1 DA2 B . 7.67 -2.09 12.49
HCB2 DA2 B . 9.34 -1.77 12.91
HCG1 DA2 B . 8.55 -0.29 14.74
HCG2 DA2 B . 6.90 -0.55 14.14
HCD1 DA2 B . 9.17 0.61 12.55
HCD2 DA2 B . 7.85 1.54 13.27
HNE DA2 B . 7.03 -0.58 11.51
HNH2 DA2 B . 7.86 2.86 11.58
HH1 DA2 B . 7.01 3.09 10.09
N ASN A 1 -6.75 7.44 -2.71
CA ASN A 1 -8.15 7.87 -2.51
C ASN A 1 -8.37 9.18 -3.21
N THR A 2 -7.80 10.23 -2.67
CA THR A 2 -7.98 11.55 -3.19
C THR A 2 -7.28 11.68 -4.56
N ALA A 3 -8.10 11.91 -5.59
CA ALA A 3 -7.70 12.05 -7.01
C ALA A 3 -7.33 10.70 -7.64
N ALA A 4 -7.36 9.64 -6.85
CA ALA A 4 -7.00 8.33 -7.33
C ALA A 4 -7.64 7.25 -6.49
N SER A 5 -8.78 6.78 -6.92
CA SER A 5 -9.48 5.74 -6.22
C SER A 5 -9.61 4.51 -7.12
N LEU A 6 -9.29 4.69 -8.36
CA LEU A 6 -9.39 3.65 -9.37
C LEU A 6 -8.03 3.04 -9.66
N GLN A 7 -7.11 3.20 -8.72
CA GLN A 7 -5.74 2.74 -8.87
C GLN A 7 -5.67 1.23 -9.00
N GLN A 8 -5.02 0.77 -10.01
CA GLN A 8 -4.86 -0.64 -10.21
C GLN A 8 -3.43 -1.02 -9.99
N TRP A 9 -3.21 -1.74 -8.94
CA TRP A 9 -1.90 -2.18 -8.53
C TRP A 9 -1.73 -3.65 -8.83
N LYS A 10 -0.48 -4.12 -8.84
CA LYS A 10 -0.21 -5.52 -9.00
C LYS A 10 0.76 -5.95 -7.89
N VAL A 11 0.84 -7.23 -7.63
CA VAL A 11 1.74 -7.77 -6.63
C VAL A 11 3.19 -7.50 -7.03
N GLY A 12 3.95 -6.92 -6.12
CA GLY A 12 5.34 -6.64 -6.37
C GLY A 12 5.62 -5.20 -6.73
N ASP A 13 4.62 -4.37 -6.61
CA ASP A 13 4.81 -2.94 -6.90
C ASP A 13 5.05 -2.22 -5.63
N LYS A 14 5.79 -1.18 -5.75
CA LYS A 14 6.17 -0.37 -4.67
C LYS A 14 5.16 0.71 -4.51
N CYS A 15 4.87 1.00 -3.32
CA CYS A 15 3.89 1.99 -3.01
C CYS A 15 4.20 2.62 -1.66
N SER A 16 3.28 3.37 -1.18
CA SER A 16 3.34 3.91 0.12
C SER A 16 2.03 3.62 0.77
N ALA A 17 2.06 3.40 2.02
CA ALA A 17 0.90 3.03 2.74
C ALA A 17 0.84 3.79 4.03
N ILE A 18 -0.32 3.86 4.61
CA ILE A 18 -0.52 4.50 5.88
C ILE A 18 -0.35 3.46 6.94
N TRP A 19 0.60 3.65 7.83
CA TRP A 19 0.85 2.73 8.90
C TRP A 19 -0.28 2.77 9.89
N SER A 20 -0.85 1.63 10.19
CA SER A 20 -1.94 1.52 11.14
C SER A 20 -1.59 2.07 12.51
N GLU A 21 -0.34 2.02 12.85
CA GLU A 21 0.05 2.39 14.18
C GLU A 21 0.26 3.88 14.32
N ASP A 22 0.90 4.49 13.35
CA ASP A 22 1.26 5.91 13.49
C ASP A 22 0.37 6.75 12.60
N GLY A 23 -0.23 6.10 11.62
CA GLY A 23 -1.11 6.80 10.68
C GLY A 23 -0.36 7.56 9.61
N CYS A 24 0.95 7.41 9.59
CA CYS A 24 1.77 8.10 8.63
C CYS A 24 2.04 7.31 7.36
N ILE A 25 2.49 7.99 6.33
CA ILE A 25 2.87 7.38 5.06
C ILE A 25 4.25 6.76 5.21
N TYR A 26 4.36 5.54 4.81
CA TYR A 26 5.62 4.83 4.78
C TYR A 26 5.73 4.03 3.50
N PRO A 27 6.95 3.83 2.98
CA PRO A 27 7.16 3.06 1.77
C PRO A 27 6.91 1.59 2.02
N ALA A 28 6.10 1.00 1.19
CA ALA A 28 5.76 -0.38 1.34
C ALA A 28 5.60 -1.02 0.00
N THR A 29 5.82 -2.28 -0.06
CA THR A 29 5.67 -2.97 -1.31
C THR A 29 4.49 -3.90 -1.19
N ILE A 30 3.80 -4.12 -2.28
CA ILE A 30 2.65 -4.98 -2.30
C ILE A 30 3.07 -6.44 -2.29
N ALA A 31 2.62 -7.14 -1.29
CA ALA A 31 2.94 -8.54 -1.14
C ALA A 31 1.87 -9.39 -1.77
N SER A 32 0.62 -8.99 -1.62
CA SER A 32 -0.50 -9.74 -2.15
C SER A 32 -1.71 -8.83 -2.27
N ILE A 33 -2.57 -9.07 -3.24
CA ILE A 33 -3.76 -8.27 -3.46
C ILE A 33 -4.99 -9.14 -3.50
N ASP A 34 -6.02 -8.71 -2.82
CA ASP A 34 -7.32 -9.33 -2.92
C ASP A 34 -8.21 -8.33 -3.58
N PHE A 35 -8.41 -8.51 -4.85
CA PHE A 35 -9.14 -7.56 -5.67
C PHE A 35 -10.59 -7.47 -5.24
N LYS A 36 -11.10 -8.56 -4.68
CA LYS A 36 -12.47 -8.62 -4.24
C LYS A 36 -12.68 -7.81 -2.97
N ARG A 37 -11.72 -7.86 -2.04
CA ARG A 37 -11.83 -7.04 -0.83
C ARG A 37 -11.37 -5.63 -1.14
N GLU A 38 -10.80 -5.47 -2.35
CA GLU A 38 -10.19 -4.23 -2.83
C GLU A 38 -8.99 -3.88 -1.92
N THR A 39 -8.41 -4.87 -1.30
CA THR A 39 -7.35 -4.62 -0.38
C THR A 39 -6.12 -5.42 -0.74
N CYS A 40 -5.01 -5.02 -0.22
CA CYS A 40 -3.77 -5.66 -0.48
C CYS A 40 -2.88 -5.56 0.73
N VAL A 41 -2.02 -6.50 0.88
CA VAL A 41 -1.09 -6.53 1.98
C VAL A 41 0.20 -5.93 1.51
N VAL A 42 0.73 -5.02 2.28
CA VAL A 42 1.94 -4.37 1.94
C VAL A 42 2.97 -4.64 2.99
N VAL A 43 4.19 -4.69 2.58
CA VAL A 43 5.28 -4.85 3.47
C VAL A 43 6.04 -3.56 3.50
N TYR A 44 6.11 -2.97 4.66
CA TYR A 44 6.79 -1.72 4.83
C TYR A 44 8.27 -1.95 4.71
N THR A 45 8.85 -1.29 3.78
CA THR A 45 10.21 -1.42 3.45
C THR A 45 11.11 -0.92 4.58
N GLY A 46 12.09 -1.73 4.93
CA GLY A 46 13.04 -1.37 5.95
C GLY A 46 12.63 -1.88 7.31
N TYR A 47 11.35 -2.15 7.45
CA TYR A 47 10.83 -2.60 8.72
C TYR A 47 10.46 -4.08 8.67
N GLY A 48 9.82 -4.48 7.59
CA GLY A 48 9.45 -5.86 7.44
C GLY A 48 8.03 -6.12 7.90
N ASN A 49 7.35 -5.07 8.30
CA ASN A 49 5.97 -5.18 8.76
C ASN A 49 5.07 -5.37 7.59
N ARG A 50 3.99 -6.03 7.79
CA ARG A 50 3.05 -6.25 6.75
C ARG A 50 1.66 -6.01 7.28
N GLU A 51 0.87 -5.32 6.54
CA GLU A 51 -0.47 -5.02 6.92
C GLU A 51 -1.30 -4.78 5.69
N GLU A 52 -2.57 -4.90 5.82
CA GLU A 52 -3.44 -4.79 4.72
C GLU A 52 -3.96 -3.35 4.55
N GLN A 53 -3.95 -2.92 3.34
CA GLN A 53 -4.39 -1.60 2.90
C GLN A 53 -5.34 -1.75 1.77
N ASN A 54 -6.04 -0.72 1.44
CA ASN A 54 -6.96 -0.76 0.31
C ASN A 54 -6.19 -0.35 -0.92
N LEU A 55 -6.56 -0.91 -2.06
CA LEU A 55 -5.93 -0.57 -3.35
C LEU A 55 -6.12 0.91 -3.66
N SER A 56 -7.26 1.42 -3.24
CA SER A 56 -7.60 2.76 -3.39
C SER A 56 -6.76 3.64 -2.46
N ASP A 57 -6.40 3.07 -1.33
CA ASP A 57 -5.70 3.77 -0.25
C ASP A 57 -4.21 3.80 -0.44
N LEU A 58 -3.72 2.99 -1.32
CA LEU A 58 -2.30 2.98 -1.63
C LEU A 58 -1.88 4.25 -2.31
N LEU A 59 -0.69 4.66 -2.07
CA LEU A 59 -0.17 5.84 -2.69
C LEU A 59 1.09 5.47 -3.45
N SER A 60 1.50 6.32 -4.34
CA SER A 60 2.71 6.15 -5.10
C SER A 60 3.89 6.16 -4.11
N PRO A 61 4.92 5.33 -4.34
CA PRO A 61 6.03 5.20 -3.41
C PRO A 61 6.82 6.46 -3.25
N ILE A 62 7.49 6.53 -2.17
CA ILE A 62 8.28 7.69 -1.81
C ILE A 62 9.73 7.29 -1.70
N CYS A 63 10.59 8.22 -1.33
CA CYS A 63 12.01 7.94 -1.23
C CYS A 63 12.29 6.93 -0.10
N GLU A 64 13.08 5.95 -0.41
CA GLU A 64 13.45 4.90 0.52
C GLU A 64 14.92 5.05 0.85
C1 DA2 B . 5.81 1.73 8.78
C2 DA2 B . 6.03 -0.58 9.65
N DA2 B . 8.52 -4.26 13.67
CA DA2 B . 8.30 -2.99 14.33
CB DA2 B . 8.42 -1.83 13.33
CG DA2 B . 7.98 -0.47 13.87
CD DA2 B . 8.18 0.63 12.85
NE DA2 B . 7.42 0.38 11.66
CZ DA2 B . 6.99 1.27 10.80
NH2 DA2 B . 7.23 2.55 10.93
NH1 DA2 B . 6.32 0.83 9.78
C DA2 B . 6.94 -3.01 14.98
O DA2 B . 6.84 -2.87 16.19
OXT DA2 B . 5.95 -3.27 14.26
H2 DA2 B . 9.43 -4.33 13.18
HC11 DA2 B . 5.10 1.22 8.16
H3 DA2 B . 7.76 -4.42 12.98
HC12 DA2 B . 5.34 2.58 9.26
HC13 DA2 B . 6.63 2.08 8.17
HC21 DA2 B . 5.42 -0.76 8.78
HC22 DA2 B . 6.96 -1.13 9.55
HC23 DA2 B . 5.51 -0.92 10.54
H DA2 B . 8.46 -5.03 14.37
HA DA2 B . 9.05 -2.88 15.11
HCB1 DA2 B . 7.83 -2.06 12.46
HCB2 DA2 B . 9.46 -1.73 13.02
HCG1 DA2 B . 8.51 -0.24 14.77
HCG2 DA2 B . 6.91 -0.53 14.07
HCD1 DA2 B . 9.23 0.68 12.58
HCD2 DA2 B . 7.85 1.57 13.28
HNE DA2 B . 7.18 -0.54 11.47
HNH2 DA2 B . 7.76 2.92 11.70
HH1 DA2 B . 6.89 3.17 10.23
N ASN A 1 -13.49 11.21 -0.89
CA ASN A 1 -12.27 11.62 -0.21
C ASN A 1 -11.07 10.93 -0.79
N THR A 2 -11.17 9.65 -1.01
CA THR A 2 -10.11 8.92 -1.61
C THR A 2 -10.18 9.02 -3.13
N ALA A 3 -9.33 9.86 -3.67
CA ALA A 3 -9.27 10.13 -5.08
C ALA A 3 -8.26 9.23 -5.78
N ALA A 4 -7.58 8.42 -5.00
CA ALA A 4 -6.62 7.47 -5.54
C ALA A 4 -7.30 6.14 -5.84
N SER A 5 -8.58 6.20 -5.98
CA SER A 5 -9.42 5.06 -6.26
C SER A 5 -9.43 4.73 -7.76
N LEU A 6 -8.48 5.30 -8.48
CA LEU A 6 -8.34 5.12 -9.91
C LEU A 6 -7.10 4.28 -10.22
N GLN A 7 -6.48 3.82 -9.18
CA GLN A 7 -5.23 3.12 -9.26
C GLN A 7 -5.41 1.64 -9.48
N GLN A 8 -4.51 1.06 -10.21
CA GLN A 8 -4.50 -0.35 -10.44
C GLN A 8 -3.13 -0.87 -10.05
N TRP A 9 -3.11 -1.69 -9.05
CA TRP A 9 -1.86 -2.21 -8.53
C TRP A 9 -1.68 -3.67 -8.88
N LYS A 10 -0.44 -4.12 -8.76
CA LYS A 10 -0.07 -5.49 -9.01
C LYS A 10 0.75 -5.97 -7.83
N VAL A 11 0.76 -7.25 -7.61
CA VAL A 11 1.56 -7.84 -6.56
C VAL A 11 3.04 -7.60 -6.83
N GLY A 12 3.75 -7.07 -5.85
CA GLY A 12 5.15 -6.77 -6.02
C GLY A 12 5.39 -5.35 -6.48
N ASP A 13 4.38 -4.51 -6.36
CA ASP A 13 4.50 -3.12 -6.80
C ASP A 13 4.90 -2.27 -5.62
N LYS A 14 5.73 -1.29 -5.86
CA LYS A 14 6.16 -0.37 -4.81
C LYS A 14 5.11 0.68 -4.58
N CYS A 15 4.90 1.03 -3.35
CA CYS A 15 3.90 2.03 -3.02
C CYS A 15 4.22 2.62 -1.65
N SER A 16 3.32 3.39 -1.15
CA SER A 16 3.42 3.91 0.17
C SER A 16 2.09 3.64 0.83
N ALA A 17 2.12 3.39 2.08
CA ALA A 17 0.95 3.02 2.79
C ALA A 17 0.87 3.75 4.11
N ILE A 18 -0.32 3.79 4.66
CA ILE A 18 -0.53 4.43 5.93
C ILE A 18 -0.39 3.40 7.02
N TRP A 19 0.61 3.57 7.85
CA TRP A 19 0.85 2.66 8.95
C TRP A 19 -0.33 2.73 9.89
N SER A 20 -0.99 1.65 10.12
CA SER A 20 -2.18 1.67 10.96
C SER A 20 -1.84 2.02 12.43
N GLU A 21 -0.58 1.93 12.79
CA GLU A 21 -0.17 2.20 14.15
C GLU A 21 0.04 3.70 14.36
N ASP A 22 0.67 4.36 13.40
CA ASP A 22 1.01 5.79 13.57
C ASP A 22 0.18 6.67 12.66
N GLY A 23 -0.40 6.04 11.65
CA GLY A 23 -1.26 6.73 10.71
C GLY A 23 -0.50 7.47 9.62
N CYS A 24 0.79 7.35 9.64
CA CYS A 24 1.63 8.06 8.70
C CYS A 24 1.98 7.26 7.45
N ILE A 25 2.45 7.96 6.43
CA ILE A 25 2.89 7.35 5.18
C ILE A 25 4.26 6.74 5.36
N TYR A 26 4.39 5.53 4.93
CA TYR A 26 5.65 4.83 4.92
C TYR A 26 5.76 4.03 3.65
N PRO A 27 7.00 3.82 3.15
CA PRO A 27 7.24 3.06 1.93
C PRO A 27 6.94 1.57 2.13
N ALA A 28 6.17 1.01 1.24
CA ALA A 28 5.80 -0.38 1.35
C ALA A 28 5.60 -0.98 -0.02
N THR A 29 5.86 -2.23 -0.13
CA THR A 29 5.69 -2.90 -1.39
C THR A 29 4.53 -3.88 -1.24
N ILE A 30 3.79 -4.10 -2.29
CA ILE A 30 2.66 -4.99 -2.23
C ILE A 30 3.10 -6.44 -2.21
N ALA A 31 2.62 -7.19 -1.26
CA ALA A 31 2.95 -8.59 -1.14
C ALA A 31 1.84 -9.47 -1.68
N SER A 32 0.60 -9.03 -1.57
CA SER A 32 -0.56 -9.79 -2.05
C SER A 32 -1.73 -8.85 -2.22
N ILE A 33 -2.57 -9.09 -3.22
CA ILE A 33 -3.75 -8.28 -3.45
C ILE A 33 -4.99 -9.16 -3.47
N ASP A 34 -6.02 -8.71 -2.80
CA ASP A 34 -7.31 -9.34 -2.85
C ASP A 34 -8.23 -8.37 -3.54
N PHE A 35 -8.43 -8.58 -4.83
CA PHE A 35 -9.22 -7.66 -5.64
C PHE A 35 -10.67 -7.58 -5.15
N LYS A 36 -11.14 -8.62 -4.50
CA LYS A 36 -12.49 -8.66 -4.01
C LYS A 36 -12.67 -7.75 -2.80
N ARG A 37 -11.68 -7.74 -1.90
CA ARG A 37 -11.78 -6.86 -0.72
C ARG A 37 -11.28 -5.47 -1.11
N GLU A 38 -10.70 -5.40 -2.32
CA GLU A 38 -10.04 -4.21 -2.85
C GLU A 38 -8.85 -3.84 -1.94
N THR A 39 -8.34 -4.81 -1.24
CA THR A 39 -7.29 -4.56 -0.33
C THR A 39 -6.08 -5.41 -0.68
N CYS A 40 -4.97 -5.01 -0.20
CA CYS A 40 -3.75 -5.69 -0.45
C CYS A 40 -2.86 -5.57 0.75
N VAL A 41 -2.00 -6.51 0.92
CA VAL A 41 -1.09 -6.52 2.01
C VAL A 41 0.20 -5.92 1.52
N VAL A 42 0.71 -4.99 2.26
CA VAL A 42 1.91 -4.33 1.91
C VAL A 42 2.96 -4.57 2.97
N VAL A 43 4.17 -4.66 2.53
CA VAL A 43 5.29 -4.87 3.40
C VAL A 43 6.10 -3.61 3.43
N TYR A 44 6.21 -3.02 4.59
CA TYR A 44 6.93 -1.79 4.76
C TYR A 44 8.41 -2.01 4.60
N THR A 45 8.95 -1.34 3.63
CA THR A 45 10.32 -1.44 3.28
C THR A 45 11.19 -0.88 4.41
N GLY A 46 12.21 -1.64 4.79
CA GLY A 46 13.12 -1.21 5.82
C GLY A 46 12.68 -1.67 7.19
N TYR A 47 11.43 -2.05 7.29
CA TYR A 47 10.89 -2.53 8.54
C TYR A 47 10.59 -4.01 8.46
N GLY A 48 9.91 -4.42 7.43
CA GLY A 48 9.56 -5.80 7.25
C GLY A 48 8.17 -6.11 7.75
N ASN A 49 7.47 -5.09 8.16
CA ASN A 49 6.09 -5.23 8.64
C ASN A 49 5.15 -5.40 7.49
N ARG A 50 4.03 -6.02 7.74
CA ARG A 50 3.05 -6.22 6.73
C ARG A 50 1.66 -5.93 7.29
N GLU A 51 0.88 -5.23 6.53
CA GLU A 51 -0.50 -4.93 6.90
C GLU A 51 -1.31 -4.73 5.64
N GLU A 52 -2.59 -4.87 5.75
CA GLU A 52 -3.47 -4.79 4.62
C GLU A 52 -4.09 -3.40 4.46
N GLN A 53 -3.98 -2.88 3.26
CA GLN A 53 -4.46 -1.56 2.86
C GLN A 53 -5.30 -1.67 1.64
N ASN A 54 -6.07 -0.65 1.36
CA ASN A 54 -6.90 -0.67 0.18
C ASN A 54 -6.08 -0.28 -1.02
N LEU A 55 -6.39 -0.85 -2.14
CA LEU A 55 -5.73 -0.55 -3.42
C LEU A 55 -5.92 0.92 -3.75
N SER A 56 -7.06 1.44 -3.38
CA SER A 56 -7.40 2.78 -3.58
C SER A 56 -6.72 3.70 -2.57
N ASP A 57 -6.28 3.15 -1.47
CA ASP A 57 -5.70 3.96 -0.39
C ASP A 57 -4.25 4.10 -0.60
N LEU A 58 -3.67 3.10 -1.24
CA LEU A 58 -2.24 3.06 -1.55
C LEU A 58 -1.78 4.32 -2.24
N LEU A 59 -0.66 4.79 -1.83
CA LEU A 59 -0.13 5.99 -2.39
C LEU A 59 1.09 5.67 -3.20
N SER A 60 1.46 6.60 -4.06
CA SER A 60 2.60 6.51 -4.86
C SER A 60 3.86 6.43 -3.97
N PRO A 61 4.83 5.58 -4.32
CA PRO A 61 6.02 5.36 -3.51
C PRO A 61 6.93 6.57 -3.47
N ILE A 62 7.89 6.52 -2.61
CA ILE A 62 8.82 7.59 -2.40
C ILE A 62 10.18 7.17 -2.91
N CYS A 63 11.18 7.94 -2.55
CA CYS A 63 12.56 7.65 -2.86
C CYS A 63 12.94 6.24 -2.39
N GLU A 64 13.65 5.53 -3.26
CA GLU A 64 14.09 4.16 -3.04
C GLU A 64 12.94 3.18 -3.21
C1 DA2 B . 5.69 1.69 8.80
C2 DA2 B . 6.07 -0.63 9.61
N DA2 B . 8.79 -4.22 13.50
CA DA2 B . 8.51 -2.96 14.19
CB DA2 B . 8.57 -1.79 13.20
CG DA2 B . 8.11 -0.45 13.77
CD DA2 B . 8.25 0.65 12.77
NE DA2 B . 7.47 0.38 11.60
CZ DA2 B . 6.97 1.26 10.77
NH2 DA2 B . 7.13 2.55 10.92
NH1 DA2 B . 6.28 0.80 9.75
C DA2 B . 7.14 -3.05 14.83
O DA2 B . 7.04 -2.92 16.04
OXT DA2 B . 6.18 -3.32 14.13
H2 DA2 B . 8.69 -4.99 14.19
HC11 DA2 B . 4.88 2.24 9.26
H3 DA2 B . 9.74 -4.23 13.09
HC12 DA2 B . 6.44 2.38 8.43
HC13 DA2 B . 5.31 1.13 7.96
HC21 DA2 B . 7.01 -1.10 9.38
HC22 DA2 B . 5.67 -1.02 10.53
HC23 DA2 B . 5.37 -0.81 8.80
H DA2 B . 8.08 -4.36 12.77
HA DA2 B . 9.25 -2.81 14.96
HCB1 DA2 B . 7.94 -2.02 12.36
HCB2 DA2 B . 9.58 -1.67 12.86
HCG1 DA2 B . 8.68 -0.22 14.67
HCG2 DA2 B . 7.05 -0.53 14.02
HCD1 DA2 B . 9.28 0.70 12.46
HCD2 DA2 B . 7.94 1.59 13.18
HNE DA2 B . 7.26 -0.56 11.40
HNH2 DA2 B . 7.65 2.95 11.68
HH1 DA2 B . 6.70 3.16 10.26
N ASN A 1 -8.12 19.89 -4.96
CA ASN A 1 -7.13 18.84 -4.73
C ASN A 1 -7.41 17.66 -5.64
N THR A 2 -6.46 16.75 -5.71
CA THR A 2 -6.58 15.53 -6.48
C THR A 2 -5.88 14.43 -5.69
N ALA A 3 -6.61 13.40 -5.33
CA ALA A 3 -6.03 12.30 -4.58
C ALA A 3 -5.29 11.38 -5.50
N ALA A 4 -5.92 11.10 -6.62
CA ALA A 4 -5.43 10.22 -7.64
C ALA A 4 -5.20 8.83 -7.11
N SER A 5 -6.26 8.13 -6.92
CA SER A 5 -6.26 6.80 -6.39
C SER A 5 -6.67 5.83 -7.49
N LEU A 6 -6.47 6.25 -8.71
CA LEU A 6 -6.90 5.49 -9.87
C LEU A 6 -5.81 4.57 -10.40
N GLN A 7 -4.81 4.30 -9.59
CA GLN A 7 -3.76 3.42 -9.98
C GLN A 7 -4.22 1.99 -9.91
N GLN A 8 -3.67 1.19 -10.75
CA GLN A 8 -3.99 -0.19 -10.83
C GLN A 8 -2.76 -0.90 -10.36
N TRP A 9 -2.87 -1.55 -9.26
CA TRP A 9 -1.73 -2.14 -8.64
C TRP A 9 -1.67 -3.60 -8.92
N LYS A 10 -0.48 -4.13 -8.89
CA LYS A 10 -0.25 -5.54 -9.01
C LYS A 10 0.70 -5.95 -7.90
N VAL A 11 0.75 -7.21 -7.63
CA VAL A 11 1.63 -7.75 -6.62
C VAL A 11 3.08 -7.47 -7.03
N GLY A 12 3.84 -6.91 -6.14
CA GLY A 12 5.20 -6.59 -6.45
C GLY A 12 5.38 -5.14 -6.84
N ASP A 13 4.38 -4.31 -6.60
CA ASP A 13 4.51 -2.89 -6.88
C ASP A 13 4.90 -2.19 -5.63
N LYS A 14 5.77 -1.24 -5.75
CA LYS A 14 6.17 -0.44 -4.64
C LYS A 14 5.19 0.68 -4.49
N CYS A 15 4.86 0.99 -3.28
CA CYS A 15 3.90 2.00 -2.99
C CYS A 15 4.19 2.63 -1.64
N SER A 16 3.29 3.40 -1.16
CA SER A 16 3.36 3.94 0.15
C SER A 16 2.05 3.67 0.81
N ALA A 17 2.10 3.41 2.05
CA ALA A 17 0.94 3.04 2.79
C ALA A 17 0.90 3.81 4.09
N ILE A 18 -0.27 3.89 4.66
CA ILE A 18 -0.46 4.58 5.93
C ILE A 18 -0.37 3.55 7.03
N TRP A 19 0.63 3.68 7.86
CA TRP A 19 0.87 2.75 8.95
C TRP A 19 -0.29 2.79 9.91
N SER A 20 -0.83 1.65 10.18
CA SER A 20 -1.94 1.50 11.09
C SER A 20 -1.66 2.04 12.47
N GLU A 21 -0.43 1.99 12.86
CA GLU A 21 -0.06 2.34 14.20
C GLU A 21 0.15 3.82 14.40
N ASP A 22 0.71 4.49 13.42
CA ASP A 22 0.99 5.91 13.61
C ASP A 22 0.20 6.76 12.65
N GLY A 23 -0.30 6.14 11.61
CA GLY A 23 -1.06 6.87 10.62
C GLY A 23 -0.20 7.62 9.62
N CYS A 24 1.10 7.39 9.65
CA CYS A 24 1.98 8.06 8.73
C CYS A 24 2.24 7.27 7.46
N ILE A 25 2.69 7.97 6.42
CA ILE A 25 3.05 7.37 5.15
C ILE A 25 4.42 6.72 5.28
N TYR A 26 4.52 5.50 4.85
CA TYR A 26 5.77 4.79 4.82
C TYR A 26 5.87 3.98 3.54
N PRO A 27 7.10 3.78 3.01
CA PRO A 27 7.31 3.00 1.80
C PRO A 27 7.02 1.52 2.04
N ALA A 28 6.20 0.95 1.20
CA ALA A 28 5.82 -0.41 1.34
C ALA A 28 5.64 -1.04 -0.01
N THR A 29 5.88 -2.30 -0.10
CA THR A 29 5.72 -2.98 -1.36
C THR A 29 4.54 -3.94 -1.21
N ILE A 30 3.82 -4.14 -2.28
CA ILE A 30 2.65 -5.00 -2.27
C ILE A 30 3.06 -6.47 -2.32
N ALA A 31 2.68 -7.20 -1.31
CA ALA A 31 3.01 -8.60 -1.20
C ALA A 31 1.88 -9.45 -1.75
N SER A 32 0.66 -8.98 -1.61
CA SER A 32 -0.51 -9.70 -2.12
C SER A 32 -1.66 -8.74 -2.27
N ILE A 33 -2.47 -8.96 -3.27
CA ILE A 33 -3.65 -8.16 -3.49
C ILE A 33 -4.87 -9.05 -3.47
N ASP A 34 -5.87 -8.61 -2.78
CA ASP A 34 -7.14 -9.26 -2.79
C ASP A 34 -8.12 -8.34 -3.46
N PHE A 35 -8.37 -8.56 -4.72
CA PHE A 35 -9.25 -7.70 -5.48
C PHE A 35 -10.69 -7.82 -4.99
N LYS A 36 -11.02 -8.94 -4.37
CA LYS A 36 -12.36 -9.13 -3.84
C LYS A 36 -12.61 -8.18 -2.68
N ARG A 37 -11.61 -8.00 -1.83
CA ARG A 37 -11.75 -7.07 -0.71
C ARG A 37 -11.34 -5.67 -1.14
N GLU A 38 -10.78 -5.57 -2.36
CA GLU A 38 -10.23 -4.34 -2.94
C GLU A 38 -9.03 -3.88 -2.06
N THR A 39 -8.40 -4.82 -1.41
CA THR A 39 -7.34 -4.53 -0.51
C THR A 39 -6.09 -5.32 -0.87
N CYS A 40 -4.99 -4.95 -0.31
CA CYS A 40 -3.75 -5.60 -0.54
C CYS A 40 -2.89 -5.53 0.68
N VAL A 41 -2.04 -6.48 0.84
CA VAL A 41 -1.14 -6.53 1.95
C VAL A 41 0.16 -5.92 1.51
N VAL A 42 0.66 -4.99 2.27
CA VAL A 42 1.87 -4.32 1.94
C VAL A 42 2.91 -4.57 3.01
N VAL A 43 4.13 -4.66 2.58
CA VAL A 43 5.24 -4.85 3.45
C VAL A 43 6.03 -3.58 3.50
N TYR A 44 6.14 -3.01 4.67
CA TYR A 44 6.88 -1.78 4.85
C TYR A 44 8.36 -2.03 4.71
N THR A 45 8.93 -1.34 3.78
CA THR A 45 10.31 -1.46 3.45
C THR A 45 11.17 -0.90 4.60
N GLY A 46 12.15 -1.66 5.00
CA GLY A 46 13.03 -1.26 6.06
C GLY A 46 12.56 -1.76 7.40
N TYR A 47 11.31 -2.15 7.47
CA TYR A 47 10.77 -2.64 8.70
C TYR A 47 10.48 -4.12 8.62
N GLY A 48 9.81 -4.53 7.58
CA GLY A 48 9.46 -5.93 7.44
C GLY A 48 8.08 -6.22 7.98
N ASN A 49 7.36 -5.16 8.26
CA ASN A 49 5.98 -5.27 8.73
C ASN A 49 5.07 -5.44 7.56
N ARG A 50 3.97 -6.08 7.77
CA ARG A 50 3.00 -6.28 6.72
C ARG A 50 1.60 -6.02 7.26
N GLU A 51 0.81 -5.31 6.50
CA GLU A 51 -0.54 -4.99 6.89
C GLU A 51 -1.36 -4.75 5.63
N GLU A 52 -2.65 -4.86 5.74
CA GLU A 52 -3.52 -4.78 4.60
C GLU A 52 -4.12 -3.38 4.43
N GLN A 53 -4.01 -2.89 3.24
CA GLN A 53 -4.49 -1.57 2.84
C GLN A 53 -5.39 -1.69 1.66
N ASN A 54 -6.15 -0.66 1.38
CA ASN A 54 -7.06 -0.66 0.24
C ASN A 54 -6.28 -0.27 -0.98
N LEU A 55 -6.62 -0.83 -2.12
CA LEU A 55 -5.95 -0.53 -3.39
C LEU A 55 -6.12 0.96 -3.73
N SER A 56 -7.27 1.48 -3.38
CA SER A 56 -7.59 2.83 -3.59
C SER A 56 -6.82 3.74 -2.61
N ASP A 57 -6.53 3.18 -1.45
CA ASP A 57 -5.86 3.89 -0.36
C ASP A 57 -4.37 3.94 -0.52
N LEU A 58 -3.85 3.12 -1.41
CA LEU A 58 -2.42 3.09 -1.69
C LEU A 58 -1.95 4.37 -2.32
N LEU A 59 -0.76 4.77 -1.97
CA LEU A 59 -0.19 5.95 -2.54
C LEU A 59 1.04 5.55 -3.29
N SER A 60 1.45 6.39 -4.21
CA SER A 60 2.63 6.19 -4.99
C SER A 60 3.83 6.20 -4.04
N PRO A 61 4.87 5.39 -4.30
CA PRO A 61 6.00 5.29 -3.41
C PRO A 61 6.80 6.57 -3.32
N ILE A 62 7.62 6.65 -2.35
CA ILE A 62 8.43 7.81 -2.12
C ILE A 62 9.79 7.60 -2.75
N CYS A 63 10.67 8.55 -2.59
CA CYS A 63 11.99 8.44 -3.09
C CYS A 63 12.76 7.39 -2.30
N GLU A 64 13.53 6.57 -2.98
CA GLU A 64 14.31 5.54 -2.35
C GLU A 64 15.67 5.48 -3.03
C1 DA2 B . 5.74 1.66 8.79
C2 DA2 B . 5.93 -0.64 9.73
N DA2 B . 8.54 -4.19 13.69
CA DA2 B . 8.27 -2.93 14.36
CB DA2 B . 8.35 -1.78 13.35
CG DA2 B . 7.93 -0.43 13.91
CD DA2 B . 8.12 0.65 12.88
NE DA2 B . 7.33 0.38 11.70
CZ DA2 B . 6.93 1.24 10.81
NH2 DA2 B . 7.20 2.52 10.89
NH1 DA2 B . 6.23 0.78 9.82
C DA2 B . 6.91 -3.00 15.01
O DA2 B . 6.82 -2.85 16.22
OXT DA2 B . 5.92 -3.26 14.31
H2 DA2 B . 9.45 -4.20 13.20
HC11 DA2 B . 5.26 1.09 8.01
H3 DA2 B . 7.77 -4.37 13.00
HC12 DA2 B . 5.03 2.36 9.22
HC13 DA2 B . 6.57 2.21 8.38
HC21 DA2 B . 5.44 -0.97 10.63
HC22 DA2 B . 5.28 -0.83 8.88
HC23 DA2 B . 6.85 -1.18 9.59
H DA2 B . 8.50 -4.95 14.40
HA DA2 B . 9.02 -2.78 15.13
HCB1 DA2 B . 7.71 -2.01 12.51
HCB2 DA2 B . 9.37 -1.69 12.99
HCG1 DA2 B . 8.52 -0.20 14.78
HCG2 DA2 B . 6.88 -0.48 14.15
HCD1 DA2 B . 9.16 0.68 12.58
HCD2 DA2 B . 7.81 1.61 13.27
HNE DA2 B . 7.06 -0.55 11.56
HNH2 DA2 B . 7.74 2.93 11.63
HH1 DA2 B . 6.86 3.12 10.18
N ASN A 1 -9.46 7.74 -0.61
CA ASN A 1 -10.15 9.01 -0.41
C ASN A 1 -11.12 9.21 -1.55
N THR A 2 -12.25 9.83 -1.27
CA THR A 2 -13.22 10.10 -2.29
C THR A 2 -12.78 11.28 -3.14
N ALA A 3 -12.02 10.97 -4.16
CA ALA A 3 -11.44 11.93 -5.08
C ALA A 3 -10.83 11.20 -6.23
N ALA A 4 -10.02 10.19 -5.93
CA ALA A 4 -9.37 9.38 -6.92
C ALA A 4 -9.09 8.02 -6.34
N SER A 5 -9.89 7.08 -6.71
CA SER A 5 -9.76 5.71 -6.25
C SER A 5 -9.55 4.83 -7.48
N LEU A 6 -8.91 5.41 -8.47
CA LEU A 6 -8.66 4.79 -9.75
C LEU A 6 -7.30 4.09 -9.81
N GLN A 7 -6.73 3.82 -8.66
CA GLN A 7 -5.43 3.18 -8.56
C GLN A 7 -5.54 1.72 -8.99
N GLN A 8 -4.55 1.26 -9.73
CA GLN A 8 -4.48 -0.11 -10.15
C GLN A 8 -3.09 -0.64 -9.85
N TRP A 9 -3.03 -1.61 -8.99
CA TRP A 9 -1.77 -2.14 -8.53
C TRP A 9 -1.65 -3.60 -8.85
N LYS A 10 -0.44 -4.11 -8.81
CA LYS A 10 -0.18 -5.52 -8.96
C LYS A 10 0.77 -5.93 -7.83
N VAL A 11 0.84 -7.21 -7.54
CA VAL A 11 1.75 -7.71 -6.53
C VAL A 11 3.18 -7.44 -6.98
N GLY A 12 3.97 -6.83 -6.13
CA GLY A 12 5.32 -6.51 -6.51
C GLY A 12 5.48 -5.07 -6.94
N ASP A 13 4.50 -4.25 -6.64
CA ASP A 13 4.61 -2.82 -6.91
C ASP A 13 4.91 -2.13 -5.65
N LYS A 14 5.66 -1.13 -5.77
CA LYS A 14 6.05 -0.32 -4.69
C LYS A 14 5.03 0.75 -4.51
N CYS A 15 4.75 1.05 -3.31
CA CYS A 15 3.76 2.03 -2.98
C CYS A 15 4.10 2.64 -1.64
N SER A 16 3.22 3.41 -1.14
CA SER A 16 3.33 3.95 0.16
C SER A 16 2.01 3.71 0.83
N ALA A 17 2.04 3.43 2.06
CA ALA A 17 0.87 3.07 2.79
C ALA A 17 0.82 3.80 4.11
N ILE A 18 -0.35 3.87 4.69
CA ILE A 18 -0.51 4.52 5.97
C ILE A 18 -0.36 3.49 7.07
N TRP A 19 0.63 3.68 7.92
CA TRP A 19 0.86 2.77 9.02
C TRP A 19 -0.27 2.87 10.00
N SER A 20 -0.88 1.76 10.30
CA SER A 20 -1.97 1.71 11.24
C SER A 20 -1.61 2.21 12.63
N GLU A 21 -0.36 2.11 12.96
CA GLU A 21 0.06 2.43 14.29
C GLU A 21 0.31 3.91 14.47
N ASP A 22 0.94 4.55 13.49
CA ASP A 22 1.28 5.96 13.67
C ASP A 22 0.46 6.83 12.75
N GLY A 23 -0.10 6.21 11.73
CA GLY A 23 -0.94 6.92 10.78
C GLY A 23 -0.15 7.62 9.70
N CYS A 24 1.14 7.43 9.70
CA CYS A 24 1.98 8.10 8.75
C CYS A 24 2.23 7.29 7.48
N ILE A 25 2.63 7.98 6.42
CA ILE A 25 2.98 7.37 5.14
C ILE A 25 4.33 6.73 5.25
N TYR A 26 4.42 5.51 4.85
CA TYR A 26 5.68 4.82 4.80
C TYR A 26 5.74 4.00 3.53
N PRO A 27 6.95 3.83 2.97
CA PRO A 27 7.15 3.05 1.76
C PRO A 27 6.90 1.57 2.02
N ALA A 28 6.07 0.99 1.22
CA ALA A 28 5.72 -0.37 1.37
C ALA A 28 5.54 -1.00 0.03
N THR A 29 5.80 -2.25 -0.07
CA THR A 29 5.64 -2.91 -1.31
C THR A 29 4.50 -3.88 -1.18
N ILE A 30 3.77 -4.10 -2.24
CA ILE A 30 2.64 -4.97 -2.22
C ILE A 30 3.07 -6.42 -2.25
N ALA A 31 2.67 -7.17 -1.26
CA ALA A 31 3.02 -8.56 -1.16
C ALA A 31 1.90 -9.45 -1.67
N SER A 32 0.67 -8.98 -1.56
CA SER A 32 -0.47 -9.74 -2.02
C SER A 32 -1.67 -8.82 -2.21
N ILE A 33 -2.49 -9.11 -3.20
CA ILE A 33 -3.68 -8.34 -3.46
C ILE A 33 -4.91 -9.24 -3.48
N ASP A 34 -5.95 -8.79 -2.83
CA ASP A 34 -7.25 -9.43 -2.90
C ASP A 34 -8.17 -8.46 -3.60
N PHE A 35 -8.42 -8.71 -4.86
CA PHE A 35 -9.22 -7.80 -5.67
C PHE A 35 -10.67 -7.76 -5.20
N LYS A 36 -11.08 -8.84 -4.56
CA LYS A 36 -12.45 -8.95 -4.08
C LYS A 36 -12.67 -8.07 -2.86
N ARG A 37 -11.68 -7.97 -2.00
CA ARG A 37 -11.79 -7.06 -0.86
C ARG A 37 -11.34 -5.68 -1.25
N GLU A 38 -10.77 -5.57 -2.45
CA GLU A 38 -10.16 -4.35 -2.98
C GLU A 38 -9.00 -3.91 -2.04
N THR A 39 -8.40 -4.89 -1.40
CA THR A 39 -7.35 -4.63 -0.47
C THR A 39 -6.11 -5.43 -0.82
N CYS A 40 -5.00 -5.03 -0.28
CA CYS A 40 -3.76 -5.68 -0.52
C CYS A 40 -2.88 -5.57 0.70
N VAL A 41 -2.01 -6.51 0.89
CA VAL A 41 -1.11 -6.51 1.99
C VAL A 41 0.17 -5.90 1.52
N VAL A 42 0.66 -4.97 2.28
CA VAL A 42 1.85 -4.30 1.94
C VAL A 42 2.88 -4.55 3.02
N VAL A 43 4.10 -4.63 2.61
CA VAL A 43 5.19 -4.83 3.49
C VAL A 43 6.00 -3.58 3.52
N TYR A 44 6.08 -2.98 4.66
CA TYR A 44 6.82 -1.75 4.84
C TYR A 44 8.29 -1.99 4.68
N THR A 45 8.84 -1.32 3.71
CA THR A 45 10.20 -1.46 3.35
C THR A 45 11.12 -1.01 4.48
N GLY A 46 12.08 -1.83 4.80
CA GLY A 46 13.03 -1.52 5.83
C GLY A 46 12.57 -1.99 7.19
N TYR A 47 11.29 -2.25 7.32
CA TYR A 47 10.75 -2.69 8.60
C TYR A 47 10.37 -4.16 8.57
N GLY A 48 9.84 -4.61 7.45
CA GLY A 48 9.44 -5.99 7.34
C GLY A 48 8.06 -6.22 7.92
N ASN A 49 7.35 -5.14 8.17
CA ASN A 49 5.99 -5.20 8.69
C ASN A 49 5.03 -5.36 7.58
N ARG A 50 3.93 -5.98 7.85
CA ARG A 50 2.93 -6.18 6.84
C ARG A 50 1.54 -5.86 7.39
N GLU A 51 0.75 -5.19 6.59
CA GLU A 51 -0.61 -4.89 6.94
C GLU A 51 -1.40 -4.72 5.66
N GLU A 52 -2.68 -4.86 5.74
CA GLU A 52 -3.53 -4.83 4.59
C GLU A 52 -4.17 -3.44 4.42
N GLN A 53 -4.05 -2.92 3.23
CA GLN A 53 -4.54 -1.62 2.84
C GLN A 53 -5.41 -1.73 1.64
N ASN A 54 -6.18 -0.73 1.37
CA ASN A 54 -7.04 -0.75 0.20
C ASN A 54 -6.22 -0.35 -1.00
N LEU A 55 -6.52 -0.93 -2.13
CA LEU A 55 -5.81 -0.64 -3.39
C LEU A 55 -5.92 0.84 -3.73
N SER A 56 -7.04 1.41 -3.41
CA SER A 56 -7.33 2.75 -3.64
C SER A 56 -6.66 3.67 -2.61
N ASP A 57 -6.29 3.10 -1.49
CA ASP A 57 -5.70 3.87 -0.40
C ASP A 57 -4.24 4.02 -0.62
N LEU A 58 -3.67 3.03 -1.26
CA LEU A 58 -2.25 3.00 -1.60
C LEU A 58 -1.82 4.26 -2.31
N LEU A 59 -0.76 4.81 -1.85
CA LEU A 59 -0.25 6.02 -2.40
C LEU A 59 0.96 5.73 -3.24
N SER A 60 1.32 6.69 -4.05
CA SER A 60 2.46 6.58 -4.93
C SER A 60 3.74 6.45 -4.08
N PRO A 61 4.67 5.57 -4.50
CA PRO A 61 5.88 5.29 -3.75
C PRO A 61 6.93 6.38 -3.86
N ILE A 62 7.97 6.24 -3.11
CA ILE A 62 9.07 7.15 -3.16
C ILE A 62 10.28 6.45 -3.72
N CYS A 63 11.19 7.21 -4.25
CA CYS A 63 12.39 6.67 -4.82
C CYS A 63 13.24 6.04 -3.73
N GLU A 64 13.77 4.88 -4.01
CA GLU A 64 14.55 4.17 -3.05
C GLU A 64 15.98 4.63 -3.15
C1 DA2 B . 5.75 1.70 8.74
C2 DA2 B . 5.97 -0.57 9.70
N DA2 B . 8.51 -4.04 13.95
CA DA2 B . 8.21 -2.71 14.50
CB DA2 B . 8.40 -1.64 13.42
CG DA2 B . 8.07 -0.23 13.86
CD DA2 B . 8.29 0.77 12.77
NE DA2 B . 7.47 0.47 11.61
CZ DA2 B . 7.02 1.31 10.72
NH2 DA2 B . 7.29 2.59 10.76
NH1 DA2 B . 6.27 0.84 9.76
C DA2 B . 6.79 -2.72 15.00
O DA2 B . 6.56 -2.47 16.21
OXT DA2 B . 5.88 -3.01 14.23
H2 DA2 B . 8.37 -4.75 14.70
HC11 DA2 B . 5.03 2.37 9.18
H3 DA2 B . 9.47 -4.10 13.58
HC12 DA2 B . 6.56 2.26 8.30
HC13 DA2 B . 5.27 1.11 7.98
HC21 DA2 B . 5.52 -0.88 10.63
HC22 DA2 B . 5.28 -0.77 8.89
HC23 DA2 B . 6.89 -1.12 9.55
H DA2 B . 7.83 -4.26 13.20
HA DA2 B . 8.88 -2.53 15.32
HCB1 DA2 B . 7.77 -1.89 12.57
HCB2 DA2 B . 9.43 -1.66 13.09
HCG1 DA2 B . 8.67 0.03 14.72
HCG2 DA2 B . 7.02 -0.21 14.12
HCD1 DA2 B . 9.33 0.71 12.44
HCD2 DA2 B . 8.07 1.77 13.10
HNE DA2 B . 7.19 -0.47 11.50
HNH2 DA2 B . 7.85 3.01 11.48
HH1 DA2 B . 6.92 3.17 10.04
N ASN A 1 -11.40 15.82 -6.08
CA ASN A 1 -10.74 14.86 -6.96
C ASN A 1 -10.81 13.49 -6.36
N THR A 2 -11.32 12.57 -7.10
CA THR A 2 -11.42 11.21 -6.69
C THR A 2 -10.73 10.38 -7.76
N ALA A 3 -9.43 10.32 -7.69
CA ALA A 3 -8.64 9.66 -8.72
C ALA A 3 -7.94 8.44 -8.20
N ALA A 4 -7.66 8.39 -6.93
CA ALA A 4 -6.93 7.28 -6.39
C ALA A 4 -7.81 6.14 -6.00
N SER A 5 -9.04 6.30 -6.26
CA SER A 5 -10.05 5.32 -5.93
C SER A 5 -10.11 4.23 -6.99
N LEU A 6 -9.21 4.33 -7.96
CA LEU A 6 -9.19 3.41 -9.08
C LEU A 6 -7.76 3.05 -9.49
N GLN A 7 -6.84 3.20 -8.55
CA GLN A 7 -5.44 2.89 -8.83
C GLN A 7 -5.25 1.39 -9.00
N GLN A 8 -4.64 1.00 -10.08
CA GLN A 8 -4.42 -0.39 -10.32
C GLN A 8 -3.03 -0.75 -9.89
N TRP A 9 -2.95 -1.71 -9.04
CA TRP A 9 -1.71 -2.19 -8.53
C TRP A 9 -1.58 -3.67 -8.83
N LYS A 10 -0.37 -4.17 -8.81
CA LYS A 10 -0.13 -5.59 -8.96
C LYS A 10 0.80 -6.02 -7.84
N VAL A 11 0.87 -7.29 -7.57
CA VAL A 11 1.77 -7.80 -6.54
C VAL A 11 3.21 -7.52 -6.97
N GLY A 12 3.97 -6.91 -6.08
CA GLY A 12 5.33 -6.59 -6.41
C GLY A 12 5.53 -5.14 -6.82
N ASP A 13 4.53 -4.33 -6.59
CA ASP A 13 4.65 -2.91 -6.87
C ASP A 13 4.94 -2.19 -5.60
N LYS A 14 5.78 -1.21 -5.69
CA LYS A 14 6.08 -0.37 -4.58
C LYS A 14 5.04 0.69 -4.46
N CYS A 15 4.73 1.03 -3.26
CA CYS A 15 3.74 2.03 -2.97
C CYS A 15 4.04 2.64 -1.61
N SER A 16 3.14 3.39 -1.11
CA SER A 16 3.25 3.92 0.19
C SER A 16 1.93 3.68 0.88
N ALA A 17 1.99 3.45 2.13
CA ALA A 17 0.84 3.08 2.88
C ALA A 17 0.83 3.82 4.19
N ILE A 18 -0.32 3.88 4.81
CA ILE A 18 -0.49 4.54 6.08
C ILE A 18 -0.31 3.51 7.17
N TRP A 19 0.66 3.72 8.01
CA TRP A 19 0.95 2.80 9.09
C TRP A 19 -0.16 2.86 10.11
N SER A 20 -0.75 1.73 10.43
CA SER A 20 -1.83 1.67 11.41
C SER A 20 -1.42 2.18 12.78
N GLU A 21 -0.15 2.12 13.06
CA GLU A 21 0.30 2.47 14.37
C GLU A 21 0.50 3.95 14.53
N ASP A 22 1.07 4.60 13.53
CA ASP A 22 1.36 6.03 13.70
C ASP A 22 0.47 6.86 12.79
N GLY A 23 -0.08 6.21 11.80
CA GLY A 23 -0.97 6.89 10.86
C GLY A 23 -0.23 7.63 9.77
N CYS A 24 1.07 7.48 9.73
CA CYS A 24 1.87 8.17 8.74
C CYS A 24 2.12 7.37 7.48
N ILE A 25 2.50 8.05 6.41
CA ILE A 25 2.88 7.43 5.15
C ILE A 25 4.27 6.84 5.25
N TYR A 26 4.39 5.61 4.86
CA TYR A 26 5.66 4.90 4.81
C TYR A 26 5.72 4.09 3.54
N PRO A 27 6.94 3.85 3.01
CA PRO A 27 7.11 3.08 1.78
C PRO A 27 6.86 1.59 2.03
N ALA A 28 6.03 1.02 1.23
CA ALA A 28 5.68 -0.35 1.38
C ALA A 28 5.49 -0.98 0.03
N THR A 29 5.78 -2.21 -0.07
CA THR A 29 5.64 -2.89 -1.31
C THR A 29 4.49 -3.87 -1.17
N ILE A 30 3.79 -4.10 -2.24
CA ILE A 30 2.64 -4.96 -2.23
C ILE A 30 3.07 -6.41 -2.23
N ALA A 31 2.64 -7.14 -1.23
CA ALA A 31 2.99 -8.53 -1.09
C ALA A 31 1.89 -9.40 -1.67
N SER A 32 0.65 -8.97 -1.55
CA SER A 32 -0.49 -9.73 -2.07
C SER A 32 -1.67 -8.81 -2.23
N ILE A 33 -2.53 -9.09 -3.20
CA ILE A 33 -3.71 -8.30 -3.43
C ILE A 33 -4.93 -9.19 -3.45
N ASP A 34 -5.96 -8.77 -2.80
CA ASP A 34 -7.23 -9.44 -2.86
C ASP A 34 -8.15 -8.50 -3.58
N PHE A 35 -8.33 -8.74 -4.85
CA PHE A 35 -9.09 -7.85 -5.68
C PHE A 35 -10.56 -7.81 -5.30
N LYS A 36 -11.02 -8.87 -4.66
CA LYS A 36 -12.39 -8.98 -4.24
C LYS A 36 -12.67 -8.06 -3.07
N ARG A 37 -11.69 -7.92 -2.17
CA ARG A 37 -11.82 -7.00 -1.03
C ARG A 37 -11.34 -5.63 -1.43
N GLU A 38 -10.74 -5.54 -2.62
CA GLU A 38 -10.08 -4.33 -3.13
C GLU A 38 -8.92 -3.93 -2.17
N THR A 39 -8.40 -4.88 -1.45
CA THR A 39 -7.37 -4.60 -0.51
C THR A 39 -6.14 -5.42 -0.81
N CYS A 40 -5.04 -4.99 -0.29
CA CYS A 40 -3.80 -5.65 -0.49
C CYS A 40 -2.95 -5.53 0.72
N VAL A 41 -2.09 -6.48 0.90
CA VAL A 41 -1.20 -6.49 2.02
C VAL A 41 0.10 -5.89 1.56
N VAL A 42 0.59 -4.95 2.31
CA VAL A 42 1.79 -4.27 1.96
C VAL A 42 2.83 -4.51 3.02
N VAL A 43 4.06 -4.60 2.59
CA VAL A 43 5.16 -4.80 3.47
C VAL A 43 5.98 -3.54 3.49
N TYR A 44 6.10 -2.95 4.63
CA TYR A 44 6.84 -1.74 4.80
C TYR A 44 8.30 -2.00 4.63
N THR A 45 8.86 -1.36 3.64
CA THR A 45 10.22 -1.55 3.26
C THR A 45 11.18 -1.13 4.37
N GLY A 46 12.12 -2.00 4.66
CA GLY A 46 13.11 -1.73 5.67
C GLY A 46 12.66 -2.22 7.02
N TYR A 47 11.38 -2.28 7.22
CA TYR A 47 10.84 -2.68 8.49
C TYR A 47 10.49 -4.14 8.49
N GLY A 48 9.81 -4.56 7.45
CA GLY A 48 9.42 -5.93 7.35
C GLY A 48 8.04 -6.16 7.92
N ASN A 49 7.35 -5.09 8.20
CA ASN A 49 5.99 -5.15 8.70
C ASN A 49 5.05 -5.31 7.56
N ARG A 50 3.94 -5.93 7.81
CA ARG A 50 2.94 -6.11 6.79
C ARG A 50 1.55 -5.88 7.34
N GLU A 51 0.75 -5.18 6.58
CA GLU A 51 -0.61 -4.89 6.97
C GLU A 51 -1.43 -4.68 5.69
N GLU A 52 -2.72 -4.85 5.78
CA GLU A 52 -3.57 -4.77 4.63
C GLU A 52 -4.19 -3.37 4.46
N GLN A 53 -4.13 -2.88 3.26
CA GLN A 53 -4.62 -1.56 2.86
C GLN A 53 -5.44 -1.68 1.61
N ASN A 54 -6.23 -0.66 1.29
CA ASN A 54 -7.05 -0.72 0.08
C ASN A 54 -6.19 -0.35 -1.10
N LEU A 55 -6.48 -0.92 -2.25
CA LEU A 55 -5.79 -0.58 -3.51
C LEU A 55 -5.99 0.91 -3.79
N SER A 56 -7.15 1.37 -3.45
CA SER A 56 -7.55 2.71 -3.59
C SER A 56 -6.89 3.62 -2.52
N ASP A 57 -6.40 3.02 -1.46
CA ASP A 57 -5.77 3.75 -0.35
C ASP A 57 -4.28 3.76 -0.44
N LEU A 58 -3.76 3.02 -1.38
CA LEU A 58 -2.33 3.02 -1.63
C LEU A 58 -1.89 4.30 -2.29
N LEU A 59 -0.77 4.80 -1.87
CA LEU A 59 -0.23 6.00 -2.42
C LEU A 59 1.01 5.68 -3.22
N SER A 60 1.44 6.64 -4.00
CA SER A 60 2.59 6.50 -4.86
C SER A 60 3.85 6.32 -3.98
N PRO A 61 4.74 5.39 -4.36
CA PRO A 61 5.95 5.08 -3.59
C PRO A 61 6.93 6.21 -3.55
N ILE A 62 7.93 6.05 -2.74
CA ILE A 62 8.97 7.04 -2.60
C ILE A 62 9.96 6.92 -3.74
N CYS A 63 10.72 7.93 -3.93
CA CYS A 63 11.72 7.93 -4.94
C CYS A 63 13.02 7.45 -4.31
N GLU A 64 13.66 6.56 -4.99
CA GLU A 64 14.89 5.98 -4.53
C GLU A 64 15.89 6.18 -5.63
C1 DA2 B . 5.87 1.75 8.75
C2 DA2 B . 6.09 -0.56 9.65
N DA2 B . 8.71 -4.19 13.48
CA DA2 B . 8.60 -2.93 14.20
CB DA2 B . 8.73 -1.74 13.21
CG DA2 B . 8.30 -0.39 13.76
CD DA2 B . 8.46 0.70 12.72
NE DA2 B . 7.61 0.43 11.57
CZ DA2 B . 7.16 1.30 10.69
NH2 DA2 B . 7.43 2.58 10.77
NH1 DA2 B . 6.40 0.85 9.73
C DA2 B . 7.26 -2.89 14.89
O DA2 B . 7.21 -2.79 16.12
OXT DA2 B . 6.24 -3.01 14.20
H2 DA2 B . 8.58 -4.97 14.15
HC11 DA2 B . 5.27 2.50 9.23
H3 DA2 B . 9.62 -4.30 13.00
HC12 DA2 B . 6.67 2.22 8.20
HC13 DA2 B . 5.24 1.20 8.05
HC21 DA2 B . 5.51 -0.85 10.52
HC22 DA2 B . 5.52 -0.75 8.75
HC23 DA2 B . 7.01 -1.12 9.64
H DA2 B . 7.94 -4.26 12.78
HA DA2 B . 9.39 -2.87 14.93
HCB1 DA2 B . 8.13 -1.96 12.34
HCB2 DA2 B . 9.76 -1.66 12.90
HCG1 DA2 B . 8.89 -0.15 14.63
HCG2 DA2 B . 7.25 -0.46 14.02
HCD1 DA2 B . 9.49 0.72 12.38
HCD2 DA2 B . 8.18 1.66 13.14
HNE DA2 B . 7.34 -0.50 11.43
HNH2 DA2 B . 8.00 2.98 11.48
HH1 DA2 B . 7.03 3.18 10.08
N ASN A 1 -4.76 9.29 -1.59
CA ASN A 1 -5.82 10.18 -1.09
C ASN A 1 -6.06 11.29 -2.06
N THR A 2 -7.16 12.01 -1.89
CA THR A 2 -7.51 13.17 -2.72
C THR A 2 -7.79 12.75 -4.18
N ALA A 3 -8.99 12.15 -4.40
CA ALA A 3 -9.51 11.75 -5.73
C ALA A 3 -8.63 10.68 -6.39
N ALA A 4 -7.83 10.04 -5.60
CA ALA A 4 -6.89 9.06 -6.09
C ALA A 4 -7.33 7.65 -5.76
N SER A 5 -8.61 7.50 -5.55
CA SER A 5 -9.22 6.23 -5.19
C SER A 5 -9.46 5.33 -6.44
N LEU A 6 -8.68 5.58 -7.46
CA LEU A 6 -8.77 4.92 -8.75
C LEU A 6 -7.53 4.07 -9.02
N GLN A 7 -6.77 3.82 -7.99
CA GLN A 7 -5.51 3.11 -8.11
C GLN A 7 -5.67 1.63 -8.41
N GLN A 8 -4.87 1.14 -9.34
CA GLN A 8 -4.81 -0.26 -9.68
C GLN A 8 -3.36 -0.71 -9.46
N TRP A 9 -3.18 -1.85 -8.85
CA TRP A 9 -1.86 -2.29 -8.45
C TRP A 9 -1.62 -3.73 -8.81
N LYS A 10 -0.37 -4.12 -8.78
CA LYS A 10 0.04 -5.49 -9.03
C LYS A 10 0.89 -5.95 -7.84
N VAL A 11 0.98 -7.22 -7.64
CA VAL A 11 1.84 -7.79 -6.61
C VAL A 11 3.29 -7.48 -6.96
N GLY A 12 4.05 -6.99 -6.01
CA GLY A 12 5.42 -6.62 -6.28
C GLY A 12 5.54 -5.19 -6.77
N ASP A 13 4.51 -4.40 -6.53
CA ASP A 13 4.52 -3.00 -6.91
C ASP A 13 4.83 -2.24 -5.67
N LYS A 14 5.73 -1.31 -5.74
CA LYS A 14 5.99 -0.47 -4.62
C LYS A 14 4.98 0.61 -4.50
N CYS A 15 4.72 0.99 -3.31
CA CYS A 15 3.75 2.00 -3.01
C CYS A 15 4.09 2.62 -1.68
N SER A 16 3.21 3.39 -1.17
CA SER A 16 3.33 3.93 0.13
C SER A 16 2.00 3.67 0.80
N ALA A 17 2.04 3.42 2.05
CA ALA A 17 0.87 3.04 2.78
C ALA A 17 0.82 3.80 4.08
N ILE A 18 -0.36 3.86 4.66
CA ILE A 18 -0.55 4.51 5.93
C ILE A 18 -0.40 3.49 7.01
N TRP A 19 0.59 3.67 7.83
CA TRP A 19 0.82 2.77 8.91
C TRP A 19 -0.30 2.90 9.89
N SER A 20 -0.96 1.83 10.17
CA SER A 20 -2.07 1.81 11.09
C SER A 20 -1.70 2.26 12.49
N GLU A 21 -0.46 2.14 12.82
CA GLU A 21 -0.03 2.45 14.15
C GLU A 21 0.25 3.92 14.33
N ASP A 22 0.90 4.54 13.36
CA ASP A 22 1.26 5.94 13.55
C ASP A 22 0.42 6.83 12.68
N GLY A 23 -0.19 6.21 11.67
CA GLY A 23 -1.06 6.93 10.75
C GLY A 23 -0.28 7.67 9.68
N CYS A 24 1.01 7.46 9.64
CA CYS A 24 1.85 8.14 8.69
C CYS A 24 2.10 7.33 7.43
N ILE A 25 2.54 8.02 6.38
CA ILE A 25 2.92 7.41 5.12
C ILE A 25 4.28 6.78 5.24
N TYR A 26 4.38 5.55 4.88
CA TYR A 26 5.62 4.83 4.83
C TYR A 26 5.71 4.04 3.55
N PRO A 27 6.93 3.85 3.03
CA PRO A 27 7.13 3.08 1.80
C PRO A 27 6.92 1.58 2.04
N ALA A 28 6.13 0.98 1.20
CA ALA A 28 5.82 -0.41 1.33
C ALA A 28 5.60 -1.02 -0.02
N THR A 29 5.88 -2.26 -0.15
CA THR A 29 5.69 -2.92 -1.40
C THR A 29 4.54 -3.92 -1.25
N ILE A 30 3.81 -4.12 -2.30
CA ILE A 30 2.67 -5.00 -2.27
C ILE A 30 3.09 -6.45 -2.31
N ALA A 31 2.72 -7.18 -1.29
CA ALA A 31 3.06 -8.57 -1.16
C ALA A 31 1.97 -9.44 -1.75
N SER A 32 0.73 -8.98 -1.66
CA SER A 32 -0.42 -9.72 -2.19
C SER A 32 -1.60 -8.77 -2.32
N ILE A 33 -2.49 -9.04 -3.25
CA ILE A 33 -3.66 -8.23 -3.46
C ILE A 33 -4.92 -9.08 -3.45
N ASP A 34 -5.93 -8.61 -2.78
CA ASP A 34 -7.22 -9.24 -2.78
C ASP A 34 -8.15 -8.29 -3.50
N PHE A 35 -8.38 -8.54 -4.76
CA PHE A 35 -9.19 -7.66 -5.60
C PHE A 35 -10.64 -7.66 -5.17
N LYS A 36 -11.05 -8.73 -4.51
CA LYS A 36 -12.42 -8.88 -4.06
C LYS A 36 -12.68 -7.97 -2.87
N ARG A 37 -11.69 -7.80 -2.02
CA ARG A 37 -11.83 -6.89 -0.87
C ARG A 37 -11.36 -5.51 -1.27
N GLU A 38 -10.75 -5.44 -2.46
CA GLU A 38 -10.08 -4.24 -2.98
C GLU A 38 -8.95 -3.85 -2.01
N THR A 39 -8.39 -4.83 -1.35
CA THR A 39 -7.35 -4.59 -0.41
C THR A 39 -6.11 -5.37 -0.80
N CYS A 40 -5.01 -4.99 -0.27
CA CYS A 40 -3.76 -5.64 -0.54
C CYS A 40 -2.88 -5.55 0.66
N VAL A 41 -1.99 -6.48 0.77
CA VAL A 41 -1.06 -6.52 1.86
C VAL A 41 0.23 -5.91 1.41
N VAL A 42 0.75 -5.00 2.19
CA VAL A 42 1.96 -4.33 1.85
C VAL A 42 2.99 -4.61 2.93
N VAL A 43 4.21 -4.71 2.52
CA VAL A 43 5.30 -4.90 3.43
C VAL A 43 6.10 -3.63 3.45
N TYR A 44 6.17 -3.03 4.61
CA TYR A 44 6.89 -1.81 4.79
C TYR A 44 8.38 -2.02 4.69
N THR A 45 8.95 -1.36 3.73
CA THR A 45 10.34 -1.48 3.40
C THR A 45 11.23 -1.05 4.57
N GLY A 46 12.20 -1.88 4.89
CA GLY A 46 13.13 -1.59 5.94
C GLY A 46 12.65 -2.08 7.28
N TYR A 47 11.36 -2.25 7.41
CA TYR A 47 10.79 -2.67 8.67
C TYR A 47 10.45 -4.13 8.66
N GLY A 48 9.81 -4.56 7.60
CA GLY A 48 9.44 -5.95 7.48
C GLY A 48 8.04 -6.19 7.96
N ASN A 49 7.34 -5.13 8.28
CA ASN A 49 5.95 -5.24 8.72
C ASN A 49 5.06 -5.40 7.54
N ARG A 50 3.96 -6.05 7.74
CA ARG A 50 3.02 -6.24 6.69
C ARG A 50 1.63 -5.99 7.21
N GLU A 51 0.85 -5.31 6.43
CA GLU A 51 -0.51 -5.01 6.80
C GLU A 51 -1.33 -4.82 5.56
N GLU A 52 -2.61 -4.97 5.69
CA GLU A 52 -3.51 -4.89 4.60
C GLU A 52 -4.08 -3.47 4.48
N GLN A 53 -4.03 -2.97 3.29
CA GLN A 53 -4.48 -1.64 2.90
C GLN A 53 -5.43 -1.78 1.76
N ASN A 54 -6.15 -0.74 1.47
CA ASN A 54 -7.05 -0.76 0.32
C ASN A 54 -6.27 -0.34 -0.89
N LEU A 55 -6.57 -0.89 -2.04
CA LEU A 55 -5.90 -0.55 -3.30
C LEU A 55 -6.05 0.94 -3.59
N SER A 56 -7.22 1.45 -3.28
CA SER A 56 -7.55 2.79 -3.48
C SER A 56 -6.89 3.71 -2.45
N ASP A 57 -6.54 3.13 -1.33
CA ASP A 57 -5.91 3.87 -0.23
C ASP A 57 -4.41 3.90 -0.34
N LEU A 58 -3.87 3.09 -1.21
CA LEU A 58 -2.44 3.08 -1.46
C LEU A 58 -2.00 4.35 -2.14
N LEU A 59 -0.83 4.78 -1.84
CA LEU A 59 -0.29 5.96 -2.41
C LEU A 59 0.90 5.63 -3.26
N SER A 60 1.28 6.58 -4.08
CA SER A 60 2.40 6.45 -4.95
C SER A 60 3.70 6.31 -4.10
N PRO A 61 4.62 5.43 -4.51
CA PRO A 61 5.87 5.18 -3.79
C PRO A 61 6.84 6.34 -3.89
N ILE A 62 7.91 6.24 -3.16
CA ILE A 62 8.92 7.25 -3.18
C ILE A 62 10.07 6.81 -4.06
N CYS A 63 10.82 7.76 -4.54
CA CYS A 63 11.98 7.50 -5.34
C CYS A 63 13.08 6.97 -4.44
N GLU A 64 13.70 5.91 -4.84
CA GLU A 64 14.76 5.31 -4.07
C GLU A 64 16.07 5.58 -4.75
C1 DA2 B . 5.69 1.63 8.74
C2 DA2 B . 5.88 -0.68 9.62
N DA2 B . 8.35 -4.21 13.76
CA DA2 B . 8.21 -2.91 14.38
CB DA2 B . 8.38 -1.81 13.35
CG DA2 B . 7.93 -0.44 13.83
CD DA2 B . 8.11 0.60 12.77
NE DA2 B . 7.31 0.29 11.61
CZ DA2 B . 6.90 1.15 10.74
NH2 DA2 B . 7.17 2.43 10.84
NH1 DA2 B . 6.19 0.73 9.74
C DA2 B . 6.84 -2.82 15.00
O DA2 B . 6.75 -2.63 16.22
OXT DA2 B . 5.85 -2.99 14.28
H2 DA2 B . 9.26 -4.33 13.29
HC11 DA2 B . 6.50 2.22 8.35
H3 DA2 B . 7.58 -4.34 13.06
HC12 DA2 B . 5.22 1.07 7.94
HC13 DA2 B . 4.95 2.28 9.19
HC21 DA2 B . 6.81 -1.23 9.50
HC22 DA2 B . 5.38 -1.02 10.51
HC23 DA2 B . 5.25 -0.86 8.77
H DA2 B . 8.21 -4.94 14.49
HA DA2 B . 8.95 -2.81 15.15
HCB1 DA2 B . 7.82 -2.07 12.46
HCB2 DA2 B . 9.43 -1.74 13.09
HCG1 DA2 B . 8.46 -0.16 14.72
HCG2 DA2 B . 6.86 -0.50 14.01
HCD1 DA2 B . 9.15 0.63 12.47
HCD2 DA2 B . 7.79 1.54 13.16
HNE DA2 B . 7.06 -0.64 11.47
HNH2 DA2 B . 7.71 2.83 11.58
HH1 DA2 B . 6.79 3.04 10.13
N ASN A 1 -12.13 16.67 -3.14
CA ASN A 1 -12.26 16.33 -4.55
C ASN A 1 -11.60 15.01 -4.82
N THR A 2 -12.34 14.06 -5.33
CA THR A 2 -11.82 12.76 -5.64
C THR A 2 -11.08 12.83 -6.99
N ALA A 3 -9.78 12.66 -6.94
CA ALA A 3 -8.96 12.65 -8.13
C ALA A 3 -9.30 11.44 -8.99
N ALA A 4 -9.12 10.28 -8.41
CA ALA A 4 -9.40 9.02 -9.04
C ALA A 4 -9.53 8.00 -7.95
N SER A 5 -10.36 7.02 -8.14
CA SER A 5 -10.52 5.97 -7.18
C SER A 5 -10.42 4.61 -7.86
N LEU A 6 -9.78 4.60 -9.00
CA LEU A 6 -9.62 3.41 -9.81
C LEU A 6 -8.17 2.96 -9.85
N GLN A 7 -7.49 3.11 -8.72
CA GLN A 7 -6.11 2.70 -8.59
C GLN A 7 -6.00 1.20 -8.80
N GLN A 8 -5.06 0.80 -9.60
CA GLN A 8 -4.86 -0.58 -9.86
C GLN A 8 -3.42 -0.93 -9.61
N TRP A 9 -3.21 -1.97 -8.88
CA TRP A 9 -1.90 -2.36 -8.46
C TRP A 9 -1.67 -3.81 -8.77
N LYS A 10 -0.44 -4.23 -8.74
CA LYS A 10 -0.09 -5.61 -8.94
C LYS A 10 0.85 -6.03 -7.82
N VAL A 11 0.94 -7.32 -7.58
CA VAL A 11 1.85 -7.83 -6.58
C VAL A 11 3.28 -7.50 -7.01
N GLY A 12 4.03 -6.89 -6.12
CA GLY A 12 5.37 -6.49 -6.46
C GLY A 12 5.45 -5.04 -6.85
N ASP A 13 4.40 -4.29 -6.61
CA ASP A 13 4.42 -2.86 -6.87
C ASP A 13 4.82 -2.17 -5.62
N LYS A 14 5.69 -1.23 -5.77
CA LYS A 14 6.06 -0.41 -4.68
C LYS A 14 5.06 0.65 -4.52
N CYS A 15 4.85 1.02 -3.31
CA CYS A 15 3.86 1.99 -3.00
C CYS A 15 4.15 2.59 -1.63
N SER A 16 3.26 3.38 -1.17
CA SER A 16 3.34 3.92 0.13
C SER A 16 2.03 3.66 0.78
N ALA A 17 2.06 3.39 2.03
CA ALA A 17 0.90 3.00 2.76
C ALA A 17 0.82 3.73 4.07
N ILE A 18 -0.35 3.77 4.63
CA ILE A 18 -0.58 4.40 5.90
C ILE A 18 -0.42 3.36 6.99
N TRP A 19 0.55 3.56 7.84
CA TRP A 19 0.81 2.66 8.93
C TRP A 19 -0.33 2.75 9.89
N SER A 20 -1.00 1.67 10.16
CA SER A 20 -2.18 1.68 11.04
C SER A 20 -1.81 2.07 12.48
N GLU A 21 -0.53 2.00 12.81
CA GLU A 21 -0.08 2.28 14.15
C GLU A 21 0.09 3.77 14.35
N ASP A 22 0.68 4.44 13.38
CA ASP A 22 0.96 5.86 13.56
C ASP A 22 0.11 6.71 12.64
N GLY A 23 -0.42 6.07 11.63
CA GLY A 23 -1.31 6.73 10.68
C GLY A 23 -0.55 7.47 9.60
N CYS A 24 0.75 7.37 9.61
CA CYS A 24 1.58 8.08 8.67
C CYS A 24 1.92 7.28 7.42
N ILE A 25 2.36 7.98 6.38
CA ILE A 25 2.80 7.38 5.11
C ILE A 25 4.19 6.78 5.27
N TYR A 26 4.34 5.55 4.85
CA TYR A 26 5.61 4.85 4.86
C TYR A 26 5.77 4.03 3.60
N PRO A 27 7.02 3.80 3.14
CA PRO A 27 7.31 3.01 1.93
C PRO A 27 7.00 1.53 2.13
N ALA A 28 6.24 0.96 1.23
CA ALA A 28 5.88 -0.42 1.34
C ALA A 28 5.69 -1.04 -0.01
N THR A 29 5.96 -2.30 -0.12
CA THR A 29 5.76 -2.97 -1.36
C THR A 29 4.63 -3.97 -1.20
N ILE A 30 3.88 -4.18 -2.24
CA ILE A 30 2.72 -5.04 -2.21
C ILE A 30 3.13 -6.50 -2.27
N ALA A 31 2.74 -7.24 -1.26
CA ALA A 31 3.06 -8.64 -1.17
C ALA A 31 1.95 -9.49 -1.77
N SER A 32 0.71 -9.05 -1.59
CA SER A 32 -0.45 -9.79 -2.13
C SER A 32 -1.63 -8.85 -2.24
N ILE A 33 -2.52 -9.08 -3.19
CA ILE A 33 -3.70 -8.26 -3.38
C ILE A 33 -4.95 -9.11 -3.37
N ASP A 34 -5.98 -8.62 -2.72
CA ASP A 34 -7.29 -9.22 -2.76
C ASP A 34 -8.20 -8.27 -3.48
N PHE A 35 -8.42 -8.52 -4.75
CA PHE A 35 -9.22 -7.64 -5.58
C PHE A 35 -10.66 -7.60 -5.13
N LYS A 36 -11.12 -8.67 -4.48
CA LYS A 36 -12.48 -8.75 -4.01
C LYS A 36 -12.70 -7.85 -2.80
N ARG A 37 -11.72 -7.77 -1.91
CA ARG A 37 -11.84 -6.89 -0.75
C ARG A 37 -11.39 -5.48 -1.13
N GLU A 38 -10.81 -5.36 -2.33
CA GLU A 38 -10.19 -4.13 -2.85
C GLU A 38 -8.98 -3.76 -1.95
N THR A 39 -8.41 -4.74 -1.30
CA THR A 39 -7.33 -4.50 -0.39
C THR A 39 -6.11 -5.33 -0.77
N CYS A 40 -4.99 -4.97 -0.23
CA CYS A 40 -3.77 -5.66 -0.47
C CYS A 40 -2.87 -5.58 0.73
N VAL A 41 -2.01 -6.53 0.90
CA VAL A 41 -1.08 -6.55 2.00
C VAL A 41 0.22 -5.98 1.52
N VAL A 42 0.74 -5.05 2.26
CA VAL A 42 1.96 -4.41 1.91
C VAL A 42 2.98 -4.68 2.98
N VAL A 43 4.20 -4.76 2.57
CA VAL A 43 5.29 -4.95 3.47
C VAL A 43 6.09 -3.69 3.49
N TYR A 44 6.17 -3.09 4.64
CA TYR A 44 6.89 -1.86 4.80
C TYR A 44 8.36 -2.08 4.65
N THR A 45 8.91 -1.46 3.65
CA THR A 45 10.26 -1.60 3.28
C THR A 45 11.18 -1.06 4.37
N GLY A 46 12.17 -1.84 4.72
CA GLY A 46 13.14 -1.44 5.69
C GLY A 46 12.72 -1.86 7.09
N TYR A 47 11.44 -2.12 7.27
CA TYR A 47 10.94 -2.53 8.55
C TYR A 47 10.63 -4.01 8.55
N GLY A 48 9.95 -4.47 7.54
CA GLY A 48 9.60 -5.86 7.45
C GLY A 48 8.24 -6.14 8.05
N ASN A 49 7.45 -5.10 8.20
CA ASN A 49 6.09 -5.23 8.72
C ASN A 49 5.14 -5.43 7.59
N ARG A 50 4.01 -6.03 7.85
CA ARG A 50 3.02 -6.25 6.82
C ARG A 50 1.64 -5.89 7.34
N GLU A 51 0.88 -5.21 6.53
CA GLU A 51 -0.47 -4.87 6.88
C GLU A 51 -1.28 -4.69 5.62
N GLU A 52 -2.56 -4.81 5.74
CA GLU A 52 -3.44 -4.72 4.61
C GLU A 52 -4.00 -3.30 4.44
N GLN A 53 -3.93 -2.83 3.23
CA GLN A 53 -4.36 -1.52 2.80
C GLN A 53 -5.32 -1.66 1.68
N ASN A 54 -6.02 -0.61 1.41
CA ASN A 54 -6.96 -0.60 0.30
C ASN A 54 -6.21 -0.20 -0.94
N LEU A 55 -6.56 -0.78 -2.07
CA LEU A 55 -5.91 -0.46 -3.35
C LEU A 55 -6.05 1.02 -3.68
N SER A 56 -7.18 1.57 -3.31
CA SER A 56 -7.50 2.93 -3.53
C SER A 56 -6.74 3.84 -2.54
N ASP A 57 -6.37 3.27 -1.42
CA ASP A 57 -5.68 3.99 -0.35
C ASP A 57 -4.18 3.95 -0.49
N LEU A 58 -3.70 3.12 -1.36
CA LEU A 58 -2.29 3.06 -1.65
C LEU A 58 -1.85 4.31 -2.37
N LEU A 59 -0.69 4.77 -2.04
CA LEU A 59 -0.14 5.93 -2.68
C LEU A 59 1.06 5.51 -3.48
N SER A 60 1.49 6.37 -4.37
CA SER A 60 2.66 6.12 -5.18
C SER A 60 3.88 6.04 -4.23
N PRO A 61 4.85 5.16 -4.53
CA PRO A 61 6.01 4.90 -3.66
C PRO A 61 6.84 6.14 -3.36
N ILE A 62 7.60 6.04 -2.33
CA ILE A 62 8.40 7.13 -1.83
C ILE A 62 9.82 6.66 -1.54
N CYS A 63 10.60 7.54 -0.93
CA CYS A 63 11.97 7.26 -0.57
C CYS A 63 12.07 6.04 0.33
N GLU A 64 13.06 5.23 0.08
CA GLU A 64 13.23 3.99 0.80
C GLU A 64 14.45 4.09 1.70
C1 DA2 B . 5.71 1.67 8.70
C2 DA2 B . 6.05 -0.61 9.61
N DA2 B . 8.68 -4.05 13.65
CA DA2 B . 8.48 -2.76 14.29
CB DA2 B . 8.60 -1.63 13.25
CG DA2 B . 8.14 -0.27 13.75
CD DA2 B . 8.29 0.79 12.68
NE DA2 B . 7.48 0.47 11.54
CZ DA2 B . 7.00 1.31 10.67
NH2 DA2 B . 7.20 2.60 10.75
NH1 DA2 B . 6.28 0.82 9.69
C DA2 B . 7.11 -2.74 14.93
O DA2 B . 7.01 -2.56 16.16
OXT DA2 B . 6.13 -2.94 14.21
H2 DA2 B . 7.92 -4.21 12.93
HC11 DA2 B . 4.80 2.11 9.09
H3 DA2 B . 8.58 -4.82 14.34
HC12 DA2 B . 6.40 2.46 8.44
HC13 DA2 B . 5.47 1.10 7.81
HC21 DA2 B . 6.98 -1.11 9.39
HC22 DA2 B . 5.66 -0.97 10.55
HC23 DA2 B . 5.34 -0.81 8.83
H DA2 B . 9.59 -4.13 13.18
HA DA2 B . 9.23 -2.63 15.05
HCB1 DA2 B . 8.01 -1.90 12.39
HCB2 DA2 B . 9.64 -1.54 12.96
HCG1 DA2 B . 8.69 0.01 14.63
HCG2 DA2 B . 7.08 -0.34 13.99
HCD1 DA2 B . 9.32 0.82 12.37
HCD2 DA2 B . 7.98 1.74 13.07
HNE DA2 B . 7.27 -0.47 11.40
HNH2 DA2 B . 7.73 3.04 11.48
HH1 DA2 B . 6.79 3.18 10.04
N ASN A 1 -9.84 8.98 -0.19
CA ASN A 1 -9.44 7.71 -0.80
C ASN A 1 -10.36 7.34 -1.95
N THR A 2 -11.66 7.54 -1.81
CA THR A 2 -12.59 7.21 -2.84
C THR A 2 -12.68 8.34 -3.87
N ALA A 3 -11.72 8.32 -4.76
CA ALA A 3 -11.51 9.28 -5.83
C ALA A 3 -10.26 8.85 -6.53
N ALA A 4 -9.30 8.42 -5.73
CA ALA A 4 -8.04 7.89 -6.21
C ALA A 4 -8.15 6.36 -6.28
N SER A 5 -9.35 5.91 -6.49
CA SER A 5 -9.65 4.51 -6.54
C SER A 5 -9.36 3.96 -7.94
N LEU A 6 -8.85 4.84 -8.79
CA LEU A 6 -8.54 4.54 -10.19
C LEU A 6 -7.19 3.87 -10.33
N GLN A 7 -6.58 3.59 -9.22
CA GLN A 7 -5.29 2.97 -9.20
C GLN A 7 -5.44 1.48 -9.33
N GLN A 8 -4.55 0.87 -10.05
CA GLN A 8 -4.56 -0.55 -10.23
C GLN A 8 -3.16 -1.05 -9.99
N TRP A 9 -3.05 -1.93 -9.05
CA TRP A 9 -1.76 -2.39 -8.58
C TRP A 9 -1.59 -3.85 -8.86
N LYS A 10 -0.35 -4.30 -8.84
CA LYS A 10 -0.07 -5.72 -8.95
C LYS A 10 0.79 -6.12 -7.76
N VAL A 11 0.88 -7.38 -7.49
CA VAL A 11 1.74 -7.88 -6.44
C VAL A 11 3.19 -7.57 -6.80
N GLY A 12 3.90 -6.94 -5.90
CA GLY A 12 5.28 -6.60 -6.16
C GLY A 12 5.46 -5.15 -6.56
N ASP A 13 4.41 -4.37 -6.47
CA ASP A 13 4.50 -2.95 -6.81
C ASP A 13 4.83 -2.17 -5.59
N LYS A 14 5.74 -1.26 -5.73
CA LYS A 14 6.05 -0.35 -4.68
C LYS A 14 4.98 0.67 -4.55
N CYS A 15 4.76 1.08 -3.35
CA CYS A 15 3.77 2.06 -3.05
C CYS A 15 4.09 2.68 -1.70
N SER A 16 3.20 3.46 -1.21
CA SER A 16 3.32 4.01 0.08
C SER A 16 2.02 3.75 0.77
N ALA A 17 2.09 3.45 2.02
CA ALA A 17 0.93 3.07 2.76
C ALA A 17 0.89 3.79 4.07
N ILE A 18 -0.29 3.83 4.66
CA ILE A 18 -0.46 4.45 5.95
C ILE A 18 -0.31 3.40 7.01
N TRP A 19 0.69 3.54 7.84
CA TRP A 19 0.93 2.63 8.93
C TRP A 19 -0.22 2.76 9.88
N SER A 20 -0.95 1.71 10.11
CA SER A 20 -2.13 1.80 10.95
C SER A 20 -1.77 2.11 12.41
N GLU A 21 -0.51 1.96 12.77
CA GLU A 21 -0.12 2.19 14.13
C GLU A 21 0.13 3.66 14.36
N ASP A 22 0.80 4.31 13.42
CA ASP A 22 1.18 5.71 13.62
C ASP A 22 0.37 6.62 12.73
N GLY A 23 -0.22 6.05 11.70
CA GLY A 23 -1.06 6.80 10.78
C GLY A 23 -0.27 7.57 9.74
N CYS A 24 1.02 7.35 9.71
CA CYS A 24 1.88 8.05 8.77
C CYS A 24 2.11 7.27 7.48
N ILE A 25 2.57 7.98 6.45
CA ILE A 25 2.94 7.39 5.17
C ILE A 25 4.31 6.77 5.28
N TYR A 26 4.42 5.56 4.86
CA TYR A 26 5.68 4.85 4.84
C TYR A 26 5.81 4.06 3.56
N PRO A 27 7.04 3.84 3.07
CA PRO A 27 7.29 3.07 1.85
C PRO A 27 6.99 1.59 2.07
N ALA A 28 6.20 1.03 1.21
CA ALA A 28 5.83 -0.34 1.34
C ALA A 28 5.61 -0.95 -0.01
N THR A 29 5.90 -2.19 -0.13
CA THR A 29 5.71 -2.85 -1.37
C THR A 29 4.60 -3.87 -1.19
N ILE A 30 3.85 -4.09 -2.22
CA ILE A 30 2.72 -4.99 -2.16
C ILE A 30 3.17 -6.43 -2.17
N ALA A 31 2.73 -7.18 -1.21
CA ALA A 31 3.08 -8.58 -1.10
C ALA A 31 1.95 -9.46 -1.61
N SER A 32 0.72 -8.98 -1.49
CA SER A 32 -0.46 -9.74 -1.94
C SER A 32 -1.61 -8.76 -2.14
N ILE A 33 -2.49 -9.04 -3.08
CA ILE A 33 -3.67 -8.24 -3.31
C ILE A 33 -4.90 -9.12 -3.31
N ASP A 34 -5.92 -8.69 -2.65
CA ASP A 34 -7.21 -9.35 -2.68
C ASP A 34 -8.11 -8.42 -3.40
N PHE A 35 -8.27 -8.65 -4.67
CA PHE A 35 -8.99 -7.75 -5.52
C PHE A 35 -10.47 -7.72 -5.16
N LYS A 36 -10.96 -8.78 -4.55
CA LYS A 36 -12.36 -8.83 -4.20
C LYS A 36 -12.65 -7.94 -3.00
N ARG A 37 -11.70 -7.83 -2.08
CA ARG A 37 -11.86 -6.92 -0.95
C ARG A 37 -11.41 -5.52 -1.33
N GLU A 38 -10.80 -5.44 -2.52
CA GLU A 38 -10.16 -4.23 -3.04
C GLU A 38 -9.00 -3.83 -2.09
N THR A 39 -8.40 -4.81 -1.45
CA THR A 39 -7.35 -4.54 -0.52
C THR A 39 -6.11 -5.31 -0.88
N CYS A 40 -5.02 -4.93 -0.30
CA CYS A 40 -3.77 -5.57 -0.51
C CYS A 40 -2.93 -5.49 0.72
N VAL A 41 -2.04 -6.40 0.85
CA VAL A 41 -1.15 -6.44 1.97
C VAL A 41 0.17 -5.88 1.51
N VAL A 42 0.70 -4.95 2.26
CA VAL A 42 1.92 -4.33 1.90
C VAL A 42 2.96 -4.59 2.97
N VAL A 43 4.17 -4.67 2.55
CA VAL A 43 5.27 -4.87 3.43
C VAL A 43 6.08 -3.59 3.45
N TYR A 44 6.18 -3.01 4.61
CA TYR A 44 6.91 -1.78 4.78
C TYR A 44 8.39 -2.02 4.64
N THR A 45 8.96 -1.36 3.68
CA THR A 45 10.34 -1.49 3.36
C THR A 45 11.23 -1.01 4.51
N GLY A 46 12.20 -1.82 4.86
CA GLY A 46 13.14 -1.49 5.91
C GLY A 46 12.67 -2.01 7.25
N TYR A 47 11.39 -2.24 7.34
CA TYR A 47 10.80 -2.71 8.57
C TYR A 47 10.43 -4.17 8.46
N GLY A 48 9.88 -4.56 7.33
CA GLY A 48 9.49 -5.93 7.15
C GLY A 48 8.10 -6.20 7.69
N ASN A 49 7.43 -5.16 8.10
CA ASN A 49 6.06 -5.26 8.62
C ASN A 49 5.12 -5.41 7.48
N ARG A 50 4.00 -6.00 7.73
CA ARG A 50 3.01 -6.20 6.71
C ARG A 50 1.64 -5.86 7.26
N GLU A 51 0.84 -5.19 6.48
CA GLU A 51 -0.52 -4.85 6.87
C GLU A 51 -1.37 -4.66 5.63
N GLU A 52 -2.66 -4.78 5.79
CA GLU A 52 -3.56 -4.69 4.68
C GLU A 52 -4.10 -3.25 4.50
N GLN A 53 -4.07 -2.83 3.28
CA GLN A 53 -4.50 -1.52 2.84
C GLN A 53 -5.45 -1.68 1.69
N ASN A 54 -6.15 -0.66 1.37
CA ASN A 54 -7.07 -0.69 0.24
C ASN A 54 -6.32 -0.25 -0.99
N LEU A 55 -6.65 -0.81 -2.14
CA LEU A 55 -6.00 -0.47 -3.42
C LEU A 55 -6.16 1.01 -3.73
N SER A 56 -7.30 1.54 -3.35
CA SER A 56 -7.64 2.89 -3.55
C SER A 56 -6.92 3.80 -2.54
N ASP A 57 -6.58 3.22 -1.41
CA ASP A 57 -5.95 3.94 -0.30
C ASP A 57 -4.44 3.95 -0.42
N LEU A 58 -3.92 3.12 -1.30
CA LEU A 58 -2.50 3.09 -1.56
C LEU A 58 -2.04 4.36 -2.21
N LEU A 59 -0.87 4.78 -1.90
CA LEU A 59 -0.33 5.94 -2.49
C LEU A 59 0.84 5.54 -3.33
N SER A 60 1.23 6.39 -4.24
CA SER A 60 2.33 6.13 -5.12
C SER A 60 3.62 6.11 -4.27
N PRO A 61 4.61 5.26 -4.62
CA PRO A 61 5.83 5.08 -3.81
C PRO A 61 6.68 6.34 -3.75
N ILE A 62 7.66 6.30 -2.91
CA ILE A 62 8.58 7.40 -2.77
C ILE A 62 9.87 7.02 -3.45
N CYS A 63 10.79 7.93 -3.51
CA CYS A 63 12.05 7.66 -4.16
C CYS A 63 12.99 6.96 -3.19
N GLU A 64 13.77 6.05 -3.72
CA GLU A 64 14.72 5.27 -2.96
C GLU A 64 15.99 5.15 -3.76
C1 DA2 B . 5.77 1.64 8.76
C2 DA2 B . 6.06 -0.66 9.63
N DA2 B . 8.68 -4.17 13.79
CA DA2 B . 8.46 -2.87 14.40
CB DA2 B . 8.64 -1.76 13.37
CG DA2 B . 8.15 -0.39 13.83
CD DA2 B . 8.33 0.65 12.76
NE DA2 B . 7.52 0.34 11.60
CZ DA2 B . 7.04 1.20 10.73
NH2 DA2 B . 7.26 2.48 10.84
NH1 DA2 B . 6.33 0.75 9.74
C DA2 B . 7.06 -2.84 14.96
O DA2 B . 6.89 -2.66 16.18
OXT DA2 B . 6.12 -3.04 14.19
H2 DA2 B . 9.64 -4.25 13.38
HC11 DA2 B . 6.50 2.40 8.50
H3 DA2 B . 7.97 -4.32 13.03
HC12 DA2 B . 5.49 1.08 7.89
HC13 DA2 B . 4.88 2.11 9.17
HC21 DA2 B . 5.36 -0.84 8.82
HC22 DA2 B . 6.98 -1.20 9.44
HC23 DA2 B . 5.63 -1.03 10.55
H DA2 B . 8.55 -4.91 14.50
HA DA2 B . 9.17 -2.73 15.21
HCB1 DA2 B . 8.10 -2.02 12.47
HCB2 DA2 B . 9.69 -1.67 13.13
HCG1 DA2 B . 8.68 -0.09 14.71
HCG2 DA2 B . 7.09 -0.47 14.02
HCD1 DA2 B . 9.37 0.68 12.45
HCD2 DA2 B . 8.02 1.61 13.14
HNE DA2 B . 7.30 -0.60 11.45
HNH2 DA2 B . 7.81 2.87 11.59
HH1 DA2 B . 6.85 3.09 10.17
N ASN A 1 -8.63 15.41 -1.85
CA ASN A 1 -7.30 15.39 -2.43
C ASN A 1 -7.10 14.13 -3.21
N THR A 2 -6.23 14.20 -4.22
CA THR A 2 -5.91 13.09 -5.09
C THR A 2 -7.13 12.56 -5.84
N ALA A 3 -7.36 13.13 -6.99
CA ALA A 3 -8.49 12.78 -7.81
C ALA A 3 -8.20 11.52 -8.63
N ALA A 4 -6.93 11.20 -8.80
CA ALA A 4 -6.50 10.04 -9.57
C ALA A 4 -6.39 8.81 -8.68
N SER A 5 -7.31 8.66 -7.75
CA SER A 5 -7.31 7.56 -6.78
C SER A 5 -7.62 6.20 -7.44
N LEU A 6 -7.90 6.25 -8.73
CA LEU A 6 -8.23 5.10 -9.57
C LEU A 6 -6.97 4.25 -9.92
N GLN A 7 -6.03 4.24 -9.01
CA GLN A 7 -4.79 3.50 -9.17
C GLN A 7 -5.07 2.01 -9.17
N GLN A 8 -4.41 1.32 -10.04
CA GLN A 8 -4.53 -0.11 -10.13
C GLN A 8 -3.15 -0.62 -9.71
N TRP A 9 -3.12 -1.67 -8.95
CA TRP A 9 -1.89 -2.17 -8.41
C TRP A 9 -1.69 -3.63 -8.75
N LYS A 10 -0.45 -4.07 -8.62
CA LYS A 10 -0.09 -5.46 -8.87
C LYS A 10 0.77 -5.95 -7.70
N VAL A 11 0.80 -7.24 -7.50
CA VAL A 11 1.64 -7.83 -6.48
C VAL A 11 3.11 -7.58 -6.83
N GLY A 12 3.86 -7.07 -5.88
CA GLY A 12 5.23 -6.76 -6.13
C GLY A 12 5.42 -5.33 -6.57
N ASP A 13 4.39 -4.53 -6.41
CA ASP A 13 4.45 -3.13 -6.79
C ASP A 13 4.81 -2.34 -5.59
N LYS A 14 5.63 -1.36 -5.74
CA LYS A 14 5.96 -0.51 -4.64
C LYS A 14 4.92 0.56 -4.50
N CYS A 15 4.65 0.92 -3.30
CA CYS A 15 3.67 1.93 -3.01
C CYS A 15 4.01 2.60 -1.69
N SER A 16 3.12 3.38 -1.19
CA SER A 16 3.25 3.96 0.08
C SER A 16 1.95 3.70 0.78
N ALA A 17 2.02 3.41 2.03
CA ALA A 17 0.86 3.03 2.77
C ALA A 17 0.82 3.76 4.09
N ILE A 18 -0.35 3.82 4.68
CA ILE A 18 -0.52 4.47 5.96
C ILE A 18 -0.35 3.45 7.05
N TRP A 19 0.68 3.62 7.87
CA TRP A 19 0.95 2.74 8.97
C TRP A 19 -0.17 2.88 9.96
N SER A 20 -0.85 1.83 10.27
CA SER A 20 -1.98 1.91 11.19
C SER A 20 -1.53 2.36 12.61
N GLU A 21 -0.27 2.18 12.91
CA GLU A 21 0.24 2.46 14.24
C GLU A 21 0.60 3.93 14.44
N ASP A 22 1.07 4.57 13.40
CA ASP A 22 1.45 5.98 13.55
C ASP A 22 0.59 6.84 12.66
N GLY A 23 -0.04 6.20 11.71
CA GLY A 23 -0.95 6.89 10.78
C GLY A 23 -0.22 7.63 9.68
N CYS A 24 1.08 7.45 9.63
CA CYS A 24 1.88 8.14 8.65
C CYS A 24 2.12 7.31 7.40
N ILE A 25 2.55 8.00 6.35
CA ILE A 25 2.92 7.39 5.08
C ILE A 25 4.30 6.79 5.19
N TYR A 26 4.42 5.57 4.78
CA TYR A 26 5.70 4.88 4.72
C TYR A 26 5.79 4.06 3.45
N PRO A 27 7.01 3.85 2.92
CA PRO A 27 7.23 3.05 1.71
C PRO A 27 6.95 1.58 1.97
N ALA A 28 6.14 0.99 1.16
CA ALA A 28 5.79 -0.38 1.32
C ALA A 28 5.56 -1.01 -0.03
N THR A 29 5.84 -2.25 -0.13
CA THR A 29 5.65 -2.92 -1.36
C THR A 29 4.51 -3.92 -1.18
N ILE A 30 3.77 -4.16 -2.23
CA ILE A 30 2.60 -5.01 -2.17
C ILE A 30 3.00 -6.48 -2.21
N ALA A 31 2.63 -7.20 -1.20
CA ALA A 31 2.95 -8.60 -1.09
C ALA A 31 1.83 -9.47 -1.64
N SER A 32 0.61 -9.02 -1.52
CA SER A 32 -0.55 -9.77 -2.01
C SER A 32 -1.71 -8.81 -2.19
N ILE A 33 -2.57 -9.06 -3.17
CA ILE A 33 -3.74 -8.25 -3.40
C ILE A 33 -4.97 -9.13 -3.43
N ASP A 34 -6.02 -8.64 -2.88
CA ASP A 34 -7.31 -9.24 -2.95
C ASP A 34 -8.13 -8.32 -3.80
N PHE A 35 -8.21 -8.61 -5.07
CA PHE A 35 -8.93 -7.75 -6.00
C PHE A 35 -10.42 -7.76 -5.72
N LYS A 36 -10.89 -8.82 -5.10
CA LYS A 36 -12.30 -8.95 -4.78
C LYS A 36 -12.67 -8.03 -3.64
N ARG A 37 -11.78 -7.91 -2.65
CA ARG A 37 -12.04 -7.01 -1.53
C ARG A 37 -11.48 -5.64 -1.79
N GLU A 38 -10.72 -5.53 -2.89
CA GLU A 38 -10.07 -4.30 -3.30
C GLU A 38 -9.01 -3.90 -2.23
N THR A 39 -8.42 -4.91 -1.63
CA THR A 39 -7.43 -4.70 -0.60
C THR A 39 -6.13 -5.39 -0.97
N CYS A 40 -5.08 -5.05 -0.31
CA CYS A 40 -3.80 -5.66 -0.51
C CYS A 40 -3.00 -5.64 0.77
N VAL A 41 -2.06 -6.53 0.89
CA VAL A 41 -1.18 -6.53 2.03
C VAL A 41 0.13 -5.93 1.57
N VAL A 42 0.64 -5.01 2.34
CA VAL A 42 1.84 -4.34 1.99
C VAL A 42 2.90 -4.60 3.04
N VAL A 43 4.12 -4.68 2.59
CA VAL A 43 5.25 -4.87 3.46
C VAL A 43 6.06 -3.60 3.46
N TYR A 44 6.17 -3.00 4.61
CA TYR A 44 6.90 -1.77 4.76
C TYR A 44 8.37 -1.99 4.61
N THR A 45 8.93 -1.34 3.65
CA THR A 45 10.30 -1.48 3.32
C THR A 45 11.18 -0.91 4.43
N GLY A 46 12.16 -1.70 4.84
CA GLY A 46 13.08 -1.30 5.87
C GLY A 46 12.63 -1.73 7.23
N TYR A 47 11.37 -2.10 7.34
CA TYR A 47 10.82 -2.53 8.61
C TYR A 47 10.47 -4.00 8.60
N GLY A 48 10.01 -4.49 7.47
CA GLY A 48 9.65 -5.89 7.37
C GLY A 48 8.23 -6.15 7.88
N ASN A 49 7.54 -5.10 8.25
CA ASN A 49 6.17 -5.21 8.74
C ASN A 49 5.22 -5.39 7.60
N ARG A 50 4.07 -5.95 7.88
CA ARG A 50 3.08 -6.16 6.85
C ARG A 50 1.70 -5.89 7.42
N GLU A 51 0.89 -5.22 6.66
CA GLU A 51 -0.45 -4.90 7.04
C GLU A 51 -1.28 -4.74 5.79
N GLU A 52 -2.55 -4.88 5.92
CA GLU A 52 -3.44 -4.85 4.82
C GLU A 52 -4.03 -3.46 4.63
N GLN A 53 -4.09 -3.04 3.41
CA GLN A 53 -4.58 -1.74 3.00
C GLN A 53 -5.44 -1.87 1.80
N ASN A 54 -6.25 -0.91 1.59
CA ASN A 54 -7.11 -0.88 0.43
C ASN A 54 -6.34 -0.38 -0.76
N LEU A 55 -6.67 -0.86 -1.92
CA LEU A 55 -5.98 -0.49 -3.17
C LEU A 55 -6.09 1.02 -3.43
N SER A 56 -7.22 1.59 -3.09
CA SER A 56 -7.43 3.00 -3.33
C SER A 56 -6.77 3.83 -2.22
N ASP A 57 -6.45 3.17 -1.13
CA ASP A 57 -5.81 3.85 0.02
C ASP A 57 -4.37 4.02 -0.26
N LEU A 58 -3.84 3.07 -0.98
CA LEU A 58 -2.44 3.06 -1.38
C LEU A 58 -2.06 4.31 -2.14
N LEU A 59 -0.89 4.77 -1.87
CA LEU A 59 -0.40 5.93 -2.52
C LEU A 59 0.79 5.54 -3.35
N SER A 60 1.11 6.37 -4.32
CA SER A 60 2.23 6.14 -5.20
C SER A 60 3.53 6.13 -4.37
N PRO A 61 4.50 5.25 -4.69
CA PRO A 61 5.72 5.11 -3.91
C PRO A 61 6.61 6.32 -3.99
N ILE A 62 7.48 6.40 -3.06
CA ILE A 62 8.39 7.51 -2.93
C ILE A 62 9.77 7.09 -3.37
N CYS A 63 10.70 8.01 -3.37
CA CYS A 63 12.06 7.71 -3.77
C CYS A 63 12.78 6.98 -2.64
N GLU A 64 13.59 6.04 -3.02
CA GLU A 64 14.35 5.24 -2.10
C GLU A 64 15.81 5.24 -2.50
C1 DA2 B . 5.77 1.72 8.69
C2 DA2 B . 6.07 -0.55 9.64
N DA2 B . 9.00 -3.92 13.70
CA DA2 B . 8.72 -2.65 14.33
CB DA2 B . 8.75 -1.53 13.29
CG DA2 B . 8.23 -0.19 13.79
CD DA2 B . 8.34 0.86 12.70
NE DA2 B . 7.52 0.53 11.56
CZ DA2 B . 7.04 1.36 10.66
NH2 DA2 B . 7.27 2.65 10.72
NH1 DA2 B . 6.32 0.87 9.69
C DA2 B . 7.36 -2.74 14.98
O DA2 B . 7.23 -2.58 16.20
OXT DA2 B . 6.40 -3.03 14.26
H2 DA2 B . 8.26 -4.14 13.01
HC11 DA2 B . 5.07 1.15 8.07
H3 DA2 B . 8.95 -4.68 14.42
HC12 DA2 B . 5.24 2.54 9.14
HC13 DA2 B . 6.56 2.10 8.06
HC21 DA2 B . 5.46 -0.85 10.47
HC22 DA2 B . 5.57 -0.80 8.71
HC23 DA2 B . 7.01 -1.09 9.68
H DA2 B . 9.93 -3.96 13.24
HA DA2 B . 9.45 -2.47 15.10
HCB1 DA2 B . 8.15 -1.83 12.44
HCB2 DA2 B . 9.77 -1.39 12.97
HCG1 DA2 B . 8.79 0.13 14.65
HCG2 DA2 B . 7.19 -0.30 14.02
HCD1 DA2 B . 9.37 0.92 12.37
HCD2 DA2 B . 8.02 1.82 13.08
HNE DA2 B . 7.29 -0.42 11.44
HNH2 DA2 B . 7.82 3.08 11.44
HH1 DA2 B . 6.87 3.23 10.01
N ASN A 1 -11.15 15.46 -3.98
CA ASN A 1 -11.13 14.29 -3.10
C ASN A 1 -10.61 13.08 -3.85
N THR A 2 -11.39 12.63 -4.82
CA THR A 2 -11.03 11.51 -5.64
C THR A 2 -9.92 11.94 -6.62
N ALA A 3 -8.70 11.56 -6.31
CA ALA A 3 -7.56 11.97 -7.12
C ALA A 3 -6.62 10.80 -7.42
N ALA A 4 -6.52 9.89 -6.49
CA ALA A 4 -5.60 8.78 -6.62
C ALA A 4 -6.32 7.45 -6.45
N SER A 5 -7.60 7.49 -6.70
CA SER A 5 -8.45 6.32 -6.60
C SER A 5 -8.45 5.57 -7.92
N LEU A 6 -7.57 5.97 -8.80
CA LEU A 6 -7.47 5.44 -10.13
C LEU A 6 -6.25 4.56 -10.33
N GLN A 7 -5.58 4.29 -9.25
CA GLN A 7 -4.37 3.52 -9.29
C GLN A 7 -4.68 2.05 -9.18
N GLN A 8 -4.26 1.30 -10.16
CA GLN A 8 -4.45 -0.12 -10.18
C GLN A 8 -3.08 -0.72 -9.94
N TRP A 9 -3.00 -1.63 -9.01
CA TRP A 9 -1.75 -2.16 -8.55
C TRP A 9 -1.64 -3.65 -8.86
N LYS A 10 -0.42 -4.16 -8.82
CA LYS A 10 -0.16 -5.57 -8.98
C LYS A 10 0.75 -6.01 -7.85
N VAL A 11 0.79 -7.30 -7.57
CA VAL A 11 1.67 -7.82 -6.55
C VAL A 11 3.11 -7.57 -6.97
N GLY A 12 3.89 -6.98 -6.11
CA GLY A 12 5.25 -6.65 -6.45
C GLY A 12 5.41 -5.21 -6.87
N ASP A 13 4.39 -4.41 -6.60
CA ASP A 13 4.46 -2.99 -6.89
C ASP A 13 4.81 -2.25 -5.66
N LYS A 14 5.72 -1.32 -5.78
CA LYS A 14 6.05 -0.47 -4.70
C LYS A 14 5.02 0.59 -4.53
N CYS A 15 4.79 0.94 -3.32
CA CYS A 15 3.80 1.94 -2.99
C CYS A 15 4.12 2.56 -1.63
N SER A 16 3.20 3.31 -1.13
CA SER A 16 3.29 3.85 0.18
C SER A 16 1.94 3.60 0.84
N ALA A 17 1.96 3.37 2.10
CA ALA A 17 0.78 3.00 2.81
C ALA A 17 0.73 3.72 4.14
N ILE A 18 -0.45 3.79 4.74
CA ILE A 18 -0.62 4.44 6.02
C ILE A 18 -0.45 3.41 7.12
N TRP A 19 0.54 3.59 7.96
CA TRP A 19 0.81 2.69 9.05
C TRP A 19 -0.31 2.76 10.06
N SER A 20 -0.87 1.63 10.41
CA SER A 20 -1.93 1.56 11.40
C SER A 20 -1.54 2.17 12.74
N GLU A 21 -0.28 2.09 13.05
CA GLU A 21 0.18 2.45 14.35
C GLU A 21 0.47 3.94 14.48
N ASP A 22 1.07 4.52 13.47
CA ASP A 22 1.48 5.92 13.57
C ASP A 22 0.61 6.78 12.69
N GLY A 23 -0.08 6.13 11.75
CA GLY A 23 -0.98 6.83 10.84
C GLY A 23 -0.24 7.54 9.73
N CYS A 24 1.03 7.37 9.68
CA CYS A 24 1.85 8.05 8.71
C CYS A 24 2.09 7.24 7.45
N ILE A 25 2.51 7.94 6.41
CA ILE A 25 2.86 7.34 5.12
C ILE A 25 4.24 6.72 5.21
N TYR A 26 4.32 5.49 4.84
CA TYR A 26 5.58 4.78 4.79
C TYR A 26 5.65 3.97 3.51
N PRO A 27 6.87 3.79 2.96
CA PRO A 27 7.06 3.01 1.75
C PRO A 27 6.83 1.54 2.01
N ALA A 28 6.02 0.94 1.20
CA ALA A 28 5.70 -0.44 1.35
C ALA A 28 5.54 -1.07 0.00
N THR A 29 5.79 -2.31 -0.09
CA THR A 29 5.64 -3.00 -1.33
C THR A 29 4.46 -3.96 -1.19
N ILE A 30 3.76 -4.18 -2.26
CA ILE A 30 2.60 -5.04 -2.24
C ILE A 30 3.00 -6.49 -2.28
N ALA A 31 2.64 -7.21 -1.24
CA ALA A 31 2.99 -8.60 -1.12
C ALA A 31 1.89 -9.48 -1.67
N SER A 32 0.66 -9.02 -1.58
CA SER A 32 -0.50 -9.76 -2.06
C SER A 32 -1.67 -8.82 -2.24
N ILE A 33 -2.49 -9.05 -3.24
CA ILE A 33 -3.67 -8.26 -3.44
C ILE A 33 -4.91 -9.14 -3.45
N ASP A 34 -5.91 -8.71 -2.75
CA ASP A 34 -7.17 -9.37 -2.78
C ASP A 34 -8.11 -8.42 -3.47
N PHE A 35 -8.29 -8.65 -4.74
CA PHE A 35 -9.09 -7.79 -5.58
C PHE A 35 -10.54 -7.83 -5.16
N LYS A 36 -10.94 -8.90 -4.53
CA LYS A 36 -12.28 -9.03 -4.06
C LYS A 36 -12.53 -8.11 -2.89
N ARG A 37 -11.56 -7.99 -1.98
CA ARG A 37 -11.72 -7.05 -0.86
C ARG A 37 -11.33 -5.66 -1.32
N GLU A 38 -10.75 -5.59 -2.53
CA GLU A 38 -10.24 -4.38 -3.16
C GLU A 38 -9.09 -3.83 -2.28
N THR A 39 -8.39 -4.75 -1.60
CA THR A 39 -7.33 -4.41 -0.68
C THR A 39 -6.10 -5.26 -0.97
N CYS A 40 -5.00 -4.92 -0.38
CA CYS A 40 -3.78 -5.63 -0.56
C CYS A 40 -2.93 -5.55 0.68
N VAL A 41 -2.07 -6.51 0.86
CA VAL A 41 -1.18 -6.52 1.97
C VAL A 41 0.13 -5.93 1.53
N VAL A 42 0.62 -5.01 2.28
CA VAL A 42 1.84 -4.34 1.94
C VAL A 42 2.88 -4.58 3.01
N VAL A 43 4.10 -4.68 2.59
CA VAL A 43 5.21 -4.87 3.46
C VAL A 43 6.02 -3.60 3.49
N TYR A 44 6.12 -3.01 4.64
CA TYR A 44 6.85 -1.79 4.81
C TYR A 44 8.33 -1.99 4.66
N THR A 45 8.87 -1.30 3.71
CA THR A 45 10.25 -1.38 3.39
C THR A 45 11.10 -0.82 4.54
N GLY A 46 12.10 -1.57 4.94
CA GLY A 46 13.00 -1.14 5.97
C GLY A 46 12.61 -1.69 7.30
N TYR A 47 11.36 -2.07 7.43
CA TYR A 47 10.84 -2.57 8.68
C TYR A 47 10.50 -4.05 8.59
N GLY A 48 9.88 -4.45 7.49
CA GLY A 48 9.51 -5.84 7.32
C GLY A 48 8.12 -6.14 7.85
N ASN A 49 7.40 -5.11 8.20
CA ASN A 49 6.02 -5.24 8.69
C ASN A 49 5.08 -5.41 7.54
N ARG A 50 3.98 -6.04 7.79
CA ARG A 50 2.98 -6.24 6.77
C ARG A 50 1.58 -6.01 7.32
N GLU A 51 0.79 -5.30 6.56
CA GLU A 51 -0.58 -4.99 6.93
C GLU A 51 -1.36 -4.76 5.65
N GLU A 52 -2.65 -4.89 5.72
CA GLU A 52 -3.50 -4.78 4.57
C GLU A 52 -4.03 -3.35 4.41
N GLN A 53 -3.98 -2.87 3.21
CA GLN A 53 -4.45 -1.56 2.83
C GLN A 53 -5.30 -1.62 1.62
N ASN A 54 -6.09 -0.62 1.42
CA ASN A 54 -6.97 -0.57 0.27
C ASN A 54 -6.18 -0.15 -0.95
N LEU A 55 -6.52 -0.69 -2.09
CA LEU A 55 -5.83 -0.43 -3.37
C LEU A 55 -5.95 1.05 -3.73
N SER A 56 -7.07 1.60 -3.37
CA SER A 56 -7.38 2.96 -3.66
C SER A 56 -6.68 3.88 -2.64
N ASP A 57 -6.31 3.32 -1.50
CA ASP A 57 -5.70 4.09 -0.41
C ASP A 57 -4.26 4.22 -0.65
N LEU A 58 -3.72 3.19 -1.26
CA LEU A 58 -2.30 3.12 -1.59
C LEU A 58 -1.84 4.32 -2.34
N LEU A 59 -0.73 4.81 -1.93
CA LEU A 59 -0.17 5.96 -2.54
C LEU A 59 1.03 5.51 -3.31
N SER A 60 1.46 6.32 -4.22
CA SER A 60 2.58 6.07 -5.00
C SER A 60 3.83 5.98 -4.10
N PRO A 61 4.82 5.14 -4.45
CA PRO A 61 6.00 4.89 -3.61
C PRO A 61 6.91 6.09 -3.49
N ILE A 62 7.91 5.93 -2.66
CA ILE A 62 8.91 6.94 -2.47
C ILE A 62 9.81 7.03 -3.68
N CYS A 63 10.49 8.11 -3.81
CA CYS A 63 11.39 8.33 -4.89
C CYS A 63 12.71 7.68 -4.52
N GLU A 64 13.21 6.85 -5.38
CA GLU A 64 14.45 6.17 -5.13
C GLU A 64 15.49 6.62 -6.14
C1 DA2 B . 5.72 1.66 8.75
C2 DA2 B . 5.98 -0.62 9.70
N DA2 B . 8.72 -4.09 13.65
CA DA2 B . 8.42 -2.85 14.33
CB DA2 B . 8.50 -1.68 13.34
CG DA2 B . 8.03 -0.34 13.88
CD DA2 B . 8.18 0.75 12.83
NE DA2 B . 7.38 0.45 11.66
CZ DA2 B . 6.94 1.29 10.75
NH2 DA2 B . 7.19 2.58 10.83
NH1 DA2 B . 6.25 0.81 9.77
C DA2 B . 7.03 -2.96 14.93
O DA2 B . 6.88 -2.84 16.14
OXT DA2 B . 6.09 -3.22 14.18
H2 DA2 B . 8.00 -4.28 12.92
HC11 DA2 B . 6.53 2.18 8.26
H3 DA2 B . 8.69 -4.88 14.34
HC12 DA2 B . 5.17 1.08 8.02
HC13 DA2 B . 5.05 2.39 9.20
HC21 DA2 B . 5.47 -0.85 8.77
HC22 DA2 B . 6.91 -1.16 9.75
HC23 DA2 B . 5.35 -0.90 10.53
H DA2 B . 9.66 -4.07 13.21
HA DA2 B . 9.13 -2.70 15.13
HCB1 DA2 B . 7.88 -1.92 12.48
HCB2 DA2 B . 9.51 -1.57 13.01
HCG1 DA2 B . 8.60 -0.07 14.75
HCG2 DA2 B . 6.98 -0.41 14.13
HCD1 DA2 B . 9.22 0.81 12.52
HCD2 DA2 B . 7.84 1.70 13.23
HNE DA2 B . 7.13 -0.49 11.51
HNH2 DA2 B . 7.72 3.00 11.58
HH1 DA2 B . 6.81 3.17 10.11
N ASN A 1 -9.33 14.11 -1.94
CA ASN A 1 -8.27 13.11 -2.09
C ASN A 1 -8.62 12.22 -3.27
N THR A 2 -7.78 11.22 -3.54
CA THR A 2 -7.95 10.31 -4.65
C THR A 2 -7.90 11.09 -5.99
N ALA A 3 -6.71 11.44 -6.41
CA ALA A 3 -6.53 12.22 -7.61
C ALA A 3 -6.78 11.38 -8.86
N ALA A 4 -6.28 10.18 -8.85
CA ALA A 4 -6.48 9.28 -9.95
C ALA A 4 -7.08 8.01 -9.41
N SER A 5 -8.29 7.74 -9.75
CA SER A 5 -8.98 6.61 -9.19
C SER A 5 -8.93 5.44 -10.17
N LEU A 6 -8.08 5.55 -11.14
CA LEU A 6 -7.86 4.51 -12.11
C LEU A 6 -6.55 3.75 -11.84
N GLN A 7 -6.03 3.91 -10.62
CA GLN A 7 -4.80 3.26 -10.23
C GLN A 7 -5.02 1.78 -10.06
N GLN A 8 -4.12 1.01 -10.53
CA GLN A 8 -4.22 -0.40 -10.40
C GLN A 8 -2.88 -0.93 -9.99
N TRP A 9 -2.89 -1.83 -9.08
CA TRP A 9 -1.69 -2.34 -8.51
C TRP A 9 -1.55 -3.81 -8.82
N LYS A 10 -0.34 -4.30 -8.78
CA LYS A 10 -0.09 -5.71 -8.95
C LYS A 10 0.81 -6.15 -7.80
N VAL A 11 0.89 -7.43 -7.56
CA VAL A 11 1.77 -7.94 -6.52
C VAL A 11 3.20 -7.63 -6.91
N GLY A 12 3.93 -7.02 -6.01
CA GLY A 12 5.29 -6.65 -6.29
C GLY A 12 5.42 -5.21 -6.73
N ASP A 13 4.40 -4.42 -6.50
CA ASP A 13 4.46 -3.00 -6.81
C ASP A 13 4.78 -2.22 -5.58
N LYS A 14 5.66 -1.27 -5.72
CA LYS A 14 5.96 -0.38 -4.65
C LYS A 14 4.90 0.65 -4.52
N CYS A 15 4.67 1.01 -3.32
CA CYS A 15 3.67 1.98 -2.99
C CYS A 15 4.02 2.62 -1.66
N SER A 16 3.11 3.29 -1.09
CA SER A 16 3.24 3.80 0.21
C SER A 16 1.91 3.60 0.89
N ALA A 17 1.96 3.42 2.16
CA ALA A 17 0.80 3.10 2.91
C ALA A 17 0.81 3.84 4.23
N ILE A 18 -0.34 3.92 4.83
CA ILE A 18 -0.48 4.59 6.12
C ILE A 18 -0.31 3.55 7.20
N TRP A 19 0.66 3.73 8.05
CA TRP A 19 0.92 2.83 9.12
C TRP A 19 -0.20 2.91 10.13
N SER A 20 -0.79 1.81 10.45
CA SER A 20 -1.87 1.76 11.45
C SER A 20 -1.45 2.25 12.82
N GLU A 21 -0.18 2.17 13.09
CA GLU A 21 0.32 2.51 14.40
C GLU A 21 0.57 3.98 14.57
N ASP A 22 1.06 4.64 13.55
CA ASP A 22 1.38 6.06 13.72
C ASP A 22 0.54 6.90 12.81
N GLY A 23 -0.02 6.29 11.80
CA GLY A 23 -0.84 7.02 10.86
C GLY A 23 -0.05 7.73 9.78
N CYS A 24 1.23 7.48 9.73
CA CYS A 24 2.07 8.13 8.76
C CYS A 24 2.26 7.31 7.47
N ILE A 25 2.65 8.00 6.41
CA ILE A 25 2.95 7.40 5.12
C ILE A 25 4.33 6.80 5.15
N TYR A 26 4.43 5.57 4.82
CA TYR A 26 5.69 4.89 4.75
C TYR A 26 5.78 4.07 3.47
N PRO A 27 7.00 3.90 2.94
CA PRO A 27 7.22 3.11 1.73
C PRO A 27 6.95 1.63 1.99
N ALA A 28 6.14 1.04 1.17
CA ALA A 28 5.77 -0.32 1.31
C ALA A 28 5.59 -0.95 -0.03
N THR A 29 5.86 -2.19 -0.12
CA THR A 29 5.67 -2.88 -1.36
C THR A 29 4.54 -3.89 -1.18
N ILE A 30 3.80 -4.12 -2.21
CA ILE A 30 2.66 -5.00 -2.17
C ILE A 30 3.11 -6.44 -2.17
N ALA A 31 2.65 -7.18 -1.20
CA ALA A 31 2.99 -8.57 -1.06
C ALA A 31 1.88 -9.45 -1.63
N SER A 32 0.65 -9.01 -1.52
CA SER A 32 -0.51 -9.76 -2.03
C SER A 32 -1.69 -8.82 -2.18
N ILE A 33 -2.56 -9.09 -3.14
CA ILE A 33 -3.74 -8.30 -3.38
C ILE A 33 -4.96 -9.20 -3.45
N ASP A 34 -6.03 -8.75 -2.88
CA ASP A 34 -7.31 -9.40 -3.03
C ASP A 34 -8.16 -8.45 -3.81
N PHE A 35 -8.27 -8.68 -5.09
CA PHE A 35 -8.97 -7.78 -5.99
C PHE A 35 -10.46 -7.72 -5.69
N LYS A 36 -10.96 -8.76 -5.04
CA LYS A 36 -12.35 -8.85 -4.66
C LYS A 36 -12.66 -7.94 -3.49
N ARG A 37 -11.75 -7.87 -2.53
CA ARG A 37 -11.92 -6.98 -1.37
C ARG A 37 -11.37 -5.61 -1.67
N GLU A 38 -10.69 -5.49 -2.81
CA GLU A 38 -9.99 -4.28 -3.23
C GLU A 38 -8.90 -3.93 -2.18
N THR A 39 -8.38 -4.95 -1.51
CA THR A 39 -7.39 -4.72 -0.50
C THR A 39 -6.13 -5.48 -0.82
N CYS A 40 -5.04 -5.07 -0.25
CA CYS A 40 -3.78 -5.70 -0.46
C CYS A 40 -2.93 -5.59 0.78
N VAL A 41 -2.05 -6.52 0.95
CA VAL A 41 -1.15 -6.52 2.06
C VAL A 41 0.14 -5.90 1.59
N VAL A 42 0.63 -4.96 2.34
CA VAL A 42 1.82 -4.27 1.98
C VAL A 42 2.87 -4.51 3.03
N VAL A 43 4.09 -4.59 2.59
CA VAL A 43 5.19 -4.77 3.47
C VAL A 43 6.00 -3.51 3.47
N TYR A 44 6.10 -2.91 4.62
CA TYR A 44 6.84 -1.69 4.79
C TYR A 44 8.31 -1.94 4.63
N THR A 45 8.86 -1.32 3.63
CA THR A 45 10.22 -1.50 3.27
C THR A 45 11.14 -1.01 4.39
N GLY A 46 12.10 -1.84 4.73
CA GLY A 46 13.05 -1.52 5.75
C GLY A 46 12.63 -2.07 7.08
N TYR A 47 11.34 -2.20 7.26
CA TYR A 47 10.79 -2.67 8.52
C TYR A 47 10.40 -4.13 8.43
N GLY A 48 9.78 -4.50 7.33
CA GLY A 48 9.37 -5.87 7.15
C GLY A 48 7.97 -6.11 7.67
N ASN A 49 7.37 -5.06 8.16
CA ASN A 49 6.01 -5.13 8.67
C ASN A 49 5.04 -5.28 7.56
N ARG A 50 3.97 -5.93 7.82
CA ARG A 50 2.96 -6.14 6.82
C ARG A 50 1.59 -5.84 7.37
N GLU A 51 0.81 -5.16 6.62
CA GLU A 51 -0.53 -4.84 6.99
C GLU A 51 -1.34 -4.65 5.74
N GLU A 52 -2.63 -4.78 5.85
CA GLU A 52 -3.50 -4.73 4.71
C GLU A 52 -4.09 -3.34 4.51
N GLN A 53 -4.06 -2.90 3.30
CA GLN A 53 -4.55 -1.61 2.90
C GLN A 53 -5.38 -1.74 1.68
N ASN A 54 -6.24 -0.79 1.45
CA ASN A 54 -7.09 -0.83 0.27
C ASN A 54 -6.29 -0.39 -0.93
N LEU A 55 -6.58 -0.93 -2.08
CA LEU A 55 -5.91 -0.56 -3.34
C LEU A 55 -6.11 0.94 -3.61
N SER A 56 -7.27 1.43 -3.21
CA SER A 56 -7.63 2.82 -3.36
C SER A 56 -6.92 3.67 -2.30
N ASP A 57 -6.56 3.04 -1.21
CA ASP A 57 -5.90 3.70 -0.08
C ASP A 57 -4.40 3.74 -0.23
N LEU A 58 -3.90 2.98 -1.18
CA LEU A 58 -2.48 2.96 -1.49
C LEU A 58 -2.05 4.24 -2.15
N LEU A 59 -0.88 4.69 -1.81
CA LEU A 59 -0.34 5.86 -2.40
C LEU A 59 0.86 5.52 -3.22
N SER A 60 1.23 6.41 -4.10
CA SER A 60 2.33 6.30 -4.95
C SER A 60 3.63 6.24 -4.13
N PRO A 61 4.60 5.40 -4.54
CA PRO A 61 5.86 5.23 -3.80
C PRO A 61 6.80 6.42 -3.96
N ILE A 62 7.94 6.33 -3.31
CA ILE A 62 8.93 7.37 -3.37
C ILE A 62 10.25 6.79 -3.83
N CYS A 63 11.22 7.63 -4.05
CA CYS A 63 12.50 7.17 -4.45
C CYS A 63 13.27 6.73 -3.23
N GLU A 64 13.83 5.60 -3.35
CA GLU A 64 14.60 5.01 -2.31
C GLU A 64 16.04 5.05 -2.70
C1 DA2 B . 5.79 1.75 8.71
C2 DA2 B . 6.03 -0.53 9.64
N DA2 B . 8.73 -4.07 13.53
CA DA2 B . 8.56 -2.79 14.22
CB DA2 B . 8.69 -1.63 13.23
CG DA2 B . 8.22 -0.29 13.77
CD DA2 B . 8.34 0.79 12.72
NE DA2 B . 7.52 0.50 11.57
CZ DA2 B . 7.06 1.34 10.68
NH2 DA2 B . 7.31 2.63 10.75
NH1 DA2 B . 6.32 0.88 9.72
C DA2 B . 7.20 -2.78 14.87
O DA2 B . 7.11 -2.66 16.10
OXT DA2 B . 6.21 -2.93 14.18
H2 DA2 B . 7.99 -4.16 12.79
HC11 DA2 B . 5.35 2.63 9.19
H3 DA2 B . 8.62 -4.86 14.20
HC12 DA2 B . 6.56 2.05 8.03
HC13 DA2 B . 5.01 1.24 8.16
HC21 DA2 B . 5.44 -0.82 10.50
HC22 DA2 B . 5.48 -0.75 8.74
HC23 DA2 B . 6.96 -1.09 9.64
H DA2 B . 9.67 -4.12 13.08
HA DA2 B . 9.32 -2.71 14.98
HCB1 DA2 B . 8.10 -1.87 12.35
HCB2 DA2 B . 9.72 -1.53 12.95
HCG1 DA2 B . 8.80 -0.02 14.63
HCG2 DA2 B . 7.17 -0.38 14.02
HCD1 DA2 B . 9.37 0.84 12.38
HCD2 DA2 B . 8.04 1.74 13.13
HNE DA2 B . 7.26 -0.45 11.43
HNH2 DA2 B . 7.87 3.04 11.48
HH1 DA2 B . 6.92 3.22 10.04
#